data_6AC3
#
_entry.id   6AC3
#
_cell.length_a   119.100
_cell.length_b   119.100
_cell.length_c   351.402
_cell.angle_alpha   90.00
_cell.angle_beta   90.00
_cell.angle_gamma   120.00
#
_symmetry.space_group_name_H-M   'P 31 2 1'
#
_entity_poly.entity_id   1
_entity_poly.type   'polypeptide(L)'
_entity_poly.pdbx_seq_one_letter_code
;MEEENIVNGDRPRDLVFPGTAGLQLYQSLYKYSYITDGIIDAHTNEVISYAQIFETSCRLAVSLEKYGLDHNNVVAICSE
NNIHFFGPLIAALYQGIPMATSNDMYTEREMIGHLNISKPCLMFCSKKSLPFILKVQKHLDFLKKVIVIDSMYDINGVEC
VFSFVSRYTDHAFDPVKFNPKEFDPLERTALIMTSSGTTGLPKGVVISHRSITIRFVHSSDPIYGTRIAPDTSILAIAPF
HHAFGLFTALAYFPVGLKIVMVKKFEGEFFLKTIQNYKIASIVVPPPIMVYLAKSPLVDEYNLSSLTEIACGGSPLGRDI
ADKVAKRLKVHGILQGYGLTETCSALILSPNDRELKKGAIGTPMPYVQVKVIDINTGKALGPREKGEICFKSQMLMKGYH
NNPQATRDALDKDGWLHTGDLGYYDEDRFIYVVDRLKELIKYKGYQVAPAELENLLLQHPNISDAGVIGIPDEFAGQLPS
ACVVLEPGKTMTEKEVQDYIAELVTTTKHLRGGVVFIDSIPKGPTGKLMRNELRAIFAREQAKSKL
;
_entity_poly.pdbx_strand_id   A,B,C,D
#
# COMPACT_ATOMS: atom_id res chain seq x y z
N ILE A 6 32.83 -4.53 -26.48
CA ILE A 6 31.48 -4.11 -26.81
C ILE A 6 30.57 -4.33 -25.60
N VAL A 7 30.72 -3.54 -24.53
CA VAL A 7 29.94 -3.76 -23.29
C VAL A 7 28.87 -2.67 -23.00
N ASN A 8 28.86 -1.65 -23.85
CA ASN A 8 27.80 -0.65 -23.86
C ASN A 8 27.45 0.02 -22.50
N GLY A 9 27.06 -0.75 -21.49
CA GLY A 9 26.82 -0.12 -20.20
C GLY A 9 25.53 0.65 -20.21
N ASP A 10 24.92 0.82 -19.04
CA ASP A 10 23.53 1.30 -18.96
C ASP A 10 23.02 2.35 -19.96
N ARG A 11 21.76 2.18 -20.35
CA ARG A 11 21.01 3.12 -21.16
C ARG A 11 20.69 4.36 -20.36
N PRO A 12 20.97 5.56 -20.91
CA PRO A 12 20.81 6.77 -20.10
C PRO A 12 19.38 7.03 -19.73
N ARG A 13 19.19 7.51 -18.50
CA ARG A 13 17.85 7.70 -18.00
C ARG A 13 17.49 9.14 -18.31
N ASP A 14 18.52 9.97 -18.34
CA ASP A 14 18.46 11.34 -18.88
C ASP A 14 19.20 11.54 -20.18
N LEU A 15 18.46 11.89 -21.22
CA LEU A 15 19.11 12.18 -22.48
C LEU A 15 20.10 13.32 -22.35
N VAL A 16 21.31 13.13 -22.87
CA VAL A 16 22.34 14.14 -22.75
C VAL A 16 21.94 15.43 -23.40
N PHE A 17 22.14 16.54 -22.71
CA PHE A 17 21.79 17.80 -23.30
C PHE A 17 22.76 18.06 -24.46
N PRO A 18 22.19 18.27 -25.65
CA PRO A 18 22.94 18.43 -26.90
C PRO A 18 23.84 19.65 -26.89
N GLY A 19 23.30 20.81 -26.54
CA GLY A 19 23.99 22.07 -26.69
C GLY A 19 25.24 22.28 -25.86
N THR A 20 25.77 23.49 -25.93
CA THR A 20 26.94 23.89 -25.15
C THR A 20 26.76 23.49 -23.67
N ALA A 21 27.84 23.08 -23.03
CA ALA A 21 27.78 22.70 -21.62
C ALA A 21 27.45 23.93 -20.78
N GLY A 22 28.07 25.03 -21.18
CA GLY A 22 27.69 26.36 -20.77
C GLY A 22 26.20 26.57 -20.76
N LEU A 23 25.57 26.41 -21.90
CA LEU A 23 24.16 26.69 -22.00
C LEU A 23 23.34 25.95 -20.94
N GLN A 24 23.66 24.69 -20.73
CA GLN A 24 22.97 23.89 -19.73
C GLN A 24 23.20 24.48 -18.38
N LEU A 25 24.46 24.68 -18.01
CA LEU A 25 24.74 25.33 -16.74
C LEU A 25 24.03 26.65 -16.54
N TYR A 26 24.04 27.48 -17.58
CA TYR A 26 23.29 28.69 -17.61
C TYR A 26 21.85 28.43 -17.22
N GLN A 27 21.18 27.63 -18.05
CA GLN A 27 19.80 27.25 -17.81
C GLN A 27 19.54 26.74 -16.40
N SER A 28 20.49 25.99 -15.88
CA SER A 28 20.36 25.46 -14.56
C SER A 28 20.28 26.61 -13.61
N LEU A 29 21.30 27.47 -13.64
CA LEU A 29 21.36 28.63 -12.76
C LEU A 29 20.10 29.49 -12.80
N TYR A 30 19.62 29.73 -14.00
CA TYR A 30 18.45 30.55 -14.18
C TYR A 30 17.27 29.87 -13.49
N LYS A 31 17.18 28.56 -13.65
CA LYS A 31 16.06 27.82 -13.08
C LYS A 31 16.10 27.89 -11.56
N TYR A 32 17.19 27.43 -10.99
CA TYR A 32 17.37 27.48 -9.55
C TYR A 32 17.91 28.82 -9.00
N SER A 33 17.56 29.96 -9.61
CA SER A 33 17.90 31.26 -8.98
C SER A 33 17.23 31.46 -7.63
N TYR A 34 16.03 30.92 -7.45
CA TYR A 34 15.32 31.06 -6.17
C TYR A 34 16.14 30.49 -4.99
N ILE A 35 16.98 29.50 -5.23
CA ILE A 35 17.84 28.95 -4.19
C ILE A 35 18.76 30.02 -3.66
N THR A 36 18.75 30.28 -2.36
CA THR A 36 19.54 31.39 -1.83
C THR A 36 20.84 30.98 -1.12
N ASP A 37 20.96 29.71 -0.74
CA ASP A 37 22.17 29.25 -0.06
C ASP A 37 22.98 28.35 -0.96
N GLY A 38 23.22 28.87 -2.17
CA GLY A 38 23.99 28.21 -3.22
C GLY A 38 25.31 27.60 -2.82
N ILE A 39 26.26 28.42 -2.41
CA ILE A 39 27.51 27.89 -1.92
C ILE A 39 27.84 28.57 -0.62
N ILE A 40 28.29 27.81 0.37
CA ILE A 40 28.70 28.40 1.63
C ILE A 40 30.15 28.05 1.90
N ASP A 41 30.94 29.06 2.26
CA ASP A 41 32.33 28.85 2.67
C ASP A 41 32.26 28.42 4.11
N ALA A 42 32.41 27.13 4.35
CA ALA A 42 32.30 26.57 5.69
C ALA A 42 33.13 27.34 6.68
N HIS A 43 34.22 27.93 6.21
CA HIS A 43 35.12 28.68 7.07
C HIS A 43 34.65 30.11 7.33
N THR A 44 34.62 30.94 6.30
CA THR A 44 34.28 32.32 6.57
C THR A 44 32.82 32.45 7.06
N ASN A 45 31.93 31.63 6.49
CA ASN A 45 30.46 31.73 6.61
C ASN A 45 29.89 32.68 5.54
N GLU A 46 30.77 33.12 4.65
CA GLU A 46 30.40 33.81 3.43
C GLU A 46 29.45 32.93 2.65
N VAL A 47 28.52 33.53 1.93
CA VAL A 47 27.57 32.74 1.16
C VAL A 47 27.25 33.39 -0.17
N ILE A 48 27.22 32.60 -1.23
CA ILE A 48 26.72 33.11 -2.50
C ILE A 48 25.39 32.41 -2.85
N SER A 49 24.47 33.13 -3.47
CA SER A 49 23.22 32.52 -3.91
C SER A 49 23.33 32.12 -5.38
N TYR A 50 22.51 31.17 -5.80
CA TYR A 50 22.47 30.75 -7.20
C TYR A 50 22.24 31.91 -8.08
N ALA A 51 21.23 32.71 -7.77
CA ALA A 51 20.92 33.89 -8.57
C ALA A 51 22.10 34.88 -8.70
N GLN A 52 22.92 34.95 -7.67
CA GLN A 52 24.12 35.78 -7.69
C GLN A 52 25.12 35.22 -8.68
N ILE A 53 25.39 33.92 -8.58
CA ILE A 53 26.27 33.23 -9.53
C ILE A 53 25.78 33.37 -10.96
N PHE A 54 24.48 33.28 -11.13
CA PHE A 54 23.83 33.48 -12.39
C PHE A 54 24.18 34.86 -12.92
N GLU A 55 23.95 35.89 -12.13
CA GLU A 55 24.27 37.24 -12.58
C GLU A 55 25.76 37.41 -12.86
N THR A 56 26.59 37.20 -11.84
CA THR A 56 28.03 37.29 -11.96
C THR A 56 28.60 36.52 -13.15
N SER A 57 28.17 35.28 -13.37
CA SER A 57 28.71 34.51 -14.48
C SER A 57 28.30 35.17 -15.78
N CYS A 58 27.05 35.60 -15.89
CA CYS A 58 26.68 36.30 -17.10
C CYS A 58 27.43 37.64 -17.33
N ARG A 59 27.47 38.51 -16.33
CA ARG A 59 28.17 39.79 -16.48
C ARG A 59 29.58 39.56 -16.92
N LEU A 60 30.22 38.57 -16.30
CA LEU A 60 31.59 38.24 -16.60
C LEU A 60 31.72 37.68 -18.00
N ALA A 61 30.67 37.02 -18.47
CA ALA A 61 30.73 36.51 -19.83
C ALA A 61 30.78 37.68 -20.81
N VAL A 62 29.85 38.63 -20.64
CA VAL A 62 29.83 39.77 -21.53
C VAL A 62 31.12 40.58 -21.39
N SER A 63 31.62 40.70 -20.17
CA SER A 63 32.89 41.37 -19.95
C SER A 63 33.99 40.76 -20.78
N LEU A 64 34.25 39.47 -20.60
CA LEU A 64 35.30 38.78 -21.36
C LEU A 64 35.13 38.98 -22.85
N GLU A 65 33.89 38.99 -23.32
CA GLU A 65 33.66 39.11 -24.75
C GLU A 65 34.06 40.48 -25.24
N LYS A 66 33.49 41.50 -24.64
CA LYS A 66 33.80 42.85 -25.04
C LYS A 66 35.27 43.14 -24.80
N TYR A 67 35.88 42.44 -23.85
CA TYR A 67 37.28 42.66 -23.59
C TYR A 67 38.07 42.14 -24.74
N GLY A 68 37.48 41.24 -25.50
CA GLY A 68 38.04 40.86 -26.79
C GLY A 68 38.51 39.41 -26.95
N LEU A 69 38.03 38.51 -26.10
CA LEU A 69 38.48 37.13 -26.12
C LEU A 69 37.52 36.21 -26.82
N ASP A 70 38.08 35.15 -27.40
CA ASP A 70 37.30 34.04 -27.95
C ASP A 70 38.08 32.72 -27.99
N HIS A 71 37.40 31.69 -28.51
CA HIS A 71 37.89 30.32 -28.64
C HIS A 71 39.39 30.17 -28.93
N ASN A 72 39.94 31.15 -29.61
CA ASN A 72 41.33 31.10 -29.95
C ASN A 72 42.21 31.52 -28.78
N ASN A 73 41.61 32.13 -27.77
CA ASN A 73 42.39 32.42 -26.56
C ASN A 73 42.19 31.34 -25.54
N VAL A 74 42.89 31.50 -24.42
CA VAL A 74 42.76 30.60 -23.30
C VAL A 74 42.86 31.43 -22.07
N VAL A 75 41.96 31.18 -21.11
CA VAL A 75 41.96 31.85 -19.83
C VAL A 75 42.44 30.85 -18.79
N ALA A 76 42.78 31.29 -17.60
CA ALA A 76 43.15 30.34 -16.55
C ALA A 76 42.50 30.77 -15.26
N ILE A 77 42.38 29.87 -14.30
CA ILE A 77 42.06 30.34 -12.98
C ILE A 77 42.90 29.59 -11.96
N CYS A 78 43.49 30.35 -11.08
CA CYS A 78 44.30 29.75 -10.04
C CYS A 78 43.76 30.15 -8.70
N SER A 79 43.02 29.27 -8.06
CA SER A 79 42.49 29.62 -6.76
C SER A 79 42.32 28.39 -5.94
N GLU A 80 42.49 28.56 -4.63
CA GLU A 80 42.12 27.52 -3.66
C GLU A 80 40.61 27.37 -3.66
N ASN A 81 40.06 26.36 -2.99
CA ASN A 81 38.62 26.17 -3.03
C ASN A 81 37.91 27.38 -2.45
N ASN A 82 37.17 28.07 -3.31
CA ASN A 82 36.74 29.42 -3.00
C ASN A 82 35.42 29.74 -3.69
N ILE A 83 34.43 30.21 -2.93
CA ILE A 83 33.07 30.42 -3.46
C ILE A 83 33.00 31.02 -4.87
N HIS A 84 33.93 31.91 -5.19
CA HIS A 84 33.80 32.71 -6.38
C HIS A 84 34.42 32.05 -7.54
N PHE A 85 35.06 30.92 -7.26
CA PHE A 85 35.68 30.09 -8.29
C PHE A 85 34.81 29.92 -9.51
N PHE A 86 33.55 29.56 -9.29
CA PHE A 86 32.70 29.18 -10.40
C PHE A 86 32.25 30.35 -11.23
N GLY A 87 32.29 31.54 -10.63
CA GLY A 87 32.05 32.79 -11.35
C GLY A 87 32.65 32.88 -12.74
N PRO A 88 33.98 32.97 -12.80
CA PRO A 88 34.64 33.09 -14.09
C PRO A 88 34.50 31.82 -14.93
N LEU A 89 34.67 30.66 -14.31
CA LEU A 89 34.66 29.39 -15.02
C LEU A 89 33.44 29.22 -15.92
N ILE A 90 32.26 29.30 -15.31
CA ILE A 90 31.01 29.15 -16.05
C ILE A 90 30.87 30.20 -17.14
N ALA A 91 31.34 31.42 -16.87
CA ALA A 91 31.32 32.48 -17.88
C ALA A 91 32.13 32.03 -19.09
N ALA A 92 33.30 31.47 -18.87
CA ALA A 92 34.09 30.94 -19.97
C ALA A 92 33.24 29.98 -20.79
N LEU A 93 32.60 29.05 -20.09
CA LEU A 93 31.80 28.03 -20.74
C LEU A 93 30.67 28.63 -21.53
N TYR A 94 30.25 29.83 -21.17
CA TYR A 94 29.19 30.47 -21.95
C TYR A 94 29.75 30.82 -23.30
N GLN A 95 30.92 31.45 -23.29
CA GLN A 95 31.56 32.01 -24.50
C GLN A 95 32.35 30.97 -25.33
N GLY A 96 32.61 29.82 -24.70
CA GLY A 96 33.40 28.76 -25.29
C GLY A 96 34.88 29.10 -25.35
N ILE A 97 35.30 30.03 -24.51
CA ILE A 97 36.72 30.18 -24.31
C ILE A 97 37.13 29.00 -23.46
N PRO A 98 38.26 28.37 -23.81
CA PRO A 98 38.82 27.25 -23.06
C PRO A 98 39.38 27.71 -21.73
N MET A 99 39.23 26.91 -20.67
CA MET A 99 39.74 27.29 -19.37
C MET A 99 40.79 26.33 -18.85
N ALA A 100 42.00 26.82 -18.63
CA ALA A 100 43.01 25.99 -18.02
C ALA A 100 42.97 26.18 -16.53
N THR A 101 42.90 25.10 -15.77
CA THR A 101 42.90 25.26 -14.32
C THR A 101 44.27 24.92 -13.74
N SER A 102 44.84 25.87 -13.00
CA SER A 102 46.11 25.64 -12.32
C SER A 102 45.89 25.35 -10.85
N ASN A 103 46.63 24.36 -10.33
CA ASN A 103 46.71 24.05 -8.90
C ASN A 103 47.40 25.17 -8.14
N ASP A 104 46.77 25.61 -7.05
CA ASP A 104 47.23 26.78 -6.31
C ASP A 104 48.56 26.59 -5.54
N MET A 105 48.89 25.35 -5.21
CA MET A 105 50.10 25.04 -4.45
C MET A 105 51.28 24.55 -5.27
N TYR A 106 51.23 24.76 -6.59
CA TYR A 106 52.39 24.49 -7.44
C TYR A 106 53.56 25.32 -6.95
N THR A 107 54.77 24.84 -7.15
CA THR A 107 55.91 25.73 -6.97
C THR A 107 56.14 26.49 -8.27
N GLU A 108 56.67 27.71 -8.15
CA GLU A 108 56.98 28.59 -9.28
C GLU A 108 57.55 27.78 -10.47
N ARG A 109 58.54 26.97 -10.13
CA ARG A 109 59.12 25.93 -10.98
C ARG A 109 58.03 25.21 -11.80
N GLU A 110 57.15 24.54 -11.08
CA GLU A 110 56.06 23.77 -11.65
C GLU A 110 55.09 24.64 -12.43
N MET A 111 54.70 25.74 -11.81
CA MET A 111 53.62 26.56 -12.34
C MET A 111 53.95 27.10 -13.72
N ILE A 112 55.18 27.57 -13.87
CA ILE A 112 55.57 28.12 -15.16
C ILE A 112 55.44 27.04 -16.24
N GLY A 113 55.99 25.87 -15.95
CA GLY A 113 55.80 24.71 -16.79
C GLY A 113 54.35 24.55 -17.18
N HIS A 114 53.47 24.56 -16.18
CA HIS A 114 52.05 24.40 -16.40
C HIS A 114 51.51 25.39 -17.42
N LEU A 115 51.70 26.67 -17.16
CA LEU A 115 51.09 27.69 -17.98
C LEU A 115 51.62 27.65 -19.39
N ASN A 116 52.83 27.12 -19.55
CA ASN A 116 53.46 27.05 -20.86
C ASN A 116 52.79 26.03 -21.78
N ILE A 117 52.02 25.12 -21.19
CA ILE A 117 51.22 24.18 -21.97
C ILE A 117 50.12 24.94 -22.72
N SER A 118 49.21 25.56 -21.94
CA SER A 118 48.03 26.26 -22.47
C SER A 118 48.42 27.64 -22.99
N LYS A 119 49.38 28.25 -22.30
CA LYS A 119 49.80 29.64 -22.57
C LYS A 119 48.57 30.60 -22.63
N PRO A 120 47.92 30.84 -21.47
CA PRO A 120 46.70 31.64 -21.35
C PRO A 120 46.94 33.14 -21.32
N CYS A 121 46.15 33.95 -21.98
CA CYS A 121 46.50 35.36 -22.05
C CYS A 121 46.02 36.04 -20.83
N LEU A 122 44.96 35.50 -20.24
CA LEU A 122 44.34 36.05 -19.02
C LEU A 122 44.21 35.08 -17.84
N MET A 123 44.41 35.56 -16.62
CA MET A 123 44.41 34.68 -15.46
C MET A 123 43.60 35.20 -14.26
N PHE A 124 42.49 34.55 -13.97
CA PHE A 124 41.75 34.91 -12.74
C PHE A 124 42.56 34.30 -11.59
N CYS A 125 42.43 34.83 -10.40
CA CYS A 125 43.17 34.12 -9.35
C CYS A 125 42.46 34.37 -8.03
N SER A 126 43.11 34.09 -6.92
CA SER A 126 42.38 34.25 -5.66
C SER A 126 42.58 35.66 -5.13
N LYS A 127 43.22 35.75 -3.99
CA LYS A 127 43.53 37.01 -3.28
C LYS A 127 44.78 36.68 -2.48
N LYS A 128 44.79 35.46 -1.94
CA LYS A 128 45.93 34.86 -1.21
C LYS A 128 46.82 34.13 -2.22
N SER A 129 46.38 34.03 -3.48
CA SER A 129 47.18 33.36 -4.53
C SER A 129 47.77 34.42 -5.45
N LEU A 130 47.19 35.62 -5.44
CA LEU A 130 47.75 36.73 -6.24
C LEU A 130 49.27 37.06 -6.15
N PRO A 131 49.89 36.95 -4.95
CA PRO A 131 51.30 37.34 -4.93
C PRO A 131 52.09 36.51 -5.91
N PHE A 132 51.87 35.21 -5.74
CA PHE A 132 52.49 34.13 -6.48
C PHE A 132 52.21 34.24 -7.97
N ILE A 133 50.98 34.56 -8.31
CA ILE A 133 50.63 34.71 -9.69
C ILE A 133 51.43 35.84 -10.29
N LEU A 134 51.58 36.97 -9.60
CA LEU A 134 52.35 38.08 -10.21
C LEU A 134 53.84 37.75 -10.34
N LYS A 135 54.36 37.15 -9.27
CA LYS A 135 55.72 36.64 -9.18
C LYS A 135 56.01 35.79 -10.42
N VAL A 136 55.03 34.97 -10.79
CA VAL A 136 55.15 34.09 -11.94
C VAL A 136 54.99 34.79 -13.27
N GLN A 137 53.97 35.64 -13.37
CA GLN A 137 53.70 36.37 -14.59
C GLN A 137 54.90 37.19 -15.04
N LYS A 138 55.78 37.52 -14.10
CA LYS A 138 57.02 38.22 -14.51
C LYS A 138 58.01 37.31 -15.30
N HIS A 139 57.58 36.10 -15.66
CA HIS A 139 58.40 35.17 -16.45
C HIS A 139 57.69 34.79 -17.75
N LEU A 140 56.45 35.22 -17.92
CA LEU A 140 55.67 34.75 -19.04
C LEU A 140 55.08 35.91 -19.80
N ASP A 141 55.73 36.27 -20.91
CA ASP A 141 55.28 37.34 -21.80
C ASP A 141 53.82 37.27 -22.29
N PHE A 142 53.32 36.07 -22.53
CA PHE A 142 51.97 35.85 -23.09
C PHE A 142 50.79 36.11 -22.13
N LEU A 143 51.09 36.19 -20.83
CA LEU A 143 50.10 36.43 -19.79
C LEU A 143 49.81 37.92 -19.55
N LYS A 144 48.96 38.55 -20.38
CA LYS A 144 48.77 40.00 -20.37
C LYS A 144 47.93 40.56 -19.18
N LYS A 145 46.99 39.80 -18.62
CA LYS A 145 46.21 40.32 -17.49
C LYS A 145 45.88 39.34 -16.36
N VAL A 146 45.91 39.83 -15.13
CA VAL A 146 45.36 39.13 -13.98
C VAL A 146 44.09 39.81 -13.47
N ILE A 147 43.14 38.99 -12.97
CA ILE A 147 41.95 39.48 -12.29
C ILE A 147 41.71 38.75 -10.98
N VAL A 148 41.41 39.48 -9.92
CA VAL A 148 41.07 38.87 -8.63
C VAL A 148 39.59 38.49 -8.53
N ILE A 149 39.26 37.28 -8.05
CA ILE A 149 37.89 36.81 -8.10
C ILE A 149 37.15 37.07 -6.80
N ASP A 150 37.88 37.12 -5.69
CA ASP A 150 37.20 37.23 -4.42
C ASP A 150 37.52 38.50 -3.65
N SER A 151 37.50 39.64 -4.34
CA SER A 151 37.72 40.90 -3.65
C SER A 151 36.78 41.91 -4.25
N MET A 152 36.42 42.90 -3.47
CA MET A 152 35.57 43.97 -3.97
C MET A 152 36.39 45.15 -4.50
N TYR A 153 37.59 45.28 -3.98
CA TYR A 153 38.44 46.34 -4.45
C TYR A 153 39.60 45.78 -5.24
N ASP A 154 40.18 46.62 -6.07
CA ASP A 154 41.30 46.19 -6.85
C ASP A 154 42.48 46.17 -5.90
N ILE A 155 43.53 45.47 -6.26
CA ILE A 155 44.64 45.26 -5.34
C ILE A 155 45.96 45.77 -5.87
N ASN A 156 46.36 46.97 -5.47
CA ASN A 156 47.54 47.62 -6.06
C ASN A 156 47.62 47.41 -7.54
N GLY A 157 46.63 47.94 -8.25
CA GLY A 157 46.62 47.90 -9.69
C GLY A 157 46.06 46.62 -10.27
N VAL A 158 45.97 45.56 -9.48
CA VAL A 158 45.46 44.32 -10.02
C VAL A 158 43.98 44.41 -10.03
N GLU A 159 43.35 44.20 -11.17
CA GLU A 159 41.92 44.42 -11.21
C GLU A 159 41.21 43.29 -10.48
N CYS A 160 39.96 43.51 -10.11
CA CYS A 160 39.19 42.44 -9.48
C CYS A 160 37.97 42.26 -10.37
N VAL A 161 37.27 41.15 -10.18
CA VAL A 161 36.18 40.79 -11.09
C VAL A 161 35.08 41.84 -11.10
N PHE A 162 34.84 42.46 -9.95
CA PHE A 162 33.79 43.47 -9.91
C PHE A 162 34.08 44.66 -10.81
N SER A 163 35.25 45.28 -10.62
CA SER A 163 35.65 46.44 -11.42
C SER A 163 35.60 46.09 -12.89
N PHE A 164 36.19 44.93 -13.20
CA PHE A 164 36.26 44.41 -14.55
C PHE A 164 34.86 44.33 -15.17
N VAL A 165 33.89 43.78 -14.45
CA VAL A 165 32.57 43.63 -15.02
C VAL A 165 31.83 44.94 -15.16
N SER A 166 32.05 45.83 -14.22
CA SER A 166 31.35 47.10 -14.23
C SER A 166 31.92 47.98 -15.33
N ARG A 167 33.10 47.64 -15.81
CA ARG A 167 33.64 48.37 -16.95
C ARG A 167 32.73 48.23 -18.19
N TYR A 168 32.16 47.04 -18.37
CA TYR A 168 31.47 46.70 -19.62
C TYR A 168 29.97 46.54 -19.49
N THR A 169 29.49 46.44 -18.24
CA THR A 169 28.06 46.36 -17.94
C THR A 169 27.62 47.38 -16.91
N ASP A 170 26.32 47.68 -16.91
CA ASP A 170 25.78 48.70 -16.01
C ASP A 170 24.73 48.08 -15.11
N HIS A 171 24.18 48.88 -14.20
CA HIS A 171 23.15 48.46 -13.28
C HIS A 171 21.92 47.74 -13.87
N ALA A 172 21.54 48.06 -15.09
CA ALA A 172 20.29 47.54 -15.60
C ALA A 172 20.52 46.27 -16.38
N PHE A 173 21.75 45.76 -16.31
CA PHE A 173 22.12 44.51 -16.96
C PHE A 173 21.23 43.37 -16.51
N ASP A 174 20.73 42.59 -17.45
CA ASP A 174 19.86 41.47 -17.08
C ASP A 174 20.23 40.09 -17.64
N PRO A 175 20.69 39.19 -16.75
CA PRO A 175 21.15 37.85 -17.16
C PRO A 175 20.05 37.04 -17.82
N VAL A 176 18.78 37.37 -17.56
CA VAL A 176 17.68 36.73 -18.25
C VAL A 176 17.67 37.06 -19.76
N LYS A 177 18.41 38.08 -20.16
CA LYS A 177 18.38 38.52 -21.54
C LYS A 177 19.69 38.23 -22.30
N PHE A 178 20.70 37.76 -21.56
CA PHE A 178 22.00 37.35 -22.09
C PHE A 178 21.97 35.95 -22.73
N ASN A 179 22.83 35.72 -23.73
CA ASN A 179 22.91 34.39 -24.33
C ASN A 179 24.29 33.81 -24.43
N PRO A 180 24.43 32.54 -24.01
CA PRO A 180 25.72 31.90 -24.14
C PRO A 180 25.91 31.51 -25.59
N LYS A 181 27.12 31.75 -26.08
CA LYS A 181 27.52 31.44 -27.45
C LYS A 181 27.17 30.01 -27.76
N GLU A 182 26.84 29.74 -29.02
CA GLU A 182 26.57 28.38 -29.45
C GLU A 182 27.66 27.91 -30.39
N PHE A 183 27.97 26.61 -30.30
CA PHE A 183 29.03 26.00 -31.08
C PHE A 183 28.84 24.52 -30.99
N ASP A 184 29.70 23.78 -31.65
CA ASP A 184 29.64 22.33 -31.58
C ASP A 184 30.24 21.86 -30.26
N PRO A 185 29.44 21.23 -29.40
CA PRO A 185 29.85 20.95 -28.02
C PRO A 185 30.86 19.81 -27.88
N LEU A 186 31.31 19.31 -29.02
CA LEU A 186 32.18 18.16 -29.05
C LEU A 186 33.54 18.53 -29.61
N GLU A 187 33.59 19.70 -30.24
CA GLU A 187 34.81 20.14 -30.90
C GLU A 187 35.27 21.42 -30.22
N ARG A 188 34.50 21.88 -29.25
CA ARG A 188 34.92 23.00 -28.43
C ARG A 188 35.55 22.52 -27.13
N THR A 189 36.76 23.00 -26.87
CA THR A 189 37.42 22.67 -25.63
C THR A 189 36.80 23.46 -24.51
N ALA A 190 36.36 22.78 -23.48
CA ALA A 190 35.84 23.42 -22.29
C ALA A 190 36.97 23.72 -21.33
N LEU A 191 37.84 22.74 -21.18
CA LEU A 191 38.83 22.80 -20.13
C LEU A 191 40.17 22.27 -20.60
N ILE A 192 41.26 22.81 -20.08
CA ILE A 192 42.56 22.18 -20.25
C ILE A 192 43.14 21.90 -18.87
N MET A 193 42.83 20.73 -18.34
CA MET A 193 43.24 20.40 -16.99
C MET A 193 44.53 19.62 -17.02
N THR A 194 45.54 20.13 -16.33
CA THR A 194 46.85 19.52 -16.40
C THR A 194 47.03 18.35 -15.43
N SER A 195 47.69 17.28 -15.88
CA SER A 195 48.04 16.13 -15.06
C SER A 195 49.34 15.51 -15.60
N SER A 196 50.24 15.11 -14.71
CA SER A 196 51.51 14.54 -15.13
C SER A 196 51.64 13.01 -14.95
N GLY A 197 50.74 12.26 -15.60
CA GLY A 197 50.66 10.81 -15.44
C GLY A 197 51.38 9.88 -16.41
N THR A 198 51.52 8.63 -15.96
CA THR A 198 52.25 7.53 -16.62
C THR A 198 53.74 7.81 -16.87
N THR A 199 54.07 9.01 -17.35
CA THR A 199 55.46 9.40 -17.58
C THR A 199 55.94 10.38 -16.47
N GLY A 200 55.11 11.35 -16.13
CA GLY A 200 55.45 12.31 -15.10
C GLY A 200 55.66 13.70 -15.68
N LEU A 201 55.52 13.80 -17.00
CA LEU A 201 55.72 15.05 -17.72
C LEU A 201 54.52 15.97 -17.52
N PRO A 202 54.76 17.29 -17.47
CA PRO A 202 53.54 18.09 -17.33
C PRO A 202 52.79 18.08 -18.65
N LYS A 203 51.81 17.21 -18.81
CA LYS A 203 51.03 17.27 -20.05
C LYS A 203 49.60 17.67 -19.70
N GLY A 204 49.00 18.47 -20.57
CA GLY A 204 47.68 18.99 -20.31
C GLY A 204 46.53 18.38 -21.08
N VAL A 205 45.54 17.89 -20.33
CA VAL A 205 44.41 17.09 -20.83
C VAL A 205 43.34 17.96 -21.44
N VAL A 206 42.73 17.56 -22.57
CA VAL A 206 41.72 18.39 -23.20
C VAL A 206 40.32 17.83 -23.04
N ILE A 207 39.40 18.61 -22.48
CA ILE A 207 38.03 18.16 -22.25
C ILE A 207 36.97 18.84 -23.12
N SER A 208 36.17 18.08 -23.84
CA SER A 208 35.10 18.68 -24.65
C SER A 208 33.95 19.20 -23.78
N HIS A 209 33.12 20.06 -24.33
CA HIS A 209 31.90 20.45 -23.62
C HIS A 209 31.06 19.22 -23.44
N ARG A 210 31.02 18.38 -24.48
CA ARG A 210 30.23 17.15 -24.45
C ARG A 210 30.60 16.30 -23.26
N SER A 211 31.89 16.22 -22.97
CA SER A 211 32.37 15.51 -21.81
C SER A 211 31.68 15.98 -20.53
N ILE A 212 31.47 17.28 -20.46
CA ILE A 212 30.75 17.80 -19.33
C ILE A 212 29.27 17.44 -19.41
N THR A 213 28.56 17.81 -20.47
CA THR A 213 27.11 17.52 -20.54
C THR A 213 26.76 16.05 -20.26
N ILE A 214 27.70 15.18 -20.60
CA ILE A 214 27.56 13.78 -20.26
C ILE A 214 27.76 13.57 -18.78
N ARG A 215 28.81 14.17 -18.23
CA ARG A 215 28.99 14.05 -16.79
C ARG A 215 27.73 14.53 -16.02
N PHE A 216 27.04 15.52 -16.59
CA PHE A 216 25.80 15.99 -15.98
C PHE A 216 24.74 14.90 -16.09
N VAL A 217 24.75 14.18 -17.21
CA VAL A 217 23.80 13.08 -17.35
C VAL A 217 23.98 12.05 -16.27
N HIS A 218 25.23 11.74 -15.94
CA HIS A 218 25.48 10.78 -14.89
C HIS A 218 25.02 11.26 -13.55
N SER A 219 25.24 12.55 -13.30
CA SER A 219 24.83 13.06 -12.00
C SER A 219 23.33 13.05 -11.82
N SER A 220 22.60 13.23 -12.91
CA SER A 220 21.14 13.28 -12.83
C SER A 220 20.56 11.90 -12.60
N ASP A 221 21.25 10.91 -13.14
CA ASP A 221 20.90 9.50 -13.08
C ASP A 221 20.68 8.98 -11.68
N PRO A 222 19.48 8.42 -11.40
CA PRO A 222 19.02 8.08 -10.04
C PRO A 222 19.48 6.70 -9.55
N ILE A 223 20.14 5.96 -10.42
CA ILE A 223 20.76 4.71 -10.00
C ILE A 223 22.21 4.94 -9.66
N TYR A 224 22.86 5.82 -10.43
CA TYR A 224 24.26 6.20 -10.18
C TYR A 224 24.43 7.53 -9.43
N GLY A 225 24.52 8.65 -10.14
CA GLY A 225 24.73 9.94 -9.51
C GLY A 225 23.84 10.23 -8.32
N THR A 226 24.25 11.15 -7.46
CA THR A 226 23.61 11.35 -6.14
C THR A 226 22.15 11.81 -6.26
N ARG A 227 21.24 10.90 -5.92
CA ARG A 227 19.80 11.14 -5.92
C ARG A 227 19.32 11.68 -4.55
N ILE A 228 19.33 13.01 -4.40
CA ILE A 228 18.82 13.65 -3.18
C ILE A 228 18.15 14.95 -3.61
N ALA A 229 17.22 15.41 -2.77
CA ALA A 229 16.36 16.56 -3.03
C ALA A 229 17.08 17.85 -3.45
N PRO A 230 16.71 18.44 -4.62
CA PRO A 230 17.22 19.76 -5.01
C PRO A 230 16.79 20.90 -4.08
N ASP A 231 17.64 21.22 -3.09
CA ASP A 231 17.48 22.21 -1.99
C ASP A 231 17.73 21.52 -0.65
N THR A 232 18.60 20.50 -0.67
CA THR A 232 19.18 19.94 0.56
C THR A 232 20.68 20.02 0.34
N SER A 233 21.45 19.84 1.40
CA SER A 233 22.83 20.29 1.36
C SER A 233 23.93 19.23 1.13
N ILE A 234 24.69 19.34 0.05
CA ILE A 234 25.82 18.41 -0.19
C ILE A 234 27.14 19.08 0.11
N LEU A 235 28.06 18.31 0.67
CA LEU A 235 29.40 18.86 0.92
C LEU A 235 30.43 18.39 -0.12
N ALA A 236 31.01 19.38 -0.81
CA ALA A 236 32.09 19.08 -1.74
C ALA A 236 33.31 19.72 -1.17
N ILE A 237 34.37 18.92 -1.07
CA ILE A 237 35.59 19.37 -0.44
C ILE A 237 36.80 19.10 -1.34
N ALA A 238 36.70 18.13 -2.23
CA ALA A 238 37.82 17.79 -3.08
C ALA A 238 38.19 19.03 -3.91
N PRO A 239 39.51 19.30 -4.07
CA PRO A 239 40.13 20.43 -4.78
C PRO A 239 39.59 20.73 -6.16
N PHE A 240 39.13 21.97 -6.33
CA PHE A 240 38.44 22.41 -7.53
C PHE A 240 39.31 22.47 -8.76
N HIS A 241 40.60 22.67 -8.60
CA HIS A 241 41.47 22.79 -9.78
C HIS A 241 41.66 21.44 -10.43
N HIS A 242 41.40 20.39 -9.64
CA HIS A 242 41.55 19.01 -10.12
C HIS A 242 40.19 18.41 -10.55
N ALA A 243 40.23 17.53 -11.55
CA ALA A 243 39.01 17.13 -12.26
C ALA A 243 37.94 16.60 -11.35
N PHE A 244 38.28 15.64 -10.51
CA PHE A 244 37.33 15.04 -9.57
C PHE A 244 36.52 16.09 -8.78
N GLY A 245 37.22 17.02 -8.12
CA GLY A 245 36.54 18.04 -7.34
C GLY A 245 35.72 19.03 -8.15
N LEU A 246 36.25 19.38 -9.32
CA LEU A 246 35.61 20.36 -10.20
C LEU A 246 34.35 19.83 -10.87
N PHE A 247 34.38 18.59 -11.30
CA PHE A 247 33.24 18.03 -12.02
C PHE A 247 32.21 17.60 -11.05
N THR A 248 32.60 16.90 -9.99
CA THR A 248 31.62 16.62 -8.95
C THR A 248 30.98 17.91 -8.43
N ALA A 249 31.78 18.96 -8.27
CA ALA A 249 31.25 20.24 -7.78
C ALA A 249 30.31 20.88 -8.80
N LEU A 250 30.80 21.03 -10.02
CA LEU A 250 30.06 21.68 -11.08
C LEU A 250 28.74 20.98 -11.35
N ALA A 251 28.72 19.65 -11.22
CA ALA A 251 27.51 18.90 -11.54
C ALA A 251 26.40 19.11 -10.54
N TYR A 252 26.72 19.73 -9.41
CA TYR A 252 25.71 20.01 -8.39
C TYR A 252 24.71 21.04 -8.87
N PHE A 253 25.13 21.88 -9.80
CA PHE A 253 24.31 22.98 -10.29
C PHE A 253 23.14 22.57 -11.15
N PRO A 254 23.35 21.72 -12.16
CA PRO A 254 22.17 21.38 -12.97
C PRO A 254 21.03 20.76 -12.19
N VAL A 255 21.30 20.33 -10.96
CA VAL A 255 20.30 19.65 -10.13
C VAL A 255 19.93 20.45 -8.89
N GLY A 256 20.50 21.65 -8.79
CA GLY A 256 20.17 22.68 -7.81
C GLY A 256 20.30 22.33 -6.34
N LEU A 257 21.53 22.11 -5.89
CA LEU A 257 21.75 21.70 -4.50
C LEU A 257 22.45 22.77 -3.74
N LYS A 258 22.02 22.98 -2.51
CA LYS A 258 22.78 23.83 -1.61
C LYS A 258 24.12 23.15 -1.35
N ILE A 259 25.20 23.72 -1.89
CA ILE A 259 26.55 23.21 -1.61
C ILE A 259 27.14 23.87 -0.41
N VAL A 260 27.72 23.10 0.51
CA VAL A 260 28.67 23.69 1.44
C VAL A 260 30.05 23.16 1.09
N MET A 261 31.05 24.00 1.29
CA MET A 261 32.37 23.68 0.79
C MET A 261 33.45 24.02 1.81
N VAL A 262 34.34 23.06 2.03
CA VAL A 262 35.43 23.16 2.97
C VAL A 262 36.72 23.30 2.19
N LYS A 263 37.59 24.20 2.63
CA LYS A 263 38.82 24.45 1.90
C LYS A 263 39.83 23.27 1.99
N LYS A 264 40.00 22.66 3.16
CA LYS A 264 40.98 21.55 3.29
C LYS A 264 40.59 20.42 4.23
N PHE A 265 40.81 19.19 3.74
CA PHE A 265 40.43 17.92 4.38
C PHE A 265 40.96 17.57 5.78
N GLU A 266 41.53 18.56 6.47
CA GLU A 266 42.26 18.26 7.70
C GLU A 266 41.33 17.77 8.81
N GLY A 267 41.87 16.82 9.58
CA GLY A 267 41.23 16.16 10.70
C GLY A 267 39.71 16.17 10.75
N GLU A 268 39.22 16.61 11.91
CA GLU A 268 37.80 16.79 12.15
C GLU A 268 37.29 17.93 11.38
N PHE A 269 36.47 18.73 12.07
CA PHE A 269 35.84 19.92 11.51
C PHE A 269 34.95 19.53 10.32
N PHE A 270 35.34 18.42 9.71
CA PHE A 270 34.63 17.77 8.66
C PHE A 270 33.42 17.23 9.36
N LEU A 271 33.70 16.55 10.47
CA LEU A 271 32.69 16.04 11.38
C LEU A 271 31.79 17.17 11.83
N LYS A 272 32.47 18.19 12.38
CA LYS A 272 31.85 19.39 12.90
C LYS A 272 30.84 19.90 11.87
N THR A 273 31.32 20.19 10.67
CA THR A 273 30.49 20.69 9.57
C THR A 273 29.31 19.81 9.16
N ILE A 274 29.56 18.53 8.89
CA ILE A 274 28.52 17.62 8.42
C ILE A 274 27.38 17.57 9.43
N GLN A 275 27.75 17.69 10.69
CA GLN A 275 26.72 17.85 11.71
C GLN A 275 26.03 19.19 11.57
N ASN A 276 26.82 20.26 11.54
CA ASN A 276 26.27 21.61 11.76
C ASN A 276 25.44 22.14 10.59
N TYR A 277 25.53 21.49 9.43
CA TYR A 277 24.83 21.95 8.23
C TYR A 277 23.82 20.92 7.75
N LYS A 278 23.68 19.82 8.50
CA LYS A 278 22.77 18.73 8.15
C LYS A 278 23.10 18.24 6.75
N ILE A 279 24.30 17.71 6.59
CA ILE A 279 24.74 17.37 5.26
C ILE A 279 24.15 16.07 4.80
N ALA A 280 23.38 16.12 3.71
CA ALA A 280 22.75 14.92 3.18
C ALA A 280 23.77 13.96 2.52
N SER A 281 24.55 14.45 1.57
CA SER A 281 25.49 13.59 0.84
C SER A 281 26.91 14.14 0.89
N ILE A 282 27.91 13.26 0.97
CA ILE A 282 29.28 13.70 0.76
C ILE A 282 29.95 12.92 -0.38
N VAL A 283 30.92 13.56 -1.01
CA VAL A 283 31.73 12.93 -2.04
C VAL A 283 33.21 13.21 -1.78
N VAL A 284 33.94 12.19 -1.34
CA VAL A 284 35.31 12.42 -0.84
C VAL A 284 36.33 11.49 -1.50
N PRO A 285 37.63 11.78 -1.37
CA PRO A 285 38.65 10.82 -1.78
C PRO A 285 38.93 9.84 -0.64
N PRO A 286 39.64 8.73 -0.92
CA PRO A 286 39.87 7.67 0.08
C PRO A 286 40.62 8.06 1.37
N PRO A 287 41.43 9.13 1.37
CA PRO A 287 41.98 9.52 2.66
C PRO A 287 40.92 9.82 3.73
N ILE A 288 39.92 10.61 3.37
CA ILE A 288 38.89 10.88 4.36
C ILE A 288 37.97 9.69 4.48
N MET A 289 38.07 8.72 3.58
CA MET A 289 37.35 7.44 3.77
C MET A 289 37.91 6.60 4.91
N VAL A 290 39.23 6.47 4.94
CA VAL A 290 39.88 5.72 6.00
C VAL A 290 39.71 6.49 7.32
N TYR A 291 39.83 7.82 7.25
CA TYR A 291 39.54 8.67 8.40
C TYR A 291 38.12 8.47 8.90
N LEU A 292 37.19 8.30 7.99
CA LEU A 292 35.84 7.99 8.41
C LEU A 292 35.81 6.68 9.19
N ALA A 293 36.26 5.59 8.56
CA ALA A 293 36.11 4.23 9.15
C ALA A 293 36.87 4.01 10.46
N LYS A 294 38.21 4.04 10.42
CA LYS A 294 38.94 3.74 11.65
C LYS A 294 39.64 4.96 12.22
N SER A 295 38.83 5.98 12.48
CA SER A 295 39.23 7.01 13.42
C SER A 295 38.11 7.03 14.46
N PRO A 296 38.47 7.22 15.72
CA PRO A 296 37.57 7.14 16.87
C PRO A 296 36.68 8.36 17.01
N LEU A 297 35.65 8.22 17.83
CA LEU A 297 34.79 9.34 18.26
C LEU A 297 34.36 10.21 17.07
N VAL A 298 34.01 9.52 16.01
CA VAL A 298 33.52 10.12 14.79
C VAL A 298 32.05 9.77 14.83
N ASP A 299 31.69 9.25 15.99
CA ASP A 299 30.31 9.10 16.38
C ASP A 299 30.04 9.96 17.63
N GLU A 300 31.00 10.83 17.94
CA GLU A 300 30.77 11.90 18.91
C GLU A 300 30.12 13.15 18.32
N TYR A 301 30.18 13.30 17.00
CA TYR A 301 29.36 14.30 16.33
C TYR A 301 28.17 13.60 15.69
N ASN A 302 27.04 14.30 15.62
CA ASN A 302 25.83 13.73 15.04
C ASN A 302 25.89 13.78 13.52
N LEU A 303 26.13 12.63 12.89
CA LEU A 303 26.31 12.59 11.45
C LEU A 303 25.13 11.92 10.78
N SER A 304 24.04 11.80 11.55
CA SER A 304 22.81 11.13 11.14
C SER A 304 22.01 11.85 10.04
N SER A 305 22.65 12.85 9.45
CA SER A 305 22.08 13.59 8.34
C SER A 305 22.41 12.93 7.00
N LEU A 306 23.25 11.91 7.04
CA LEU A 306 23.97 11.41 5.86
C LEU A 306 23.24 10.35 5.03
N THR A 307 22.69 10.76 3.89
CA THR A 307 21.90 9.89 3.03
C THR A 307 22.78 9.08 2.08
N GLU A 308 23.74 9.74 1.46
CA GLU A 308 24.54 9.11 0.42
C GLU A 308 26.04 9.38 0.57
N ILE A 309 26.88 8.38 0.31
CA ILE A 309 28.33 8.60 0.29
C ILE A 309 29.01 8.10 -0.96
N ALA A 310 29.90 8.89 -1.52
CA ALA A 310 30.61 8.38 -2.69
C ALA A 310 32.10 8.62 -2.58
N CYS A 311 32.88 7.77 -3.26
CA CYS A 311 34.35 7.94 -3.39
C CYS A 311 34.84 7.78 -4.83
N GLY A 312 35.74 8.66 -5.26
CA GLY A 312 36.15 8.66 -6.66
C GLY A 312 37.59 8.94 -7.06
N GLY A 313 38.52 8.18 -6.47
CA GLY A 313 39.93 8.20 -6.88
C GLY A 313 40.55 6.81 -6.76
N SER A 314 41.32 6.62 -5.69
CA SER A 314 42.02 5.37 -5.39
C SER A 314 41.29 4.58 -4.31
N PRO A 315 40.18 3.91 -4.69
CA PRO A 315 39.24 3.41 -3.67
C PRO A 315 39.75 2.17 -2.93
N LEU A 316 39.96 2.29 -1.63
CA LEU A 316 40.49 1.19 -0.80
C LEU A 316 39.53 0.00 -0.70
N GLY A 317 39.52 -0.85 -1.72
CA GLY A 317 38.63 -2.00 -1.82
C GLY A 317 38.72 -2.93 -0.62
N ARG A 318 39.88 -2.87 0.06
CA ARG A 318 40.12 -3.63 1.28
C ARG A 318 39.13 -3.01 2.28
N ASP A 319 38.10 -3.79 2.60
CA ASP A 319 36.79 -3.31 3.06
C ASP A 319 36.74 -2.18 4.10
N ILE A 320 37.39 -1.07 3.82
CA ILE A 320 37.23 0.13 4.62
C ILE A 320 35.83 0.68 4.31
N ALA A 321 35.48 0.56 3.04
CA ALA A 321 34.16 0.95 2.50
C ALA A 321 32.98 0.32 3.23
N ASP A 322 33.11 -0.97 3.55
CA ASP A 322 32.04 -1.69 4.23
C ASP A 322 31.91 -1.15 5.67
N LYS A 323 33.07 -0.88 6.29
CA LYS A 323 33.15 -0.35 7.65
C LYS A 323 32.48 1.01 7.78
N VAL A 324 32.65 1.86 6.77
CA VAL A 324 32.00 3.16 6.83
C VAL A 324 30.50 3.00 6.54
N ALA A 325 30.16 2.17 5.55
CA ALA A 325 28.75 1.91 5.22
C ALA A 325 27.95 1.52 6.46
N LYS A 326 28.59 0.67 7.28
CA LYS A 326 28.03 0.22 8.54
C LYS A 326 28.00 1.28 9.62
N ARG A 327 29.14 1.96 9.81
CA ARG A 327 29.28 2.91 10.89
C ARG A 327 28.16 3.93 10.78
N LEU A 328 28.01 4.49 9.57
CA LEU A 328 27.02 5.53 9.38
C LEU A 328 25.72 5.14 8.69
N LYS A 329 25.28 3.90 8.89
CA LYS A 329 23.90 3.47 8.60
C LYS A 329 23.41 4.11 7.28
N VAL A 330 24.17 3.86 6.21
CA VAL A 330 23.95 4.50 4.91
C VAL A 330 23.51 3.44 3.92
N HIS A 331 22.86 3.87 2.84
CA HIS A 331 22.30 2.94 1.84
C HIS A 331 23.38 2.20 1.09
N GLY A 332 24.37 1.69 1.81
CA GLY A 332 25.55 1.14 1.18
C GLY A 332 26.28 2.15 0.30
N ILE A 333 27.50 2.46 0.68
CA ILE A 333 28.33 3.29 -0.18
C ILE A 333 28.82 2.53 -1.41
N LEU A 334 28.49 3.10 -2.57
CA LEU A 334 28.99 2.56 -3.86
C LEU A 334 29.82 3.65 -4.53
N GLN A 335 30.80 3.27 -5.36
CA GLN A 335 31.65 4.25 -6.07
C GLN A 335 32.98 3.60 -6.45
N GLY A 336 33.81 4.31 -7.22
CA GLY A 336 35.11 3.79 -7.67
C GLY A 336 34.97 2.99 -8.95
N TYR A 337 35.38 1.72 -8.91
CA TYR A 337 35.31 0.76 -10.06
C TYR A 337 36.11 1.27 -11.26
N GLY A 338 37.25 1.94 -11.01
CA GLY A 338 38.13 2.44 -12.08
C GLY A 338 37.66 3.76 -12.69
N LEU A 339 38.41 4.84 -12.45
CA LEU A 339 38.11 6.18 -13.02
C LEU A 339 39.29 6.57 -13.92
N THR A 340 39.49 7.87 -14.18
CA THR A 340 40.64 8.22 -15.01
C THR A 340 41.23 9.63 -14.87
N GLU A 341 42.31 9.81 -15.63
CA GLU A 341 42.88 11.12 -15.93
C GLU A 341 41.81 11.99 -16.53
N THR A 342 40.92 11.32 -17.28
CA THR A 342 39.78 11.94 -17.94
C THR A 342 38.75 12.28 -16.84
N CYS A 343 37.54 12.60 -17.27
CA CYS A 343 36.43 12.77 -16.36
C CYS A 343 36.36 11.49 -15.55
N SER A 344 36.58 11.61 -14.25
CA SER A 344 36.63 10.46 -13.34
C SER A 344 35.26 9.75 -13.31
N ALA A 345 35.27 8.49 -12.87
CA ALA A 345 34.07 7.72 -12.62
C ALA A 345 33.36 7.33 -13.89
N LEU A 346 33.47 6.04 -14.20
CA LEU A 346 32.79 5.40 -15.33
C LEU A 346 32.85 3.89 -15.10
N ILE A 347 31.67 3.29 -14.99
CA ILE A 347 31.52 1.81 -14.77
C ILE A 347 31.62 1.55 -13.26
N LEU A 348 30.55 1.94 -12.54
CA LEU A 348 30.43 1.87 -11.06
C LEU A 348 29.40 0.83 -10.64
N SER A 349 28.86 0.99 -9.43
CA SER A 349 27.87 0.06 -8.83
C SER A 349 26.44 0.39 -9.31
N PRO A 363 29.57 -0.48 -16.80
CA PRO A 363 29.70 0.70 -17.65
C PRO A 363 28.61 1.73 -17.35
N MET A 364 28.91 3.01 -17.56
CA MET A 364 27.97 4.08 -17.31
C MET A 364 27.51 4.65 -18.61
N PRO A 365 26.37 5.35 -18.58
CA PRO A 365 25.77 5.78 -19.85
C PRO A 365 26.75 6.52 -20.74
N TYR A 366 26.62 6.30 -22.03
CA TYR A 366 27.46 6.93 -23.04
C TYR A 366 28.91 6.47 -22.93
N VAL A 367 29.15 5.45 -22.08
CA VAL A 367 30.47 4.85 -21.89
C VAL A 367 30.44 3.36 -22.17
N GLN A 368 31.28 2.91 -23.09
CA GLN A 368 31.45 1.47 -23.36
C GLN A 368 32.89 1.01 -23.12
N VAL A 369 33.07 -0.26 -22.78
CA VAL A 369 34.38 -0.80 -22.46
C VAL A 369 34.67 -2.08 -23.27
N LYS A 370 35.92 -2.33 -23.68
CA LYS A 370 36.27 -3.61 -24.33
C LYS A 370 37.57 -4.30 -23.83
N VAL A 371 37.85 -5.48 -24.42
CA VAL A 371 38.77 -6.52 -23.92
C VAL A 371 39.94 -6.95 -24.86
N ILE A 372 39.59 -7.13 -26.14
CA ILE A 372 40.44 -7.43 -27.32
C ILE A 372 41.49 -8.55 -27.19
N ASP A 373 42.38 -8.52 -26.18
CA ASP A 373 43.56 -9.43 -26.19
C ASP A 373 44.81 -8.62 -26.50
N ILE A 374 45.88 -8.84 -25.75
CA ILE A 374 47.14 -8.07 -25.89
C ILE A 374 48.10 -8.78 -26.85
N ASN A 375 47.63 -9.75 -27.63
CA ASN A 375 48.58 -10.47 -28.54
C ASN A 375 48.22 -10.20 -30.00
N THR A 376 46.97 -9.86 -30.26
CA THR A 376 46.48 -9.50 -31.60
C THR A 376 45.74 -8.16 -31.57
N GLY A 377 44.80 -8.01 -30.63
CA GLY A 377 44.02 -6.80 -30.56
C GLY A 377 42.61 -6.83 -31.15
N LYS A 378 41.99 -7.99 -31.23
CA LYS A 378 40.67 -8.19 -31.89
C LYS A 378 39.49 -7.30 -31.45
N ALA A 379 38.75 -7.82 -30.46
CA ALA A 379 37.53 -7.28 -29.83
C ALA A 379 36.79 -8.47 -29.21
N LEU A 380 37.36 -9.01 -28.12
CA LEU A 380 36.89 -10.23 -27.40
C LEU A 380 35.39 -10.19 -27.02
N GLY A 381 34.77 -11.36 -26.99
CA GLY A 381 33.34 -11.54 -26.64
C GLY A 381 33.16 -11.83 -25.15
N PRO A 382 32.12 -12.58 -24.72
CA PRO A 382 31.90 -12.85 -23.29
C PRO A 382 32.95 -13.71 -22.53
N ARG A 383 33.03 -13.48 -21.20
CA ARG A 383 33.91 -14.18 -20.23
C ARG A 383 35.34 -14.41 -20.73
N GLU A 384 35.90 -13.48 -21.50
CA GLU A 384 37.24 -13.73 -22.00
C GLU A 384 38.17 -12.57 -21.77
N LYS A 385 39.33 -12.92 -21.20
CA LYS A 385 40.36 -11.98 -20.78
C LYS A 385 41.02 -11.23 -21.96
N GLY A 386 42.02 -10.40 -21.65
CA GLY A 386 42.68 -9.52 -22.61
C GLY A 386 42.59 -8.08 -22.11
N GLU A 387 43.36 -7.15 -22.69
CA GLU A 387 43.42 -5.82 -22.12
C GLU A 387 42.11 -5.03 -22.18
N ILE A 388 41.60 -4.63 -21.02
CA ILE A 388 40.45 -3.74 -20.84
C ILE A 388 40.72 -2.22 -21.01
N CYS A 389 39.86 -1.58 -21.80
CA CYS A 389 39.99 -0.16 -22.09
C CYS A 389 38.64 0.48 -22.49
N PHE A 390 38.53 1.81 -22.48
CA PHE A 390 37.25 2.49 -22.67
C PHE A 390 37.10 3.30 -23.97
N LYS A 391 35.85 3.46 -24.43
CA LYS A 391 35.48 4.38 -25.50
C LYS A 391 34.21 5.10 -25.12
N SER A 392 34.24 6.42 -25.29
CA SER A 392 33.15 7.27 -24.87
C SER A 392 33.33 8.66 -25.45
N GLN A 393 32.24 9.40 -25.62
CA GLN A 393 32.34 10.81 -26.01
C GLN A 393 32.95 11.61 -24.88
N MET A 394 32.71 11.07 -23.69
CA MET A 394 33.12 11.68 -22.44
C MET A 394 34.62 11.54 -22.23
N LEU A 395 35.25 10.67 -23.00
CA LEU A 395 36.69 10.54 -22.90
C LEU A 395 37.43 11.78 -23.39
N MET A 396 38.59 11.98 -22.78
CA MET A 396 39.45 13.10 -23.06
C MET A 396 39.74 13.20 -24.53
N LYS A 397 39.69 14.41 -25.03
CA LYS A 397 39.89 14.61 -26.45
C LYS A 397 41.41 14.64 -26.71
N GLY A 398 42.21 14.20 -25.73
CA GLY A 398 43.65 14.16 -25.92
C GLY A 398 44.47 15.06 -25.02
N TYR A 399 45.73 15.25 -25.39
CA TYR A 399 46.66 16.12 -24.68
C TYR A 399 46.68 17.35 -25.52
N HIS A 400 47.42 18.39 -25.13
CA HIS A 400 47.23 19.62 -25.86
C HIS A 400 48.24 19.73 -27.02
N ASN A 401 49.01 20.81 -27.10
CA ASN A 401 49.97 20.99 -28.21
C ASN A 401 50.97 19.83 -28.41
N ASN A 402 50.62 18.68 -27.84
CA ASN A 402 51.37 17.43 -27.89
C ASN A 402 50.65 16.36 -28.69
N PRO A 403 51.08 16.15 -29.93
CA PRO A 403 50.45 15.16 -30.81
C PRO A 403 50.93 13.76 -30.48
N GLN A 404 52.03 13.69 -29.76
CA GLN A 404 52.63 12.42 -29.40
C GLN A 404 51.77 11.57 -28.48
N ALA A 405 51.56 12.05 -27.26
CA ALA A 405 50.93 11.24 -26.23
C ALA A 405 49.44 11.13 -26.45
N THR A 406 48.93 11.90 -27.41
CA THR A 406 47.54 11.76 -27.83
C THR A 406 47.32 10.40 -28.51
N ARG A 407 48.10 10.10 -29.56
CA ARG A 407 47.98 8.83 -30.28
C ARG A 407 48.37 7.66 -29.42
N ASP A 408 49.09 7.95 -28.36
CA ASP A 408 49.48 6.92 -27.42
C ASP A 408 48.39 6.62 -26.42
N ALA A 409 47.67 7.62 -25.94
CA ALA A 409 46.65 7.31 -24.94
C ALA A 409 45.47 6.65 -25.64
N LEU A 410 44.78 7.40 -26.47
CA LEU A 410 43.73 6.78 -27.24
C LEU A 410 44.15 6.39 -28.67
N ASP A 411 43.80 5.17 -29.01
CA ASP A 411 44.28 4.50 -30.20
C ASP A 411 43.57 4.98 -31.46
N LYS A 412 43.70 4.19 -32.53
CA LYS A 412 43.20 4.48 -33.87
C LYS A 412 41.72 4.89 -34.01
N ASP A 413 40.84 4.34 -33.20
CA ASP A 413 39.42 4.68 -33.35
C ASP A 413 38.72 4.83 -32.01
N GLY A 414 39.24 5.75 -31.21
CA GLY A 414 38.56 6.20 -30.03
C GLY A 414 38.70 5.34 -28.80
N TRP A 415 39.53 4.32 -28.86
CA TRP A 415 39.73 3.49 -27.68
C TRP A 415 40.93 3.95 -26.86
N LEU A 416 40.76 3.99 -25.55
CA LEU A 416 41.78 4.48 -24.64
C LEU A 416 42.31 3.38 -23.73
N HIS A 417 43.58 3.03 -23.88
CA HIS A 417 44.10 1.88 -23.14
C HIS A 417 44.24 2.22 -21.66
N THR A 418 43.55 1.45 -20.81
CA THR A 418 43.49 1.66 -19.35
C THR A 418 44.62 1.02 -18.53
N GLY A 419 45.08 -0.14 -18.99
CA GLY A 419 46.11 -0.90 -18.29
C GLY A 419 45.71 -2.00 -17.31
N ASP A 420 44.61 -2.71 -17.59
CA ASP A 420 44.31 -3.98 -16.92
C ASP A 420 43.84 -5.06 -17.88
N LEU A 421 43.80 -6.31 -17.41
CA LEU A 421 43.11 -7.35 -18.14
C LEU A 421 42.04 -7.87 -17.21
N GLY A 422 40.89 -8.14 -17.86
CA GLY A 422 39.57 -8.61 -17.35
C GLY A 422 38.81 -9.32 -18.46
N TYR A 423 37.45 -9.34 -18.46
CA TYR A 423 36.79 -10.17 -19.52
C TYR A 423 35.30 -9.91 -19.88
N TYR A 424 34.62 -8.77 -19.69
CA TYR A 424 33.29 -8.93 -20.19
C TYR A 424 32.68 -9.99 -19.30
N ASP A 425 31.76 -9.61 -18.41
CA ASP A 425 31.03 -10.59 -17.58
C ASP A 425 29.72 -11.14 -18.19
N GLU A 426 29.71 -11.35 -19.51
CA GLU A 426 28.60 -11.93 -20.29
C GLU A 426 27.57 -10.85 -20.64
N ASP A 427 26.75 -11.12 -21.66
CA ASP A 427 25.56 -10.34 -21.98
C ASP A 427 24.62 -10.19 -20.77
N ARG A 428 24.35 -11.31 -20.08
CA ARG A 428 23.39 -11.37 -18.97
C ARG A 428 23.85 -10.71 -17.63
N PHE A 429 25.12 -10.35 -17.53
CA PHE A 429 25.65 -9.56 -16.41
C PHE A 429 26.52 -8.37 -16.89
N ILE A 430 25.97 -7.48 -17.71
CA ILE A 430 26.74 -6.44 -18.41
C ILE A 430 27.64 -5.56 -17.53
N TYR A 431 28.25 -6.10 -16.47
CA TYR A 431 29.20 -5.31 -15.67
C TYR A 431 30.62 -5.82 -15.88
N VAL A 432 31.56 -5.18 -15.19
CA VAL A 432 32.96 -5.53 -15.34
C VAL A 432 33.60 -6.13 -14.09
N VAL A 433 34.08 -7.36 -14.23
CA VAL A 433 35.12 -7.88 -13.36
C VAL A 433 36.40 -8.13 -14.17
N ASP A 434 37.52 -7.75 -13.56
CA ASP A 434 38.83 -7.84 -14.17
C ASP A 434 39.79 -8.69 -13.33
N ARG A 435 40.59 -9.56 -13.97
CA ARG A 435 41.45 -10.59 -13.30
C ARG A 435 42.77 -10.16 -12.58
N LEU A 436 43.56 -9.24 -13.13
CA LEU A 436 44.77 -8.75 -12.42
C LEU A 436 45.01 -7.21 -12.60
N LYS A 437 45.35 -6.55 -11.49
CA LYS A 437 45.62 -5.09 -11.50
C LYS A 437 46.96 -4.83 -10.79
N GLU B 4 -37.60 -20.57 -3.15
CA GLU B 4 -36.16 -20.73 -2.92
C GLU B 4 -35.43 -19.39 -2.76
N ASN B 5 -35.83 -18.41 -3.58
CA ASN B 5 -35.16 -17.12 -3.72
C ASN B 5 -34.75 -16.38 -2.46
N ILE B 6 -33.50 -16.56 -2.06
CA ILE B 6 -33.04 -16.19 -0.72
C ILE B 6 -31.71 -15.43 -0.76
N VAL B 7 -31.50 -14.54 0.21
CA VAL B 7 -30.35 -13.65 0.18
C VAL B 7 -29.07 -14.17 0.88
N ASN B 8 -29.17 -15.37 1.44
CA ASN B 8 -28.01 -16.08 2.03
C ASN B 8 -27.30 -15.22 3.08
N GLY B 9 -26.27 -14.50 2.69
CA GLY B 9 -25.53 -13.70 3.67
C GLY B 9 -24.07 -14.04 3.63
N ASP B 10 -23.22 -13.04 3.86
CA ASP B 10 -21.74 -13.10 3.80
C ASP B 10 -21.17 -14.46 4.21
N ARG B 11 -20.38 -15.05 3.33
CA ARG B 11 -19.69 -16.31 3.67
C ARG B 11 -19.00 -16.05 5.00
N PRO B 12 -18.95 -17.01 5.94
CA PRO B 12 -18.28 -16.80 7.23
C PRO B 12 -16.76 -16.86 7.08
N ARG B 13 -16.01 -15.96 7.73
CA ARG B 13 -14.56 -15.97 7.57
C ARG B 13 -13.91 -16.90 8.57
N ASP B 14 -14.68 -17.27 9.59
CA ASP B 14 -14.34 -18.30 10.58
C ASP B 14 -15.49 -19.28 10.69
N LEU B 15 -15.29 -20.53 10.29
CA LEU B 15 -16.38 -21.50 10.39
C LEU B 15 -16.84 -21.69 11.83
N VAL B 16 -18.14 -21.81 12.04
CA VAL B 16 -18.66 -21.87 13.39
C VAL B 16 -18.05 -23.09 14.05
N PHE B 17 -17.78 -22.97 15.34
CA PHE B 17 -17.23 -24.08 16.10
C PHE B 17 -18.35 -25.04 16.40
N PRO B 18 -18.28 -26.24 15.84
CA PRO B 18 -19.33 -27.25 15.99
C PRO B 18 -19.91 -27.33 17.39
N GLY B 19 -19.07 -27.78 18.32
CA GLY B 19 -19.47 -28.15 19.67
C GLY B 19 -20.02 -27.10 20.62
N THR B 20 -20.23 -27.52 21.87
CA THR B 20 -20.85 -26.71 22.91
C THR B 20 -20.26 -25.29 23.01
N ALA B 21 -21.05 -24.32 23.45
CA ALA B 21 -20.57 -22.95 23.58
C ALA B 21 -19.63 -22.92 24.75
N GLY B 22 -19.92 -23.80 25.69
CA GLY B 22 -19.09 -23.99 26.86
C GLY B 22 -17.72 -24.50 26.48
N LEU B 23 -17.66 -25.41 25.52
CA LEU B 23 -16.39 -25.98 25.12
C LEU B 23 -15.46 -24.95 24.48
N GLN B 24 -15.96 -24.16 23.53
CA GLN B 24 -15.13 -23.10 22.93
C GLN B 24 -14.74 -22.10 24.04
N LEU B 25 -15.68 -21.73 24.90
CA LEU B 25 -15.36 -20.84 26.04
C LEU B 25 -14.27 -21.40 27.00
N TYR B 26 -14.33 -22.69 27.29
CA TYR B 26 -13.26 -23.39 28.00
C TYR B 26 -11.96 -23.19 27.23
N GLN B 27 -11.86 -23.79 26.04
CA GLN B 27 -10.64 -23.68 25.25
C GLN B 27 -10.08 -22.25 25.13
N SER B 28 -10.95 -21.25 25.14
CA SER B 28 -10.50 -19.86 25.14
C SER B 28 -9.78 -19.59 26.41
N LEU B 29 -10.50 -19.71 27.52
CA LEU B 29 -9.92 -19.40 28.81
C LEU B 29 -8.59 -20.10 29.04
N TYR B 30 -8.48 -21.32 28.52
CA TYR B 30 -7.26 -22.11 28.65
C TYR B 30 -6.14 -21.61 27.76
N LYS B 31 -6.43 -21.32 26.50
CA LYS B 31 -5.40 -20.76 25.62
C LYS B 31 -4.94 -19.41 26.18
N TYR B 32 -5.85 -18.45 26.22
CA TYR B 32 -5.50 -17.13 26.72
C TYR B 32 -5.43 -17.07 28.24
N SER B 33 -5.07 -18.18 28.86
CA SER B 33 -4.75 -18.18 30.29
C SER B 33 -3.66 -17.19 30.72
N TYR B 34 -2.74 -16.89 29.82
CA TYR B 34 -1.62 -16.08 30.25
C TYR B 34 -1.96 -14.64 30.51
N ILE B 35 -3.00 -14.14 29.85
CA ILE B 35 -3.39 -12.76 30.10
C ILE B 35 -3.69 -12.52 31.56
N THR B 36 -3.12 -11.46 32.13
CA THR B 36 -3.22 -11.23 33.57
C THR B 36 -4.21 -10.13 33.91
N ASP B 37 -4.76 -9.50 32.88
CA ASP B 37 -5.71 -8.40 33.05
C ASP B 37 -7.05 -8.70 32.41
N GLY B 38 -7.58 -9.88 32.70
CA GLY B 38 -8.80 -10.33 32.07
C GLY B 38 -9.98 -9.38 32.16
N ILE B 39 -10.35 -9.05 33.38
CA ILE B 39 -11.41 -8.08 33.61
C ILE B 39 -10.97 -7.14 34.69
N ILE B 40 -11.24 -5.85 34.49
CA ILE B 40 -10.83 -4.85 35.47
C ILE B 40 -12.03 -4.02 35.89
N ASP B 41 -12.25 -3.84 37.20
CA ASP B 41 -13.30 -2.94 37.64
C ASP B 41 -12.74 -1.54 37.43
N ALA B 42 -13.20 -0.88 36.40
CA ALA B 42 -12.78 0.48 36.14
C ALA B 42 -13.11 1.39 37.32
N HIS B 43 -14.08 0.97 38.14
CA HIS B 43 -14.44 1.71 39.33
C HIS B 43 -13.50 1.42 40.47
N THR B 44 -13.54 0.18 40.96
CA THR B 44 -12.84 -0.20 42.19
C THR B 44 -11.34 -0.30 42.01
N ASN B 45 -10.97 -0.91 40.88
CA ASN B 45 -9.61 -1.28 40.43
C ASN B 45 -9.31 -2.75 40.65
N GLU B 46 -10.18 -3.45 41.37
CA GLU B 46 -10.10 -4.91 41.50
C GLU B 46 -9.91 -5.49 40.12
N VAL B 47 -9.21 -6.61 40.03
CA VAL B 47 -8.98 -7.19 38.73
C VAL B 47 -8.89 -8.69 38.82
N ILE B 48 -9.47 -9.35 37.84
CA ILE B 48 -9.28 -10.76 37.75
C ILE B 48 -8.48 -11.04 36.49
N SER B 49 -7.81 -12.18 36.46
CA SER B 49 -7.06 -12.60 35.28
C SER B 49 -7.85 -13.64 34.50
N TYR B 50 -7.35 -14.08 33.35
CA TYR B 50 -8.02 -15.12 32.57
C TYR B 50 -7.90 -16.47 33.22
N ALA B 51 -6.70 -16.87 33.66
CA ALA B 51 -6.58 -18.21 34.14
C ALA B 51 -7.27 -18.33 35.50
N GLN B 52 -7.52 -17.15 36.12
CA GLN B 52 -8.29 -17.08 37.35
C GLN B 52 -9.71 -17.50 37.07
N ILE B 53 -10.31 -16.89 36.05
CA ILE B 53 -11.64 -17.25 35.58
C ILE B 53 -11.73 -18.72 35.14
N PHE B 54 -10.81 -19.16 34.31
CA PHE B 54 -10.62 -20.57 33.97
C PHE B 54 -10.74 -21.51 35.16
N GLU B 55 -9.97 -21.21 36.21
CA GLU B 55 -10.04 -21.93 37.47
C GLU B 55 -11.45 -21.83 38.02
N THR B 56 -11.80 -20.67 38.59
CA THR B 56 -13.11 -20.48 39.25
C THR B 56 -14.26 -21.15 38.50
N SER B 57 -14.35 -20.90 37.21
CA SER B 57 -15.43 -21.45 36.42
C SER B 57 -15.37 -22.98 36.35
N CYS B 58 -14.19 -23.57 36.19
CA CYS B 58 -14.15 -25.02 36.18
C CYS B 58 -14.51 -25.59 37.55
N ARG B 59 -14.07 -24.90 38.59
CA ARG B 59 -14.38 -25.30 39.94
C ARG B 59 -15.86 -25.28 40.15
N LEU B 60 -16.47 -24.21 39.70
CA LEU B 60 -17.89 -23.98 39.86
C LEU B 60 -18.65 -25.00 39.08
N ALA B 61 -18.13 -25.36 37.93
CA ALA B 61 -18.71 -26.41 37.10
C ALA B 61 -18.79 -27.73 37.85
N VAL B 62 -17.66 -28.22 38.33
CA VAL B 62 -17.74 -29.49 39.03
C VAL B 62 -18.53 -29.39 40.33
N SER B 63 -18.46 -28.25 41.00
CA SER B 63 -19.28 -28.02 42.19
C SER B 63 -20.77 -28.20 41.83
N LEU B 64 -21.23 -27.48 40.81
CA LEU B 64 -22.62 -27.57 40.38
C LEU B 64 -23.01 -29.01 40.03
N GLU B 65 -22.10 -29.78 39.44
CA GLU B 65 -22.47 -31.14 39.04
C GLU B 65 -22.57 -32.08 40.23
N LYS B 66 -21.67 -31.91 41.19
CA LYS B 66 -21.65 -32.81 42.34
C LYS B 66 -22.75 -32.44 43.31
N TYR B 67 -23.13 -31.17 43.29
CA TYR B 67 -24.27 -30.68 44.03
C TYR B 67 -25.54 -31.29 43.51
N GLY B 68 -25.48 -31.77 42.27
CA GLY B 68 -26.54 -32.56 41.68
C GLY B 68 -27.41 -31.87 40.64
N LEU B 69 -26.85 -30.93 39.89
CA LEU B 69 -27.64 -30.21 38.90
C LEU B 69 -27.36 -30.66 37.47
N ASP B 70 -28.39 -30.70 36.65
CA ASP B 70 -28.19 -30.96 35.21
C ASP B 70 -29.22 -30.24 34.36
N HIS B 71 -29.10 -30.42 33.05
CA HIS B 71 -29.87 -29.65 32.06
C HIS B 71 -31.29 -29.44 32.45
N ASN B 72 -31.91 -30.46 33.00
CA ASN B 72 -33.30 -30.36 33.40
C ASN B 72 -33.51 -29.35 34.53
N ASN B 73 -32.44 -28.73 35.01
CA ASN B 73 -32.57 -27.62 35.95
C ASN B 73 -32.38 -26.30 35.26
N VAL B 74 -32.38 -25.25 36.05
CA VAL B 74 -32.25 -23.91 35.55
C VAL B 74 -31.68 -23.13 36.66
N VAL B 75 -30.55 -22.50 36.42
CA VAL B 75 -29.93 -21.68 37.44
C VAL B 75 -30.06 -20.25 36.99
N ALA B 76 -30.06 -19.30 37.91
CA ALA B 76 -30.21 -17.93 37.48
C ALA B 76 -29.04 -17.14 38.01
N ILE B 77 -28.95 -15.90 37.61
CA ILE B 77 -27.99 -15.01 38.22
C ILE B 77 -28.55 -13.61 38.27
N CYS B 78 -28.60 -13.02 39.44
CA CYS B 78 -28.92 -11.60 39.47
C CYS B 78 -27.76 -10.75 39.96
N SER B 79 -27.31 -9.83 39.12
CA SER B 79 -26.10 -9.06 39.44
C SER B 79 -25.94 -7.82 38.58
N GLU B 80 -25.29 -6.80 39.14
CA GLU B 80 -24.89 -5.66 38.34
C GLU B 80 -23.61 -6.01 37.59
N ASN B 81 -23.07 -5.07 36.84
CA ASN B 81 -21.92 -5.38 36.03
C ASN B 81 -20.73 -5.62 36.92
N ASN B 82 -20.32 -6.88 37.03
CA ASN B 82 -19.28 -7.21 37.99
C ASN B 82 -18.37 -8.39 37.63
N ILE B 83 -17.07 -8.10 37.67
CA ILE B 83 -15.97 -9.01 37.40
C ILE B 83 -16.24 -10.51 37.50
N HIS B 84 -17.04 -10.91 38.47
CA HIS B 84 -17.16 -12.34 38.74
C HIS B 84 -18.35 -12.97 38.02
N PHE B 85 -19.12 -12.11 37.36
CA PHE B 85 -20.30 -12.52 36.60
C PHE B 85 -20.02 -13.76 35.77
N PHE B 86 -18.83 -13.85 35.23
CA PHE B 86 -18.61 -14.85 34.20
C PHE B 86 -18.27 -16.21 34.74
N GLY B 87 -17.79 -16.24 35.98
CA GLY B 87 -17.49 -17.52 36.60
C GLY B 87 -18.67 -18.48 36.60
N PRO B 88 -19.76 -18.11 37.29
CA PRO B 88 -20.99 -18.91 37.29
C PRO B 88 -21.55 -19.10 35.88
N LEU B 89 -21.76 -17.99 35.18
CA LEU B 89 -22.22 -18.04 33.80
C LEU B 89 -21.51 -19.12 33.00
N ILE B 90 -20.21 -18.97 32.79
CA ILE B 90 -19.43 -19.95 32.04
C ILE B 90 -19.54 -21.40 32.56
N ALA B 91 -19.62 -21.57 33.88
CA ALA B 91 -19.72 -22.93 34.41
C ALA B 91 -21.07 -23.51 34.02
N ALA B 92 -22.13 -22.70 34.04
CA ALA B 92 -23.40 -23.18 33.53
C ALA B 92 -23.19 -23.68 32.10
N LEU B 93 -22.51 -22.88 31.27
CA LEU B 93 -22.28 -23.21 29.87
C LEU B 93 -21.42 -24.46 29.72
N TYR B 94 -20.59 -24.74 30.71
CA TYR B 94 -19.74 -25.93 30.67
C TYR B 94 -20.61 -27.15 30.84
N GLN B 95 -21.53 -27.02 31.79
CA GLN B 95 -22.34 -28.12 32.28
C GLN B 95 -23.59 -28.28 31.43
N GLY B 96 -24.00 -27.22 30.76
CA GLY B 96 -25.11 -27.31 29.85
C GLY B 96 -26.37 -27.00 30.61
N ILE B 97 -26.22 -26.67 31.88
CA ILE B 97 -27.32 -26.08 32.59
C ILE B 97 -27.70 -24.72 31.96
N PRO B 98 -29.00 -24.54 31.74
CA PRO B 98 -29.56 -23.27 31.29
C PRO B 98 -29.45 -22.18 32.36
N MET B 99 -29.23 -20.93 31.93
CA MET B 99 -29.05 -19.82 32.87
C MET B 99 -30.02 -18.65 32.67
N ALA B 100 -30.59 -18.14 33.75
CA ALA B 100 -31.51 -17.01 33.67
C ALA B 100 -30.87 -15.70 34.10
N THR B 101 -30.54 -14.81 33.18
CA THR B 101 -30.06 -13.49 33.61
C THR B 101 -31.20 -12.59 34.01
N SER B 102 -31.21 -12.24 35.28
CA SER B 102 -32.22 -11.31 35.73
C SER B 102 -31.61 -9.94 35.80
N ASN B 103 -32.41 -8.96 35.41
CA ASN B 103 -32.02 -7.59 35.66
C ASN B 103 -31.89 -7.37 37.16
N ASP B 104 -30.91 -6.56 37.52
CA ASP B 104 -30.61 -6.29 38.91
C ASP B 104 -31.53 -5.22 39.50
N MET B 105 -32.01 -4.31 38.67
CA MET B 105 -32.85 -3.24 39.22
C MET B 105 -34.35 -3.43 38.93
N TYR B 106 -34.79 -4.69 38.87
CA TYR B 106 -36.23 -5.02 38.88
C TYR B 106 -36.81 -4.69 40.24
N THR B 107 -38.10 -4.40 40.31
CA THR B 107 -38.73 -4.35 41.63
C THR B 107 -39.25 -5.74 41.98
N GLU B 108 -39.57 -5.91 43.26
CA GLU B 108 -40.04 -7.18 43.83
C GLU B 108 -41.07 -7.83 42.91
N ARG B 109 -42.13 -7.04 42.66
CA ARG B 109 -43.21 -7.33 41.73
C ARG B 109 -42.72 -7.91 40.39
N GLU B 110 -41.91 -7.13 39.69
CA GLU B 110 -41.39 -7.53 38.38
C GLU B 110 -40.59 -8.81 38.48
N MET B 111 -39.73 -8.80 39.48
CA MET B 111 -38.71 -9.80 39.60
C MET B 111 -39.37 -11.15 39.77
N ILE B 112 -40.49 -11.19 40.47
CA ILE B 112 -41.09 -12.49 40.74
C ILE B 112 -41.73 -13.10 39.49
N GLY B 113 -42.42 -12.25 38.74
CA GLY B 113 -42.97 -12.66 37.47
C GLY B 113 -41.87 -13.26 36.63
N HIS B 114 -40.74 -12.54 36.55
CA HIS B 114 -39.58 -13.05 35.84
C HIS B 114 -39.21 -14.45 36.36
N LEU B 115 -38.77 -14.55 37.62
CA LEU B 115 -38.23 -15.80 38.15
C LEU B 115 -39.14 -16.99 37.94
N ASN B 116 -40.43 -16.67 37.78
CA ASN B 116 -41.45 -17.70 37.64
C ASN B 116 -41.54 -18.28 36.24
N ILE B 117 -40.85 -17.65 35.30
CA ILE B 117 -40.76 -18.14 33.94
C ILE B 117 -39.86 -19.36 33.85
N SER B 118 -38.62 -19.13 34.27
CA SER B 118 -37.53 -20.11 34.26
C SER B 118 -37.64 -21.05 35.45
N LYS B 119 -38.15 -20.52 36.56
CA LYS B 119 -38.22 -21.24 37.82
C LYS B 119 -36.88 -21.91 38.11
N PRO B 120 -35.88 -21.08 38.42
CA PRO B 120 -34.54 -21.56 38.72
C PRO B 120 -34.45 -22.06 40.15
N CYS B 121 -33.68 -23.12 40.46
CA CYS B 121 -33.51 -23.53 41.87
C CYS B 121 -32.29 -22.89 42.51
N LEU B 122 -31.24 -22.72 41.75
CA LEU B 122 -30.05 -22.06 42.27
C LEU B 122 -30.03 -20.63 41.79
N MET B 123 -29.81 -19.69 42.68
CA MET B 123 -29.64 -18.32 42.24
C MET B 123 -28.23 -17.86 42.59
N PHE B 124 -27.51 -17.30 41.64
CA PHE B 124 -26.24 -16.67 41.96
C PHE B 124 -26.56 -15.23 42.21
N CYS B 125 -25.77 -14.52 43.04
CA CYS B 125 -26.09 -13.09 43.29
C CYS B 125 -24.87 -12.28 43.73
N SER B 126 -24.96 -10.94 43.64
CA SER B 126 -23.90 -10.03 44.05
C SER B 126 -24.20 -9.49 45.43
N LYS B 127 -23.15 -9.10 46.14
CA LYS B 127 -23.25 -8.55 47.49
C LYS B 127 -24.44 -7.62 47.56
N LYS B 128 -24.41 -6.67 46.63
CA LYS B 128 -25.40 -5.60 46.53
C LYS B 128 -26.82 -6.13 46.40
N SER B 129 -26.97 -7.17 45.60
CA SER B 129 -28.28 -7.69 45.23
C SER B 129 -28.84 -8.71 46.24
N LEU B 130 -28.03 -9.10 47.21
CA LEU B 130 -28.46 -10.13 48.15
C LEU B 130 -29.71 -9.83 49.00
N PRO B 131 -29.80 -8.62 49.59
CA PRO B 131 -30.97 -8.38 50.45
C PRO B 131 -32.25 -8.63 49.68
N PHE B 132 -32.29 -7.94 48.55
CA PHE B 132 -33.33 -8.04 47.58
C PHE B 132 -33.67 -9.48 47.23
N ILE B 133 -32.70 -10.22 46.73
CA ILE B 133 -32.97 -11.57 46.28
C ILE B 133 -33.52 -12.44 47.42
N LEU B 134 -33.20 -12.07 48.65
CA LEU B 134 -33.67 -12.88 49.78
C LEU B 134 -35.11 -12.59 50.08
N LYS B 135 -35.39 -11.32 50.36
CA LYS B 135 -36.75 -10.77 50.31
C LYS B 135 -37.62 -11.55 49.30
N VAL B 136 -37.29 -11.40 48.02
CA VAL B 136 -37.91 -12.17 46.93
C VAL B 136 -38.01 -13.70 47.12
N GLN B 137 -36.99 -14.35 47.68
CA GLN B 137 -37.00 -15.81 47.77
C GLN B 137 -37.99 -16.27 48.84
N LYS B 138 -38.35 -15.33 49.70
CA LYS B 138 -39.41 -15.57 50.67
C LYS B 138 -40.80 -15.42 50.04
N HIS B 139 -40.93 -15.90 48.80
CA HIS B 139 -42.20 -16.01 48.08
C HIS B 139 -42.06 -17.26 47.24
N LEU B 140 -40.84 -17.50 46.81
CA LEU B 140 -40.56 -18.56 45.86
C LEU B 140 -40.09 -19.82 46.56
N ASP B 141 -40.94 -20.83 46.56
CA ASP B 141 -40.59 -22.06 47.23
C ASP B 141 -39.65 -22.89 46.37
N PHE B 142 -39.69 -22.63 45.07
CA PHE B 142 -38.92 -23.39 44.07
C PHE B 142 -37.44 -23.05 44.04
N LEU B 143 -37.12 -21.84 44.51
CA LEU B 143 -35.76 -21.31 44.61
C LEU B 143 -35.09 -21.79 45.90
N LYS B 144 -34.41 -22.93 45.81
CA LYS B 144 -33.88 -23.64 46.99
C LYS B 144 -32.54 -23.09 47.59
N LYS B 145 -31.61 -22.60 46.75
CA LYS B 145 -30.33 -22.08 47.27
C LYS B 145 -29.85 -20.77 46.61
N VAL B 146 -29.40 -19.84 47.42
CA VAL B 146 -28.67 -18.67 46.93
C VAL B 146 -27.13 -18.87 47.07
N ILE B 147 -26.35 -18.16 46.25
CA ILE B 147 -24.91 -18.14 46.36
C ILE B 147 -24.36 -16.76 46.03
N VAL B 148 -23.71 -16.07 46.97
CA VAL B 148 -23.03 -14.79 46.64
C VAL B 148 -21.84 -15.05 45.73
N ILE B 149 -21.61 -14.19 44.74
CA ILE B 149 -20.52 -14.44 43.81
C ILE B 149 -19.29 -13.58 44.01
N ASP B 150 -19.45 -12.42 44.61
CA ASP B 150 -18.31 -11.53 44.75
C ASP B 150 -17.93 -11.26 46.20
N SER B 151 -17.77 -12.32 46.97
CA SER B 151 -17.38 -12.14 48.37
C SER B 151 -16.76 -13.41 48.89
N MET B 152 -15.67 -13.25 49.61
CA MET B 152 -14.89 -14.38 50.06
C MET B 152 -15.57 -15.09 51.19
N TYR B 153 -16.25 -14.34 52.03
CA TYR B 153 -16.93 -14.93 53.17
C TYR B 153 -18.43 -15.05 52.92
N ASP B 154 -19.01 -16.05 53.54
CA ASP B 154 -20.43 -16.28 53.48
C ASP B 154 -21.12 -15.13 54.15
N ILE B 155 -22.38 -14.91 53.78
CA ILE B 155 -23.13 -13.83 54.41
C ILE B 155 -24.31 -14.36 55.21
N ASN B 156 -24.18 -14.38 56.53
CA ASN B 156 -25.32 -14.71 57.36
C ASN B 156 -25.95 -15.98 56.90
N GLY B 157 -25.13 -17.01 56.71
CA GLY B 157 -25.66 -18.27 56.21
C GLY B 157 -25.79 -18.37 54.69
N VAL B 158 -25.68 -17.24 53.98
CA VAL B 158 -25.74 -17.29 52.52
C VAL B 158 -24.41 -17.71 51.94
N GLU B 159 -24.37 -18.91 51.36
CA GLU B 159 -23.11 -19.49 50.97
C GLU B 159 -22.53 -18.75 49.80
N CYS B 160 -21.25 -18.40 49.87
CA CYS B 160 -20.64 -17.70 48.76
C CYS B 160 -19.95 -18.67 47.83
N VAL B 161 -19.50 -18.19 46.68
CA VAL B 161 -19.00 -19.08 45.63
C VAL B 161 -17.80 -19.84 46.11
N PHE B 162 -17.00 -19.21 46.94
CA PHE B 162 -15.78 -19.86 47.33
C PHE B 162 -15.99 -21.06 48.25
N SER B 163 -16.84 -20.91 49.26
CA SER B 163 -17.12 -21.99 50.23
C SER B 163 -17.81 -23.11 49.49
N PHE B 164 -18.70 -22.68 48.61
CA PHE B 164 -19.45 -23.58 47.79
C PHE B 164 -18.50 -24.44 46.97
N VAL B 165 -17.56 -23.81 46.27
CA VAL B 165 -16.65 -24.54 45.40
C VAL B 165 -15.68 -25.44 46.18
N SER B 166 -15.34 -24.97 47.37
CA SER B 166 -14.35 -25.65 48.18
C SER B 166 -14.91 -26.94 48.78
N ARG B 167 -16.21 -26.97 49.07
CA ARG B 167 -16.84 -28.23 49.50
C ARG B 167 -16.47 -29.35 48.55
N TYR B 168 -16.36 -29.03 47.27
CA TYR B 168 -16.36 -30.03 46.21
C TYR B 168 -15.02 -30.16 45.49
N THR B 169 -14.19 -29.13 45.54
CA THR B 169 -12.82 -29.26 45.05
C THR B 169 -11.77 -28.82 46.06
N ASP B 170 -10.58 -29.38 45.90
CA ASP B 170 -9.50 -29.30 46.90
C ASP B 170 -8.40 -28.38 46.47
N HIS B 171 -7.27 -28.43 47.19
CA HIS B 171 -6.16 -27.56 46.91
C HIS B 171 -5.58 -27.82 45.53
N ALA B 172 -5.61 -29.08 45.12
CA ALA B 172 -4.85 -29.50 43.94
C ALA B 172 -5.69 -29.65 42.67
N PHE B 173 -6.83 -28.97 42.62
CA PHE B 173 -7.73 -29.12 41.49
C PHE B 173 -7.17 -28.44 40.27
N ASP B 174 -7.16 -29.16 39.16
CA ASP B 174 -6.61 -28.64 37.91
C ASP B 174 -7.60 -28.50 36.77
N PRO B 175 -7.89 -27.26 36.37
CA PRO B 175 -8.89 -27.04 35.32
C PRO B 175 -8.46 -27.67 34.00
N VAL B 176 -7.16 -27.67 33.70
CA VAL B 176 -6.68 -28.19 32.41
C VAL B 176 -7.02 -29.68 32.26
N LYS B 177 -7.55 -30.30 33.31
CA LYS B 177 -7.92 -31.72 33.33
C LYS B 177 -9.41 -31.94 33.30
N PHE B 178 -10.14 -30.88 33.59
CA PHE B 178 -11.59 -30.86 33.53
C PHE B 178 -12.12 -30.87 32.12
N ASN B 179 -13.11 -31.68 31.79
CA ASN B 179 -13.76 -31.52 30.49
C ASN B 179 -15.19 -31.03 30.62
N PRO B 180 -15.62 -30.12 29.72
CA PRO B 180 -17.01 -29.68 29.84
C PRO B 180 -17.90 -30.77 29.31
N LYS B 181 -19.19 -30.73 29.68
CA LYS B 181 -20.12 -31.77 29.29
C LYS B 181 -20.46 -31.59 27.83
N GLU B 182 -20.67 -32.70 27.13
CA GLU B 182 -20.89 -32.67 25.69
C GLU B 182 -22.33 -32.96 25.24
N PHE B 183 -22.83 -32.13 24.35
CA PHE B 183 -24.19 -32.26 23.86
C PHE B 183 -24.34 -31.57 22.53
N ASP B 184 -25.53 -31.64 21.95
CA ASP B 184 -25.79 -30.90 20.71
C ASP B 184 -26.10 -29.45 21.01
N PRO B 185 -25.28 -28.54 20.46
CA PRO B 185 -25.23 -27.14 20.82
C PRO B 185 -26.46 -26.40 20.39
N LEU B 186 -27.34 -27.12 19.72
CA LEU B 186 -28.44 -26.50 19.04
C LEU B 186 -29.75 -26.82 19.69
N GLU B 187 -29.78 -27.90 20.45
CA GLU B 187 -30.99 -28.27 21.14
C GLU B 187 -30.95 -27.85 22.62
N ARG B 188 -29.75 -27.63 23.12
CA ARG B 188 -29.57 -27.23 24.50
C ARG B 188 -29.79 -25.74 24.66
N THR B 189 -30.66 -25.36 25.57
CA THR B 189 -30.78 -23.96 25.93
C THR B 189 -29.48 -23.54 26.60
N ALA B 190 -29.08 -22.30 26.38
CA ALA B 190 -27.91 -21.77 27.06
C ALA B 190 -28.36 -20.72 28.04
N LEU B 191 -29.19 -19.83 27.54
CA LEU B 191 -29.68 -18.71 28.30
C LEU B 191 -31.19 -18.59 28.18
N ILE B 192 -31.78 -17.85 29.11
CA ILE B 192 -33.22 -17.65 29.20
C ILE B 192 -33.38 -16.23 29.71
N MET B 193 -33.05 -15.28 28.84
CA MET B 193 -33.08 -13.86 29.21
C MET B 193 -34.45 -13.26 28.87
N THR B 194 -35.13 -12.71 29.86
CA THR B 194 -36.51 -12.33 29.61
C THR B 194 -36.56 -10.93 29.05
N SER B 195 -37.51 -10.71 28.14
CA SER B 195 -37.76 -9.39 27.60
C SER B 195 -39.25 -9.13 27.47
N SER B 196 -39.64 -7.89 27.73
CA SER B 196 -41.03 -7.46 27.55
C SER B 196 -41.09 -6.24 26.66
N GLY B 197 -42.21 -5.53 26.75
CA GLY B 197 -42.54 -4.51 25.78
C GLY B 197 -43.61 -5.12 24.89
N THR B 198 -43.20 -5.92 23.91
CA THR B 198 -44.11 -6.51 22.92
C THR B 198 -45.29 -7.22 23.58
N THR B 199 -46.46 -7.09 22.96
CA THR B 199 -47.76 -7.48 23.53
C THR B 199 -48.01 -6.82 24.92
N GLY B 200 -47.13 -7.07 25.89
CA GLY B 200 -47.23 -6.42 27.20
C GLY B 200 -47.30 -7.39 28.37
N LEU B 201 -46.29 -8.26 28.45
CA LEU B 201 -46.28 -9.34 29.45
C LEU B 201 -44.84 -9.83 29.71
N PRO B 202 -44.59 -10.46 30.87
CA PRO B 202 -43.29 -11.13 31.09
C PRO B 202 -43.13 -12.42 30.28
N LYS B 203 -42.26 -12.41 29.28
CA LYS B 203 -42.01 -13.60 28.48
C LYS B 203 -40.51 -13.83 28.31
N GLY B 204 -40.08 -15.07 28.54
CA GLY B 204 -38.66 -15.39 28.58
C GLY B 204 -38.09 -15.99 27.31
N VAL B 205 -37.14 -15.28 26.69
CA VAL B 205 -36.55 -15.69 25.41
C VAL B 205 -35.58 -16.87 25.54
N VAL B 206 -35.51 -17.74 24.53
CA VAL B 206 -34.62 -18.88 24.60
C VAL B 206 -33.46 -18.74 23.62
N ILE B 207 -32.24 -18.65 24.14
CA ILE B 207 -31.02 -18.64 23.30
C ILE B 207 -30.33 -20.01 23.25
N SER B 208 -29.92 -20.48 22.07
CA SER B 208 -29.23 -21.78 22.04
C SER B 208 -27.77 -21.59 22.38
N HIS B 209 -27.00 -22.69 22.42
CA HIS B 209 -25.55 -22.59 22.49
C HIS B 209 -25.03 -22.14 21.13
N ARG B 210 -25.58 -22.70 20.06
CA ARG B 210 -25.13 -22.38 18.71
C ARG B 210 -25.22 -20.90 18.43
N SER B 211 -26.24 -20.27 18.99
CA SER B 211 -26.42 -18.83 18.88
C SER B 211 -25.20 -18.11 19.42
N ILE B 212 -24.58 -18.75 20.39
CA ILE B 212 -23.45 -18.17 21.06
C ILE B 212 -22.23 -18.50 20.24
N THR B 213 -22.15 -19.69 19.66
CA THR B 213 -20.97 -19.98 18.84
C THR B 213 -20.90 -19.05 17.64
N ILE B 214 -22.04 -18.93 16.97
CA ILE B 214 -22.21 -18.01 15.88
C ILE B 214 -21.83 -16.61 16.29
N ARG B 215 -22.45 -16.17 17.37
CA ARG B 215 -22.13 -14.91 17.96
C ARG B 215 -20.61 -14.67 18.00
N PHE B 216 -19.87 -15.68 18.44
CA PHE B 216 -18.40 -15.57 18.51
C PHE B 216 -17.81 -15.49 17.13
N VAL B 217 -18.47 -16.15 16.19
CA VAL B 217 -17.98 -16.19 14.83
C VAL B 217 -17.99 -14.79 14.28
N HIS B 218 -19.08 -14.08 14.53
CA HIS B 218 -19.17 -12.69 14.12
C HIS B 218 -18.11 -11.85 14.80
N SER B 219 -17.93 -12.01 16.11
CA SER B 219 -16.92 -11.18 16.77
C SER B 219 -15.51 -11.41 16.20
N SER B 220 -15.26 -12.63 15.73
CA SER B 220 -13.97 -12.95 15.14
C SER B 220 -13.82 -12.33 13.76
N ASP B 221 -14.95 -12.00 13.13
CA ASP B 221 -14.96 -11.53 11.74
C ASP B 221 -14.23 -10.21 11.64
N PRO B 222 -13.19 -10.17 10.81
CA PRO B 222 -12.23 -9.08 10.70
C PRO B 222 -12.74 -7.89 9.88
N ILE B 223 -13.87 -8.07 9.18
CA ILE B 223 -14.56 -6.97 8.50
C ILE B 223 -15.69 -6.45 9.40
N TYR B 224 -16.29 -7.34 10.17
CA TYR B 224 -17.46 -7.00 10.98
C TYR B 224 -17.08 -6.84 12.45
N GLY B 225 -17.12 -7.93 13.22
CA GLY B 225 -16.71 -7.91 14.63
C GLY B 225 -15.38 -7.22 14.90
N THR B 226 -15.16 -6.79 16.15
CA THR B 226 -13.99 -5.93 16.47
C THR B 226 -12.66 -6.65 16.21
N ARG B 227 -11.95 -6.23 15.15
CA ARG B 227 -10.68 -6.82 14.75
C ARG B 227 -9.50 -6.11 15.46
N ILE B 228 -9.33 -6.35 16.76
CA ILE B 228 -8.20 -5.79 17.49
C ILE B 228 -7.37 -6.89 18.17
N ALA B 229 -6.09 -6.60 18.37
CA ALA B 229 -5.12 -7.57 18.85
C ALA B 229 -5.44 -8.15 20.23
N PRO B 230 -5.49 -9.49 20.33
CA PRO B 230 -5.54 -10.22 21.61
C PRO B 230 -4.49 -9.76 22.62
N ASP B 231 -4.94 -9.35 23.81
CA ASP B 231 -4.18 -8.68 24.88
C ASP B 231 -4.06 -7.19 24.58
N THR B 232 -5.19 -6.56 24.26
CA THR B 232 -5.31 -5.11 24.17
C THR B 232 -6.63 -4.73 24.82
N SER B 233 -6.76 -3.51 25.31
CA SER B 233 -7.83 -3.17 26.26
C SER B 233 -9.14 -2.70 25.63
N ILE B 234 -10.19 -3.50 25.73
CA ILE B 234 -11.52 -3.09 25.26
C ILE B 234 -12.45 -2.73 26.41
N LEU B 235 -13.30 -1.73 26.23
CA LEU B 235 -14.26 -1.35 27.26
C LEU B 235 -15.62 -2.05 27.14
N ALA B 236 -16.11 -2.54 28.28
CA ALA B 236 -17.42 -3.12 28.38
C ALA B 236 -18.23 -2.25 29.33
N ILE B 237 -19.46 -1.94 28.95
CA ILE B 237 -20.24 -0.96 29.69
C ILE B 237 -21.75 -1.19 29.60
N ALA B 238 -22.18 -1.92 28.59
CA ALA B 238 -23.59 -2.25 28.54
C ALA B 238 -23.91 -3.34 29.55
N PRO B 239 -24.95 -3.14 30.37
CA PRO B 239 -25.47 -4.04 31.39
C PRO B 239 -25.42 -5.53 31.01
N PHE B 240 -24.76 -6.35 31.82
CA PHE B 240 -24.53 -7.76 31.51
C PHE B 240 -25.78 -8.64 31.48
N HIS B 241 -26.88 -8.14 32.04
CA HIS B 241 -28.09 -8.94 32.27
C HIS B 241 -29.09 -8.77 31.14
N HIS B 242 -28.61 -8.12 30.09
CA HIS B 242 -29.34 -7.98 28.84
C HIS B 242 -28.50 -8.62 27.74
N ALA B 243 -29.15 -9.08 26.68
CA ALA B 243 -28.45 -9.84 25.65
C ALA B 243 -27.36 -9.06 24.93
N PHE B 244 -27.65 -7.85 24.46
CA PHE B 244 -26.63 -7.05 23.79
C PHE B 244 -25.30 -7.03 24.57
N GLY B 245 -25.36 -6.51 25.80
CA GLY B 245 -24.20 -6.46 26.70
C GLY B 245 -23.56 -7.79 27.11
N LEU B 246 -24.39 -8.80 27.39
CA LEU B 246 -23.87 -10.10 27.79
C LEU B 246 -23.08 -10.75 26.68
N PHE B 247 -23.59 -10.71 25.45
CA PHE B 247 -22.92 -11.45 24.41
C PHE B 247 -21.75 -10.70 23.86
N THR B 248 -21.89 -9.38 23.72
CA THR B 248 -20.73 -8.58 23.32
C THR B 248 -19.59 -8.67 24.36
N ALA B 249 -19.93 -8.83 25.64
CA ALA B 249 -18.89 -9.05 26.67
C ALA B 249 -18.34 -10.47 26.61
N LEU B 250 -19.23 -11.44 26.52
CA LEU B 250 -18.86 -12.86 26.53
C LEU B 250 -17.98 -13.22 25.35
N ALA B 251 -18.13 -12.47 24.27
CA ALA B 251 -17.47 -12.79 23.03
C ALA B 251 -16.11 -12.16 23.02
N TYR B 252 -15.85 -11.29 23.98
CA TYR B 252 -14.52 -10.73 24.10
C TYR B 252 -13.51 -11.81 24.49
N PHE B 253 -13.98 -12.93 25.05
CA PHE B 253 -13.07 -13.96 25.52
C PHE B 253 -12.42 -14.84 24.45
N PRO B 254 -13.16 -15.22 23.42
CA PRO B 254 -12.48 -16.05 22.43
C PRO B 254 -11.35 -15.37 21.65
N VAL B 255 -11.21 -14.07 21.84
CA VAL B 255 -10.21 -13.33 21.12
C VAL B 255 -9.22 -12.82 22.13
N GLY B 256 -9.41 -13.23 23.37
CA GLY B 256 -8.49 -12.92 24.45
C GLY B 256 -8.19 -11.46 24.70
N LEU B 257 -9.20 -10.69 25.12
CA LEU B 257 -9.01 -9.26 25.28
C LEU B 257 -8.96 -8.82 26.71
N LYS B 258 -8.08 -7.85 26.97
CA LYS B 258 -8.04 -7.15 28.24
C LYS B 258 -9.27 -6.26 28.40
N ILE B 259 -10.34 -6.83 28.96
CA ILE B 259 -11.57 -6.10 29.25
C ILE B 259 -11.45 -5.16 30.43
N VAL B 260 -11.84 -3.90 30.25
CA VAL B 260 -12.09 -3.07 31.42
C VAL B 260 -13.55 -2.70 31.33
N MET B 261 -14.20 -2.61 32.47
CA MET B 261 -15.65 -2.56 32.47
C MET B 261 -16.16 -1.59 33.49
N VAL B 262 -17.13 -0.80 33.07
CA VAL B 262 -17.76 0.15 33.93
C VAL B 262 -19.17 -0.38 34.18
N LYS B 263 -19.70 -0.08 35.36
CA LYS B 263 -20.98 -0.64 35.77
C LYS B 263 -22.13 0.16 35.19
N LYS B 264 -22.02 1.48 35.20
CA LYS B 264 -23.11 2.24 34.60
C LYS B 264 -22.61 3.39 33.73
N PHE B 265 -23.38 3.60 32.66
CA PHE B 265 -23.13 4.49 31.52
C PHE B 265 -23.06 5.99 31.80
N GLU B 266 -23.53 6.42 32.97
CA GLU B 266 -23.87 7.83 33.16
C GLU B 266 -22.64 8.74 33.25
N GLY B 267 -22.80 9.94 32.71
CA GLY B 267 -21.79 10.97 32.78
C GLY B 267 -20.48 10.66 32.08
N GLU B 268 -19.42 11.27 32.60
CA GLU B 268 -18.14 11.45 31.93
C GLU B 268 -17.03 10.68 32.60
N PHE B 269 -17.43 9.77 33.48
CA PHE B 269 -16.49 8.85 34.10
C PHE B 269 -15.88 8.07 32.95
N PHE B 270 -16.72 7.93 31.93
CA PHE B 270 -16.43 7.24 30.68
C PHE B 270 -15.19 7.75 29.94
N LEU B 271 -15.11 9.06 29.78
CA LEU B 271 -13.99 9.69 29.11
C LEU B 271 -12.74 9.36 29.88
N LYS B 272 -12.86 9.53 31.18
CA LYS B 272 -11.73 9.35 32.05
C LYS B 272 -11.15 7.95 31.85
N THR B 273 -12.00 6.94 31.98
CA THR B 273 -11.60 5.53 31.88
C THR B 273 -10.95 5.20 30.54
N ILE B 274 -11.69 5.44 29.47
CA ILE B 274 -11.22 5.21 28.13
C ILE B 274 -9.90 5.92 27.88
N GLN B 275 -9.61 6.92 28.71
CA GLN B 275 -8.30 7.54 28.67
C GLN B 275 -7.23 6.80 29.50
N ASN B 276 -7.51 6.65 30.79
CA ASN B 276 -6.55 6.16 31.78
C ASN B 276 -6.27 4.67 31.67
N TYR B 277 -6.87 4.02 30.69
CA TYR B 277 -6.65 2.60 30.43
C TYR B 277 -6.16 2.36 29.00
N LYS B 278 -6.03 3.45 28.23
CA LYS B 278 -5.63 3.40 26.82
C LYS B 278 -6.53 2.48 26.02
N ILE B 279 -7.84 2.73 26.02
CA ILE B 279 -8.82 1.78 25.48
C ILE B 279 -8.93 1.79 23.95
N ALA B 280 -8.73 0.62 23.36
CA ALA B 280 -8.67 0.46 21.92
C ALA B 280 -10.03 0.58 21.27
N SER B 281 -10.89 -0.40 21.47
CA SER B 281 -12.20 -0.38 20.84
C SER B 281 -13.25 -0.10 21.91
N ILE B 282 -14.42 0.37 21.49
CA ILE B 282 -15.58 0.33 22.37
C ILE B 282 -16.82 -0.12 21.59
N VAL B 283 -17.78 -0.69 22.32
CA VAL B 283 -19.08 -1.06 21.77
C VAL B 283 -20.10 -0.49 22.73
N VAL B 284 -21.03 0.32 22.22
CA VAL B 284 -21.96 1.04 23.11
C VAL B 284 -23.39 1.17 22.55
N PRO B 285 -24.35 1.55 23.41
CA PRO B 285 -25.70 1.91 22.96
C PRO B 285 -25.84 3.40 22.62
N PRO B 286 -26.77 3.77 21.71
CA PRO B 286 -27.00 5.14 21.19
C PRO B 286 -27.10 6.32 22.19
N PRO B 287 -27.49 6.06 23.47
CA PRO B 287 -27.33 7.13 24.46
C PRO B 287 -25.95 7.78 24.43
N ILE B 288 -24.93 6.95 24.66
CA ILE B 288 -23.58 7.48 24.71
C ILE B 288 -23.06 7.70 23.30
N MET B 289 -23.80 7.30 22.28
CA MET B 289 -23.46 7.70 20.93
C MET B 289 -23.70 9.18 20.78
N VAL B 290 -24.92 9.60 21.07
CA VAL B 290 -25.26 11.01 20.95
C VAL B 290 -24.41 11.83 21.93
N TYR B 291 -24.19 11.36 23.16
CA TYR B 291 -23.29 12.07 24.09
C TYR B 291 -21.88 12.13 23.49
N LEU B 292 -21.49 11.10 22.76
CA LEU B 292 -20.18 11.07 22.16
C LEU B 292 -20.06 12.18 21.12
N ALA B 293 -20.98 12.21 20.16
CA ALA B 293 -20.96 13.23 19.12
C ALA B 293 -21.15 14.62 19.71
N LYS B 294 -22.39 14.90 20.11
CA LYS B 294 -22.79 16.23 20.56
C LYS B 294 -22.71 16.37 22.08
N SER B 295 -21.51 16.54 22.62
CA SER B 295 -21.35 16.95 24.02
C SER B 295 -19.98 17.55 24.26
N PRO B 296 -19.93 18.66 25.00
CA PRO B 296 -18.73 19.51 24.96
C PRO B 296 -17.53 18.86 25.61
N LEU B 297 -16.36 19.36 25.26
CA LEU B 297 -15.12 19.16 26.04
C LEU B 297 -14.87 17.69 26.36
N VAL B 298 -15.50 16.83 25.58
CA VAL B 298 -15.19 15.42 25.55
C VAL B 298 -13.89 15.23 24.77
N ASP B 299 -13.36 16.34 24.29
CA ASP B 299 -12.04 16.38 23.67
C ASP B 299 -11.10 17.10 24.63
N GLU B 300 -11.44 17.05 25.91
CA GLU B 300 -10.55 17.58 26.94
C GLU B 300 -9.91 16.43 27.71
N TYR B 301 -10.46 15.23 27.55
CA TYR B 301 -9.73 13.99 27.83
C TYR B 301 -9.14 13.44 26.51
N ASN B 302 -7.99 12.77 26.59
CA ASN B 302 -7.32 12.22 25.40
C ASN B 302 -7.91 10.87 24.96
N LEU B 303 -8.61 10.86 23.83
CA LEU B 303 -9.18 9.62 23.31
C LEU B 303 -8.46 9.19 22.05
N SER B 304 -7.13 9.19 22.11
CA SER B 304 -6.30 8.89 20.94
C SER B 304 -6.02 7.41 20.82
N SER B 305 -6.50 6.63 21.79
CA SER B 305 -6.23 5.20 21.79
C SER B 305 -7.28 4.45 20.97
N LEU B 306 -8.22 5.20 20.38
CA LEU B 306 -9.49 4.65 19.91
C LEU B 306 -9.58 4.13 18.46
N THR B 307 -9.00 2.95 18.24
CA THR B 307 -9.07 2.21 16.98
C THR B 307 -10.47 1.97 16.40
N GLU B 308 -11.37 1.42 17.19
CA GLU B 308 -12.64 0.99 16.67
C GLU B 308 -13.79 1.37 17.60
N ILE B 309 -14.98 1.52 17.03
CA ILE B 309 -16.23 1.81 17.75
C ILE B 309 -17.40 1.01 17.15
N ALA B 310 -18.18 0.29 17.94
CA ALA B 310 -19.38 -0.34 17.38
C ALA B 310 -20.65 0.23 18.01
N CYS B 311 -21.81 0.04 17.39
CA CYS B 311 -23.04 0.39 18.11
C CYS B 311 -24.26 -0.49 17.80
N GLY B 312 -24.70 -1.21 18.83
CA GLY B 312 -25.69 -2.26 18.66
C GLY B 312 -27.01 -2.12 19.41
N GLY B 313 -27.72 -1.01 19.22
CA GLY B 313 -29.08 -0.93 19.72
C GLY B 313 -29.94 -0.19 18.70
N SER B 314 -30.64 0.84 19.15
CA SER B 314 -31.48 1.65 18.27
C SER B 314 -30.67 2.81 17.68
N PRO B 315 -30.03 2.59 16.51
CA PRO B 315 -28.95 3.48 16.05
C PRO B 315 -29.45 4.84 15.54
N LEU B 316 -29.07 5.93 16.23
CA LEU B 316 -29.40 7.29 15.80
C LEU B 316 -28.69 7.55 14.49
N GLY B 317 -29.30 7.03 13.41
CA GLY B 317 -28.76 7.11 12.04
C GLY B 317 -29.04 8.52 11.53
N ARG B 318 -29.47 9.43 12.43
CA ARG B 318 -29.70 10.84 12.03
C ARG B 318 -28.41 11.37 11.37
N ASP B 319 -27.40 11.65 12.21
CA ASP B 319 -26.04 12.09 11.79
C ASP B 319 -25.26 12.11 13.11
N ILE B 320 -25.33 11.05 13.93
CA ILE B 320 -24.59 11.12 15.15
C ILE B 320 -23.42 10.23 14.89
N ALA B 321 -23.70 9.18 14.12
CA ALA B 321 -22.71 8.23 13.67
C ALA B 321 -21.54 8.89 12.93
N ASP B 322 -21.87 9.81 12.03
CA ASP B 322 -20.83 10.49 11.26
C ASP B 322 -20.07 11.48 12.12
N LYS B 323 -20.84 12.27 12.87
CA LYS B 323 -20.27 13.27 13.75
C LYS B 323 -19.23 12.60 14.65
N VAL B 324 -19.56 11.42 15.19
CA VAL B 324 -18.60 10.74 16.06
C VAL B 324 -17.41 10.17 15.31
N ALA B 325 -17.65 9.46 14.20
CA ALA B 325 -16.54 8.88 13.44
C ALA B 325 -15.54 9.97 13.05
N LYS B 326 -16.06 11.18 12.90
CA LYS B 326 -15.24 12.36 12.57
C LYS B 326 -14.49 12.87 13.78
N ARG B 327 -15.23 13.24 14.82
CA ARG B 327 -14.63 13.73 16.07
C ARG B 327 -13.48 12.86 16.58
N LEU B 328 -13.70 11.55 16.54
CA LEU B 328 -12.77 10.66 17.17
C LEU B 328 -11.83 10.00 16.20
N LYS B 329 -11.93 10.45 14.95
CA LYS B 329 -11.05 10.02 13.89
C LYS B 329 -10.94 8.52 13.96
N VAL B 330 -12.05 7.86 13.68
CA VAL B 330 -12.09 6.42 13.84
C VAL B 330 -12.44 5.83 12.49
N HIS B 331 -11.96 4.62 12.27
CA HIS B 331 -11.90 4.00 10.95
C HIS B 331 -13.27 3.97 10.26
N GLY B 332 -14.30 4.33 11.00
CA GLY B 332 -15.66 4.31 10.51
C GLY B 332 -16.47 3.48 11.47
N ILE B 333 -17.40 4.12 12.17
CA ILE B 333 -18.37 3.41 12.98
C ILE B 333 -19.44 2.99 12.01
N LEU B 334 -19.57 1.69 11.80
CA LEU B 334 -20.63 1.22 10.92
C LEU B 334 -21.16 -0.01 11.65
N GLN B 335 -22.48 -0.03 11.75
CA GLN B 335 -23.24 -1.01 12.55
C GLN B 335 -24.30 -1.71 11.71
N GLY B 336 -25.30 -2.29 12.37
CA GLY B 336 -26.32 -3.10 11.66
C GLY B 336 -27.77 -2.66 11.69
N TYR B 337 -28.68 -3.62 11.46
CA TYR B 337 -30.15 -3.36 11.47
C TYR B 337 -30.90 -4.68 11.64
N GLY B 338 -31.91 -4.69 12.54
CA GLY B 338 -32.71 -5.91 12.80
C GLY B 338 -33.36 -5.86 14.16
N LEU B 339 -32.55 -5.72 15.22
CA LEU B 339 -33.05 -5.65 16.61
C LEU B 339 -34.05 -6.79 16.88
N THR B 340 -33.59 -8.00 16.56
CA THR B 340 -34.43 -9.22 16.64
C THR B 340 -34.94 -9.41 18.06
N GLU B 341 -34.40 -8.63 19.00
CA GLU B 341 -34.66 -8.63 20.48
C GLU B 341 -33.78 -9.67 21.19
N THR B 342 -33.45 -10.77 20.52
CA THR B 342 -32.56 -11.86 20.99
C THR B 342 -31.12 -11.38 20.76
N CYS B 343 -30.41 -12.01 19.84
CA CYS B 343 -29.05 -11.57 19.51
C CYS B 343 -29.16 -10.52 18.41
N SER B 344 -29.20 -9.26 18.83
CA SER B 344 -29.27 -8.11 17.93
C SER B 344 -28.28 -8.19 16.77
N ALA B 345 -28.33 -7.20 15.88
CA ALA B 345 -27.38 -7.06 14.77
C ALA B 345 -27.38 -8.23 13.79
N LEU B 346 -28.14 -8.09 12.71
CA LEU B 346 -28.20 -9.09 11.65
C LEU B 346 -28.41 -8.30 10.39
N ILE B 347 -27.37 -8.13 9.60
CA ILE B 347 -27.47 -7.26 8.44
C ILE B 347 -26.95 -5.82 8.50
N LEU B 348 -25.64 -5.67 8.77
CA LEU B 348 -24.97 -4.38 9.00
C LEU B 348 -23.76 -3.94 8.16
N SER B 349 -23.44 -2.64 8.25
CA SER B 349 -22.51 -1.98 7.32
C SER B 349 -21.02 -1.97 7.71
N PRO B 363 -26.67 -8.95 4.83
CA PRO B 363 -26.78 -10.00 5.84
C PRO B 363 -25.44 -10.39 6.42
N MET B 364 -25.49 -10.99 7.60
CA MET B 364 -24.30 -11.38 8.32
C MET B 364 -24.12 -12.86 8.29
N PRO B 365 -22.87 -13.32 8.34
CA PRO B 365 -22.53 -14.73 8.32
C PRO B 365 -23.53 -15.56 9.09
N TYR B 366 -23.93 -16.71 8.53
CA TYR B 366 -24.88 -17.65 9.14
C TYR B 366 -26.30 -17.09 9.31
N VAL B 367 -26.53 -15.87 8.84
CA VAL B 367 -27.87 -15.30 8.81
C VAL B 367 -28.36 -15.27 7.39
N GLN B 368 -29.58 -15.68 7.13
CA GLN B 368 -30.14 -15.38 5.81
C GLN B 368 -31.43 -14.61 5.94
N VAL B 369 -31.93 -14.13 4.81
CA VAL B 369 -33.13 -13.30 4.81
C VAL B 369 -33.84 -13.49 3.46
N LYS B 370 -35.13 -13.18 3.44
CA LYS B 370 -35.87 -13.09 2.19
C LYS B 370 -36.95 -12.05 2.37
N VAL B 371 -37.54 -11.58 1.28
CA VAL B 371 -38.74 -10.76 1.39
C VAL B 371 -39.89 -11.55 0.79
N ILE B 372 -41.08 -11.34 1.33
CA ILE B 372 -42.23 -12.13 0.95
C ILE B 372 -43.35 -11.25 0.45
N ASP B 373 -44.49 -11.86 0.17
CA ASP B 373 -45.64 -11.04 -0.15
C ASP B 373 -46.27 -10.51 1.07
N ILE B 374 -46.71 -9.29 0.95
CA ILE B 374 -47.70 -8.79 1.85
C ILE B 374 -48.86 -9.79 1.90
N ASN B 375 -49.16 -10.44 0.76
CA ASN B 375 -50.35 -11.28 0.67
C ASN B 375 -50.14 -12.78 0.54
N THR B 376 -49.35 -13.20 -0.45
CA THR B 376 -49.04 -14.62 -0.64
C THR B 376 -48.18 -15.13 0.45
N GLY B 377 -46.88 -14.83 0.33
CA GLY B 377 -45.91 -15.25 1.30
C GLY B 377 -44.86 -16.07 0.62
N LYS B 378 -44.81 -15.94 -0.70
CA LYS B 378 -43.75 -16.59 -1.44
C LYS B 378 -42.55 -15.66 -1.56
N ALA B 379 -41.37 -16.25 -1.62
CA ALA B 379 -40.15 -15.50 -1.69
C ALA B 379 -40.10 -14.64 -2.94
N LEU B 380 -39.80 -13.35 -2.78
CA LEU B 380 -39.73 -12.45 -3.93
C LEU B 380 -38.40 -12.52 -4.62
N GLY B 381 -38.12 -11.47 -5.38
CA GLY B 381 -36.90 -11.38 -6.15
C GLY B 381 -36.28 -10.04 -5.86
N PRO B 382 -35.22 -9.72 -6.60
CA PRO B 382 -34.46 -8.49 -6.37
C PRO B 382 -35.32 -7.29 -6.64
N ARG B 383 -35.09 -6.21 -5.91
CA ARG B 383 -35.86 -4.99 -6.06
C ARG B 383 -37.36 -5.28 -6.14
N GLU B 384 -37.83 -6.14 -5.24
CA GLU B 384 -39.26 -6.37 -5.12
C GLU B 384 -39.69 -6.16 -3.68
N LYS B 385 -40.73 -5.35 -3.50
CA LYS B 385 -41.17 -4.93 -2.17
C LYS B 385 -41.97 -6.05 -1.52
N GLY B 386 -42.00 -6.05 -0.19
CA GLY B 386 -42.70 -7.06 0.58
C GLY B 386 -42.00 -7.24 1.91
N GLU B 387 -42.63 -7.92 2.86
CA GLU B 387 -42.12 -8.00 4.25
C GLU B 387 -40.76 -8.67 4.34
N ILE B 388 -39.86 -8.10 5.15
CA ILE B 388 -38.54 -8.66 5.38
C ILE B 388 -38.58 -9.72 6.46
N CYS B 389 -37.94 -10.86 6.25
CA CYS B 389 -37.78 -11.80 7.36
C CYS B 389 -36.45 -12.49 7.32
N PHE B 390 -35.93 -12.79 8.50
CA PHE B 390 -34.68 -13.53 8.57
C PHE B 390 -34.90 -14.91 9.11
N LYS B 391 -33.89 -15.74 8.87
CA LYS B 391 -33.80 -17.06 9.44
C LYS B 391 -32.35 -17.30 9.64
N SER B 392 -32.00 -17.57 10.89
CA SER B 392 -30.65 -17.89 11.27
C SER B 392 -30.70 -18.75 12.53
N GLN B 393 -29.63 -19.51 12.73
CA GLN B 393 -29.48 -20.33 13.93
C GLN B 393 -29.29 -19.44 15.13
N MET B 394 -28.60 -18.34 14.86
CA MET B 394 -28.27 -17.33 15.84
C MET B 394 -29.49 -16.64 16.39
N LEU B 395 -30.61 -16.83 15.73
CA LEU B 395 -31.85 -16.20 16.17
C LEU B 395 -32.33 -16.81 17.45
N MET B 396 -33.17 -16.08 18.17
CA MET B 396 -33.87 -16.67 19.29
C MET B 396 -34.49 -17.96 18.79
N LYS B 397 -34.72 -18.88 19.72
CA LYS B 397 -35.18 -20.21 19.34
C LYS B 397 -36.67 -20.32 19.67
N GLY B 398 -37.15 -19.37 20.47
CA GLY B 398 -38.51 -19.38 21.01
C GLY B 398 -38.61 -18.73 22.38
N TYR B 399 -39.73 -18.92 23.07
CA TYR B 399 -39.91 -18.41 24.45
C TYR B 399 -39.95 -19.64 25.35
N HIS B 400 -39.90 -19.49 26.67
CA HIS B 400 -39.60 -20.68 27.48
C HIS B 400 -40.75 -21.68 27.54
N ASN B 401 -41.62 -21.52 28.53
CA ASN B 401 -42.80 -22.37 28.67
C ASN B 401 -44.05 -21.68 28.13
N ASN B 402 -44.01 -21.35 26.84
CA ASN B 402 -45.09 -20.62 26.21
C ASN B 402 -45.21 -20.97 24.75
N PRO B 403 -46.15 -21.88 24.40
CA PRO B 403 -46.32 -22.33 23.02
C PRO B 403 -47.10 -21.34 22.21
N GLN B 404 -47.44 -20.20 22.82
CA GLN B 404 -48.27 -19.22 22.17
C GLN B 404 -47.44 -18.14 21.50
N ALA B 405 -46.46 -17.61 22.22
CA ALA B 405 -45.61 -16.59 21.66
C ALA B 405 -44.68 -17.19 20.59
N THR B 406 -44.25 -18.45 20.80
CA THR B 406 -43.31 -19.11 19.88
C THR B 406 -43.83 -19.15 18.45
N ARG B 407 -44.95 -19.84 18.23
CA ARG B 407 -45.53 -19.99 16.90
C ARG B 407 -45.96 -18.64 16.29
N ASP B 408 -45.98 -17.59 17.12
CA ASP B 408 -46.23 -16.22 16.68
C ASP B 408 -44.96 -15.55 16.09
N ALA B 409 -43.90 -15.46 16.91
CA ALA B 409 -42.66 -14.75 16.54
C ALA B 409 -42.02 -15.32 15.26
N LEU B 410 -41.73 -16.61 15.27
CA LEU B 410 -41.27 -17.22 14.05
C LEU B 410 -42.31 -18.16 13.43
N ASP B 411 -42.29 -18.19 12.11
CA ASP B 411 -43.25 -18.93 11.32
C ASP B 411 -42.94 -20.42 11.29
N LYS B 412 -43.67 -21.09 10.41
CA LYS B 412 -43.59 -22.52 10.18
C LYS B 412 -42.16 -23.05 10.23
N ASP B 413 -41.25 -22.45 9.45
CA ASP B 413 -39.89 -22.98 9.40
C ASP B 413 -38.80 -21.93 9.63
N GLY B 414 -38.91 -21.25 10.76
CA GLY B 414 -37.76 -20.55 11.32
C GLY B 414 -37.57 -19.15 10.85
N TRP B 415 -38.43 -18.68 9.97
CA TRP B 415 -38.30 -17.32 9.49
C TRP B 415 -38.90 -16.34 10.49
N LEU B 416 -38.20 -15.25 10.76
CA LEU B 416 -38.68 -14.26 11.71
C LEU B 416 -39.22 -13.04 11.00
N HIS B 417 -40.52 -12.79 11.12
CA HIS B 417 -41.12 -11.73 10.34
C HIS B 417 -40.90 -10.41 11.02
N THR B 418 -40.11 -9.56 10.38
CA THR B 418 -39.69 -8.30 10.99
C THR B 418 -40.80 -7.30 11.12
N GLY B 419 -41.78 -7.39 10.23
CA GLY B 419 -42.85 -6.43 10.21
C GLY B 419 -42.46 -5.16 9.49
N ASP B 420 -41.25 -5.17 8.92
CA ASP B 420 -40.80 -4.08 8.09
C ASP B 420 -40.96 -4.52 6.66
N LEU B 421 -40.88 -3.60 5.71
CA LEU B 421 -40.98 -4.02 4.33
C LEU B 421 -39.94 -3.33 3.48
N GLY B 422 -39.27 -4.11 2.63
CA GLY B 422 -38.18 -3.62 1.83
C GLY B 422 -37.90 -4.46 0.61
N TYR B 423 -36.63 -4.59 0.23
CA TYR B 423 -36.24 -5.40 -0.92
C TYR B 423 -34.74 -5.61 -0.96
N TYR B 424 -34.27 -6.59 -1.72
CA TYR B 424 -32.83 -6.78 -1.73
C TYR B 424 -32.16 -6.36 -2.98
N ASP B 425 -31.22 -5.45 -2.76
CA ASP B 425 -30.49 -4.73 -3.77
C ASP B 425 -30.24 -5.52 -5.03
N GLU B 426 -29.32 -6.47 -5.01
CA GLU B 426 -29.22 -7.36 -6.17
C GLU B 426 -28.59 -8.67 -5.75
N ASP B 427 -28.79 -9.72 -6.54
CA ASP B 427 -28.15 -10.99 -6.27
C ASP B 427 -26.63 -10.88 -6.46
N ARG B 428 -26.21 -9.98 -7.35
CA ARG B 428 -24.80 -9.63 -7.50
C ARG B 428 -24.44 -8.52 -6.49
N PHE B 429 -25.36 -8.24 -5.55
CA PHE B 429 -25.15 -7.22 -4.54
C PHE B 429 -25.86 -7.49 -3.18
N ILE B 430 -26.27 -8.75 -2.93
CA ILE B 430 -27.11 -9.17 -1.80
C ILE B 430 -27.43 -8.21 -0.62
N TYR B 431 -27.55 -6.90 -0.86
CA TYR B 431 -27.81 -5.97 0.27
C TYR B 431 -29.33 -5.71 0.46
N VAL B 432 -29.77 -5.56 1.72
CA VAL B 432 -31.15 -5.25 2.00
C VAL B 432 -31.32 -3.74 2.28
N VAL B 433 -31.84 -3.03 1.28
CA VAL B 433 -32.36 -1.68 1.53
C VAL B 433 -33.82 -1.95 1.85
N ASP B 434 -34.43 -1.16 2.73
CA ASP B 434 -35.84 -1.36 3.06
C ASP B 434 -36.67 -0.07 3.13
N ARG B 435 -37.78 -0.03 2.39
CA ARG B 435 -38.53 1.20 2.16
C ARG B 435 -39.24 1.69 3.41
N LEU B 436 -40.25 0.95 3.87
CA LEU B 436 -41.10 1.45 4.94
C LEU B 436 -41.12 0.64 6.23
N LYS B 437 -40.25 1.08 7.13
CA LYS B 437 -39.87 0.41 8.40
C LYS B 437 -40.94 -0.32 9.25
N GLU B 438 -42.22 -0.13 8.95
CA GLU B 438 -43.22 -0.97 9.60
C GLU B 438 -44.32 -1.29 8.61
N LEU B 439 -45.12 -2.28 8.98
CA LEU B 439 -46.20 -2.76 8.14
C LEU B 439 -47.50 -2.11 8.58
N ILE B 440 -47.64 -1.90 9.89
CA ILE B 440 -48.91 -1.45 10.44
C ILE B 440 -49.29 -0.05 9.95
N LYS B 441 -48.39 0.60 9.21
CA LYS B 441 -48.72 1.88 8.62
C LYS B 441 -49.21 1.69 7.18
N TYR B 442 -49.14 2.80 6.42
CA TYR B 442 -49.38 2.90 4.97
C TYR B 442 -50.56 2.18 4.27
N LYS B 443 -51.54 1.68 5.02
CA LYS B 443 -52.71 1.03 4.39
C LYS B 443 -53.37 1.93 3.32
N GLY B 444 -54.23 1.34 2.49
CA GLY B 444 -54.90 2.01 1.38
C GLY B 444 -56.01 1.12 0.86
N TYR B 445 -56.48 1.30 -0.39
CA TYR B 445 -57.50 0.37 -0.98
C TYR B 445 -56.97 -0.54 -2.13
N GLN B 446 -55.83 -1.16 -1.80
CA GLN B 446 -54.79 -1.82 -2.62
C GLN B 446 -53.47 -1.10 -2.19
N VAL B 447 -52.91 -1.60 -1.09
CA VAL B 447 -51.72 -1.09 -0.34
C VAL B 447 -50.99 0.03 -1.10
N ALA B 448 -50.56 1.04 -0.35
CA ALA B 448 -49.82 2.22 -0.86
C ALA B 448 -48.67 2.52 0.11
N PRO B 449 -47.48 2.97 -0.36
CA PRO B 449 -46.34 3.22 0.51
C PRO B 449 -46.56 4.52 1.30
N ALA B 450 -45.84 4.71 2.40
CA ALA B 450 -46.13 5.91 3.19
C ALA B 450 -44.91 6.80 3.42
N GLU B 451 -44.28 6.63 4.59
CA GLU B 451 -43.23 7.52 5.10
C GLU B 451 -41.93 7.54 4.30
N LEU B 452 -41.84 6.84 3.16
CA LEU B 452 -40.55 6.82 2.48
C LEU B 452 -40.59 6.75 0.94
N GLU B 453 -41.63 6.12 0.38
CA GLU B 453 -41.79 6.12 -1.10
C GLU B 453 -41.94 7.61 -1.42
N ASN B 454 -43.09 8.17 -1.03
CA ASN B 454 -43.29 9.60 -1.07
C ASN B 454 -42.74 10.16 0.23
N LEU B 455 -43.35 11.26 0.71
CA LEU B 455 -42.94 11.92 1.97
C LEU B 455 -41.51 12.44 1.84
N LEU B 456 -40.52 11.53 1.82
CA LEU B 456 -39.09 11.91 1.71
C LEU B 456 -38.72 12.05 0.23
N LEU B 457 -39.61 11.63 -0.67
CA LEU B 457 -39.36 11.72 -2.14
C LEU B 457 -40.12 12.92 -2.72
N GLN B 458 -40.14 14.04 -2.00
CA GLN B 458 -40.84 15.25 -2.46
C GLN B 458 -40.67 16.34 -1.37
N HIS B 459 -40.00 17.45 -1.69
CA HIS B 459 -39.77 18.54 -0.71
C HIS B 459 -39.52 19.96 -1.25
N PRO B 460 -40.40 20.50 -2.12
CA PRO B 460 -40.24 21.89 -2.60
C PRO B 460 -41.46 22.81 -2.36
N ASN B 461 -41.33 23.76 -1.44
CA ASN B 461 -40.18 23.86 -0.55
C ASN B 461 -40.31 22.80 0.55
N ILE B 462 -39.23 22.54 1.28
CA ILE B 462 -39.22 21.44 2.23
C ILE B 462 -40.39 21.62 3.23
N SER B 463 -41.20 20.57 3.34
CA SER B 463 -42.53 20.70 3.92
C SER B 463 -42.86 19.68 5.02
N ASP B 464 -41.86 18.92 5.45
CA ASP B 464 -41.85 18.26 6.77
C ASP B 464 -43.04 17.33 7.14
N ALA B 465 -43.16 16.22 6.39
CA ALA B 465 -43.88 14.96 6.73
C ALA B 465 -45.36 14.88 6.32
N GLY B 466 -46.08 13.87 6.81
CA GLY B 466 -47.51 13.77 6.44
C GLY B 466 -47.81 12.62 5.50
N VAL B 467 -48.28 11.51 6.08
CA VAL B 467 -48.70 10.25 5.41
C VAL B 467 -49.46 9.50 6.52
N ILE B 468 -50.79 9.45 6.47
CA ILE B 468 -51.44 8.89 7.70
C ILE B 468 -52.49 7.87 7.26
N GLY B 469 -53.60 8.34 6.67
CA GLY B 469 -54.68 7.44 6.20
C GLY B 469 -56.00 7.78 6.88
N ILE B 470 -56.91 8.43 6.14
CA ILE B 470 -58.21 8.79 6.66
C ILE B 470 -59.13 7.68 6.27
N PRO B 471 -59.91 7.20 7.24
CA PRO B 471 -60.86 6.09 7.14
C PRO B 471 -61.93 6.24 6.07
N ASP B 472 -62.38 7.46 5.80
CA ASP B 472 -63.34 7.72 4.71
C ASP B 472 -62.62 7.58 3.35
N GLU B 473 -63.31 7.22 2.26
CA GLU B 473 -64.72 6.87 2.24
C GLU B 473 -64.91 5.48 2.82
N PHE B 474 -66.17 5.04 2.96
CA PHE B 474 -66.46 3.65 3.25
C PHE B 474 -66.06 2.84 2.01
N ALA B 475 -65.69 3.57 0.95
CA ALA B 475 -65.03 3.01 -0.22
C ALA B 475 -63.49 3.12 -0.13
N GLY B 476 -62.85 2.36 0.77
CA GLY B 476 -61.41 2.33 0.89
C GLY B 476 -60.88 2.91 2.20
N GLN B 477 -59.77 3.65 2.07
CA GLN B 477 -59.08 4.33 3.20
C GLN B 477 -58.34 5.55 2.63
N LEU B 478 -58.90 6.75 2.81
CA LEU B 478 -58.31 8.01 2.28
C LEU B 478 -56.84 8.15 2.74
N PRO B 479 -55.92 8.57 1.84
CA PRO B 479 -54.51 8.74 2.19
C PRO B 479 -54.31 10.01 3.03
N SER B 480 -54.13 11.17 2.38
CA SER B 480 -53.96 12.45 3.13
C SER B 480 -52.53 12.77 3.56
N ALA B 481 -52.21 14.07 3.48
CA ALA B 481 -50.97 14.79 3.76
C ALA B 481 -51.16 15.78 4.90
N CYS B 482 -50.15 15.87 5.77
CA CYS B 482 -50.15 16.83 6.88
C CYS B 482 -48.95 17.79 6.79
N VAL B 483 -48.85 18.50 5.67
CA VAL B 483 -47.73 19.43 5.35
C VAL B 483 -47.52 20.63 6.30
N VAL B 484 -46.27 20.93 6.64
CA VAL B 484 -45.94 22.15 7.41
C VAL B 484 -44.73 22.88 6.80
N LEU B 485 -44.88 24.17 6.52
CA LEU B 485 -43.78 24.96 5.96
C LEU B 485 -43.02 25.72 7.06
N GLU B 486 -41.81 26.21 6.73
CA GLU B 486 -40.95 26.90 7.71
C GLU B 486 -40.81 28.43 7.50
N PRO B 487 -40.29 28.88 6.33
CA PRO B 487 -40.00 30.30 6.22
C PRO B 487 -41.13 31.04 5.56
N GLY B 488 -42.33 30.95 6.14
CA GLY B 488 -43.52 31.55 5.58
C GLY B 488 -43.63 31.50 4.06
N LYS B 489 -43.79 30.31 3.51
CA LYS B 489 -43.99 30.21 2.08
C LYS B 489 -45.36 29.61 1.83
N THR B 490 -46.15 30.28 1.00
CA THR B 490 -47.56 29.95 0.81
C THR B 490 -47.81 28.84 -0.21
N MET B 491 -48.21 27.68 0.30
CA MET B 491 -48.65 26.56 -0.51
C MET B 491 -50.13 26.25 -0.23
N THR B 492 -50.83 25.76 -1.25
CA THR B 492 -52.25 25.39 -1.13
C THR B 492 -52.41 23.86 -1.08
N GLU B 493 -53.56 23.40 -0.57
CA GLU B 493 -53.92 21.99 -0.63
C GLU B 493 -53.98 21.51 -2.08
N LYS B 494 -54.75 22.25 -2.87
CA LYS B 494 -54.92 21.97 -4.29
C LYS B 494 -53.58 22.03 -5.05
N GLU B 495 -52.68 22.87 -4.54
CA GLU B 495 -51.38 23.08 -5.15
C GLU B 495 -50.48 21.86 -5.06
N VAL B 496 -50.42 21.26 -3.87
CA VAL B 496 -49.56 20.11 -3.59
C VAL B 496 -50.04 18.83 -4.28
N GLN B 497 -51.36 18.63 -4.30
CA GLN B 497 -51.98 17.46 -4.93
C GLN B 497 -51.54 17.23 -6.38
N ASP B 498 -51.19 18.32 -7.08
CA ASP B 498 -50.83 18.28 -8.50
C ASP B 498 -49.32 18.20 -8.75
N TYR B 499 -48.54 18.62 -7.77
CA TYR B 499 -47.08 18.43 -7.80
C TYR B 499 -46.78 16.93 -7.68
N ILE B 500 -47.48 16.27 -6.76
CA ILE B 500 -47.39 14.84 -6.58
C ILE B 500 -48.65 14.11 -7.10
N ALA B 501 -49.17 14.58 -8.24
CA ALA B 501 -50.20 13.84 -9.00
C ALA B 501 -49.55 13.12 -10.19
N GLU B 502 -48.40 13.65 -10.58
CA GLU B 502 -47.60 13.10 -11.64
C GLU B 502 -46.35 12.43 -11.09
N LEU B 503 -46.00 12.75 -9.84
CA LEU B 503 -44.89 12.09 -9.14
C LEU B 503 -45.16 10.60 -8.84
N VAL B 504 -46.43 10.15 -8.96
CA VAL B 504 -46.76 8.75 -8.66
C VAL B 504 -47.86 8.15 -9.53
N THR B 505 -48.65 9.01 -10.16
CA THR B 505 -49.77 8.59 -11.01
C THR B 505 -50.70 7.62 -10.26
N THR B 506 -51.44 6.81 -11.02
CA THR B 506 -52.47 5.91 -10.48
C THR B 506 -53.63 6.67 -9.87
N THR B 507 -53.68 6.55 -8.55
CA THR B 507 -54.36 7.45 -7.66
C THR B 507 -53.61 7.26 -6.38
N LYS B 508 -53.11 8.38 -5.88
CA LYS B 508 -52.35 8.53 -4.61
C LYS B 508 -52.72 9.89 -4.02
N HIS B 509 -51.99 10.94 -4.43
CA HIS B 509 -52.20 12.35 -3.99
C HIS B 509 -52.51 12.39 -2.49
N LEU B 510 -53.68 12.87 -2.09
CA LEU B 510 -54.00 12.96 -0.64
C LEU B 510 -55.52 12.84 -0.41
N ARG B 511 -56.27 12.54 -1.47
CA ARG B 511 -57.75 12.40 -1.37
C ARG B 511 -58.33 13.65 -0.67
N GLY B 512 -58.49 13.58 0.65
CA GLY B 512 -59.04 14.71 1.44
C GLY B 512 -58.42 16.04 1.02
N GLY B 513 -57.11 16.21 1.24
CA GLY B 513 -56.42 17.46 0.85
C GLY B 513 -55.33 17.86 1.82
N VAL B 514 -54.15 18.20 1.27
CA VAL B 514 -53.01 18.63 2.05
C VAL B 514 -53.44 19.58 3.17
N VAL B 515 -53.50 19.06 4.39
CA VAL B 515 -53.74 19.93 5.53
C VAL B 515 -52.39 20.57 5.90
N PHE B 516 -52.41 21.78 6.47
CA PHE B 516 -51.17 22.47 6.87
C PHE B 516 -51.20 22.76 8.37
N ILE B 517 -50.08 22.49 9.05
CA ILE B 517 -49.99 22.69 10.48
C ILE B 517 -48.67 23.26 10.97
N ASP B 518 -48.36 23.07 12.25
CA ASP B 518 -47.15 23.61 12.90
C ASP B 518 -45.85 22.83 12.83
N SER B 519 -45.87 21.60 13.32
CA SER B 519 -44.68 20.76 13.31
C SER B 519 -44.94 19.42 12.64
N ILE B 520 -44.37 18.39 13.24
CA ILE B 520 -44.67 17.00 12.89
C ILE B 520 -45.26 16.40 14.18
N PRO B 521 -45.22 15.08 14.35
CA PRO B 521 -45.60 14.67 15.71
C PRO B 521 -44.46 14.11 16.55
N LYS B 522 -44.80 13.67 17.76
CA LYS B 522 -43.80 13.39 18.79
C LYS B 522 -43.08 12.07 18.59
N GLY B 523 -43.06 11.23 19.63
CA GLY B 523 -42.24 10.03 19.64
C GLY B 523 -40.74 10.34 19.65
N PRO B 524 -39.95 9.55 20.39
CA PRO B 524 -38.49 9.71 20.49
C PRO B 524 -37.75 9.79 19.12
N THR B 525 -36.99 10.89 18.91
CA THR B 525 -36.26 11.25 17.67
C THR B 525 -36.67 10.54 16.36
N GLY B 526 -37.87 10.87 15.87
CA GLY B 526 -38.33 10.41 14.57
C GLY B 526 -39.74 9.85 14.52
N LYS B 527 -40.00 8.86 15.38
CA LYS B 527 -41.23 8.07 15.38
C LYS B 527 -42.53 8.89 15.51
N LEU B 528 -43.26 9.05 14.40
CA LEU B 528 -44.58 9.70 14.37
C LEU B 528 -45.56 8.99 15.32
N MET B 529 -46.81 9.45 15.40
CA MET B 529 -47.80 8.71 16.20
C MET B 529 -49.00 8.27 15.33
N ARG B 530 -48.77 8.25 14.01
CA ARG B 530 -49.74 8.02 12.92
C ARG B 530 -51.19 8.43 13.21
N ASN B 531 -51.78 7.90 14.28
CA ASN B 531 -53.14 8.27 14.66
C ASN B 531 -53.20 9.71 15.20
N GLU B 532 -52.04 10.20 15.67
CA GLU B 532 -51.91 11.59 16.02
C GLU B 532 -52.37 12.42 14.83
N LEU B 533 -51.64 12.30 13.71
CA LEU B 533 -51.92 13.06 12.50
C LEU B 533 -53.30 12.81 11.90
N ARG B 534 -53.88 11.64 12.17
CA ARG B 534 -55.21 11.34 11.67
C ARG B 534 -56.23 12.15 12.46
N ALA B 535 -56.05 12.24 13.77
CA ALA B 535 -56.94 13.04 14.62
C ALA B 535 -56.69 14.54 14.43
N ILE B 536 -55.45 14.90 14.12
CA ILE B 536 -55.01 16.28 13.87
C ILE B 536 -55.43 16.66 12.46
N PHE B 537 -55.73 15.66 11.67
CA PHE B 537 -56.29 15.92 10.37
C PHE B 537 -57.71 16.35 10.55
N ALA B 538 -58.40 15.67 11.45
CA ALA B 538 -59.81 15.94 11.77
C ALA B 538 -60.10 17.41 11.94
N ARG B 539 -59.68 17.96 13.08
CA ARG B 539 -59.95 19.38 13.46
C ARG B 539 -59.42 20.40 12.44
N GLU B 540 -58.58 19.98 11.49
CA GLU B 540 -58.04 20.93 10.54
C GLU B 540 -58.63 20.75 9.15
N GLN B 541 -59.64 19.89 9.06
CA GLN B 541 -60.46 19.83 7.88
C GLN B 541 -61.66 20.74 8.13
N ALA B 542 -61.40 21.89 8.77
CA ALA B 542 -62.43 22.88 9.08
C ALA B 542 -61.85 24.26 9.39
N LYS B 543 -61.88 25.12 8.37
CA LYS B 543 -61.44 26.52 8.42
C LYS B 543 -61.61 27.14 7.03
N SER B 544 -60.65 27.96 6.59
CA SER B 544 -60.73 28.64 5.29
C SER B 544 -60.89 27.67 4.12
N ILE C 6 2.67 -43.95 27.23
CA ILE C 6 1.44 -43.24 27.46
C ILE C 6 1.78 -41.99 28.30
N VAL C 7 2.47 -41.04 27.67
CA VAL C 7 2.90 -39.80 28.34
C VAL C 7 2.05 -38.68 27.76
N ASN C 8 1.19 -39.08 26.83
CA ASN C 8 0.11 -38.22 26.36
C ASN C 8 0.51 -36.85 25.84
N GLY C 9 1.20 -36.06 26.64
CA GLY C 9 1.65 -34.77 26.19
C GLY C 9 0.52 -33.76 26.26
N ASP C 10 0.89 -32.50 26.39
CA ASP C 10 -0.02 -31.39 26.66
C ASP C 10 -1.39 -31.44 25.97
N ARG C 11 -2.39 -30.97 26.69
CA ARG C 11 -3.73 -30.81 26.17
C ARG C 11 -3.74 -29.65 25.20
N PRO C 12 -4.31 -29.85 24.00
CA PRO C 12 -4.22 -28.81 22.97
C PRO C 12 -4.99 -27.59 23.39
N ARG C 13 -4.49 -26.42 23.00
CA ARG C 13 -5.09 -25.16 23.39
C ARG C 13 -6.06 -24.69 22.32
N ASP C 14 -5.72 -25.00 21.08
CA ASP C 14 -6.63 -24.85 19.97
C ASP C 14 -6.99 -26.21 19.44
N LEU C 15 -8.26 -26.54 19.51
CA LEU C 15 -8.71 -27.81 18.97
C LEU C 15 -8.40 -27.94 17.48
N VAL C 16 -7.83 -29.09 17.12
CA VAL C 16 -7.47 -29.34 15.73
C VAL C 16 -8.68 -29.22 14.84
N PHE C 17 -8.50 -28.50 13.75
CA PHE C 17 -9.58 -28.29 12.83
C PHE C 17 -9.96 -29.63 12.22
N PRO C 18 -11.24 -30.02 12.35
CA PRO C 18 -11.72 -31.34 11.90
C PRO C 18 -11.50 -31.59 10.40
N GLY C 19 -11.93 -30.67 9.56
CA GLY C 19 -11.92 -30.87 8.12
C GLY C 19 -10.56 -30.92 7.41
N THR C 20 -10.65 -30.99 6.09
CA THR C 20 -9.51 -30.98 5.19
C THR C 20 -8.58 -29.83 5.50
N ALA C 21 -7.27 -30.09 5.39
CA ALA C 21 -6.28 -29.07 5.67
C ALA C 21 -6.42 -27.95 4.64
N GLY C 22 -6.65 -28.34 3.40
CA GLY C 22 -7.10 -27.43 2.38
C GLY C 22 -8.13 -26.42 2.87
N LEU C 23 -9.27 -26.91 3.33
CA LEU C 23 -10.36 -26.06 3.78
C LEU C 23 -9.89 -25.04 4.83
N GLN C 24 -9.03 -25.48 5.74
CA GLN C 24 -8.44 -24.59 6.76
C GLN C 24 -7.57 -23.52 6.08
N LEU C 25 -6.58 -23.90 5.28
CA LEU C 25 -5.79 -22.90 4.56
C LEU C 25 -6.65 -21.93 3.78
N TYR C 26 -7.66 -22.47 3.10
CA TYR C 26 -8.67 -21.70 2.39
C TYR C 26 -9.27 -20.62 3.26
N GLN C 27 -9.96 -21.04 4.32
CA GLN C 27 -10.55 -20.10 5.24
C GLN C 27 -9.55 -19.05 5.75
N SER C 28 -8.32 -19.48 5.96
CA SER C 28 -7.25 -18.63 6.42
C SER C 28 -7.00 -17.54 5.43
N LEU C 29 -6.71 -17.93 4.20
CA LEU C 29 -6.52 -16.99 3.11
C LEU C 29 -7.68 -16.01 3.02
N TYR C 30 -8.92 -16.51 3.14
CA TYR C 30 -10.08 -15.66 3.03
C TYR C 30 -10.16 -14.64 4.15
N LYS C 31 -9.88 -15.10 5.35
CA LYS C 31 -9.92 -14.25 6.52
C LYS C 31 -8.88 -13.17 6.46
N TYR C 32 -7.61 -13.58 6.37
CA TYR C 32 -6.53 -12.62 6.23
C TYR C 32 -6.30 -12.17 4.79
N SER C 33 -7.34 -12.06 3.96
CA SER C 33 -7.16 -11.46 2.64
C SER C 33 -6.67 -10.02 2.68
N TYR C 34 -7.11 -9.27 3.69
CA TYR C 34 -6.72 -7.87 3.82
C TYR C 34 -5.22 -7.64 3.89
N ILE C 35 -4.46 -8.62 4.37
CA ILE C 35 -3.01 -8.47 4.43
C ILE C 35 -2.43 -8.28 3.03
N THR C 36 -1.73 -7.17 2.85
CA THR C 36 -1.20 -6.77 1.54
C THR C 36 0.24 -7.13 1.36
N ASP C 37 0.89 -7.49 2.46
CA ASP C 37 2.28 -7.92 2.45
C ASP C 37 2.43 -9.41 2.76
N GLY C 38 1.66 -10.22 2.05
CA GLY C 38 1.64 -11.68 2.18
C GLY C 38 2.99 -12.37 2.20
N ILE C 39 3.72 -12.30 1.10
CA ILE C 39 5.09 -12.78 1.07
C ILE C 39 6.03 -11.78 0.40
N ILE C 40 7.22 -11.54 0.97
CA ILE C 40 8.18 -10.65 0.33
C ILE C 40 9.49 -11.39 -0.02
N ASP C 41 9.95 -11.21 -1.25
CA ASP C 41 11.19 -11.80 -1.68
C ASP C 41 12.24 -10.88 -1.15
N ALA C 42 12.86 -11.21 -0.03
CA ALA C 42 13.88 -10.35 0.58
C ALA C 42 14.97 -9.91 -0.41
N HIS C 43 15.20 -10.72 -1.44
CA HIS C 43 16.22 -10.41 -2.44
C HIS C 43 15.68 -9.37 -3.41
N THR C 44 14.74 -9.77 -4.25
CA THR C 44 14.23 -8.90 -5.31
C THR C 44 13.36 -7.72 -4.83
N ASN C 45 12.62 -7.94 -3.73
CA ASN C 45 11.60 -7.02 -3.18
C ASN C 45 10.22 -7.19 -3.86
N GLU C 46 10.05 -8.29 -4.58
CA GLU C 46 8.73 -8.77 -5.02
C GLU C 46 7.82 -9.07 -3.83
N VAL C 47 6.52 -8.80 -3.97
CA VAL C 47 5.59 -9.07 -2.87
C VAL C 47 4.24 -9.56 -3.36
N ILE C 48 3.74 -10.61 -2.73
CA ILE C 48 2.42 -11.08 -3.02
C ILE C 48 1.52 -10.79 -1.83
N SER C 49 0.23 -10.51 -2.06
CA SER C 49 -0.72 -10.28 -0.97
C SER C 49 -1.47 -11.57 -0.67
N TYR C 50 -2.02 -11.69 0.52
CA TYR C 50 -2.84 -12.86 0.88
C TYR C 50 -3.97 -13.08 -0.12
N ALA C 51 -4.75 -12.04 -0.37
CA ALA C 51 -5.84 -12.15 -1.32
C ALA C 51 -5.37 -12.62 -2.71
N GLN C 52 -4.15 -12.25 -3.11
CA GLN C 52 -3.60 -12.69 -4.39
C GLN C 52 -3.37 -14.19 -4.45
N ILE C 53 -2.83 -14.74 -3.36
CA ILE C 53 -2.65 -16.19 -3.16
C ILE C 53 -3.98 -16.89 -3.11
N PHE C 54 -4.93 -16.25 -2.48
CA PHE C 54 -6.28 -16.74 -2.37
C PHE C 54 -6.89 -16.97 -3.76
N GLU C 55 -6.89 -15.90 -4.55
CA GLU C 55 -7.39 -15.96 -5.91
C GLU C 55 -6.55 -16.92 -6.76
N THR C 56 -5.25 -16.68 -6.87
CA THR C 56 -4.34 -17.57 -7.62
C THR C 56 -4.49 -19.05 -7.29
N SER C 57 -4.58 -19.37 -6.01
CA SER C 57 -4.74 -20.77 -5.56
C SER C 57 -6.11 -21.33 -5.90
N CYS C 58 -7.17 -20.56 -5.70
CA CYS C 58 -8.53 -21.02 -6.05
C CYS C 58 -8.71 -21.25 -7.55
N ARG C 59 -8.31 -20.27 -8.32
CA ARG C 59 -8.33 -20.38 -9.76
C ARG C 59 -7.51 -21.60 -10.19
N LEU C 60 -6.38 -21.80 -9.55
CA LEU C 60 -5.50 -22.90 -9.89
C LEU C 60 -6.13 -24.23 -9.55
N ALA C 61 -6.94 -24.23 -8.49
CA ALA C 61 -7.62 -25.42 -8.05
C ALA C 61 -8.67 -25.86 -9.04
N VAL C 62 -9.53 -24.93 -9.46
CA VAL C 62 -10.54 -25.30 -10.44
C VAL C 62 -9.91 -25.64 -11.74
N SER C 63 -8.83 -24.95 -12.06
CA SER C 63 -8.08 -25.24 -13.25
C SER C 63 -7.63 -26.68 -13.24
N LEU C 64 -6.87 -27.06 -12.21
CA LEU C 64 -6.40 -28.43 -12.06
C LEU C 64 -7.55 -29.41 -12.14
N GLU C 65 -8.72 -29.05 -11.60
CA GLU C 65 -9.83 -29.98 -11.63
C GLU C 65 -10.36 -30.14 -13.04
N LYS C 66 -10.74 -29.04 -13.70
CA LYS C 66 -11.27 -29.08 -15.07
C LYS C 66 -10.27 -29.69 -16.08
N TYR C 67 -8.98 -29.57 -15.81
CA TYR C 67 -7.91 -30.17 -16.63
C TYR C 67 -7.91 -31.72 -16.53
N GLY C 68 -8.57 -32.26 -15.50
CA GLY C 68 -8.90 -33.67 -15.46
C GLY C 68 -8.23 -34.44 -14.35
N LEU C 69 -7.78 -33.72 -13.34
CA LEU C 69 -7.04 -34.35 -12.28
C LEU C 69 -7.89 -34.55 -11.06
N ASP C 70 -7.56 -35.60 -10.31
CA ASP C 70 -8.10 -35.82 -8.99
C ASP C 70 -7.13 -36.69 -8.20
N HIS C 71 -7.50 -36.96 -6.95
CA HIS C 71 -6.73 -37.74 -5.99
C HIS C 71 -5.89 -38.95 -6.49
N ASN C 72 -6.28 -39.54 -7.62
CA ASN C 72 -5.55 -40.68 -8.16
C ASN C 72 -4.29 -40.31 -8.96
N ASN C 73 -4.15 -39.03 -9.25
CA ASN C 73 -2.89 -38.53 -9.80
C ASN C 73 -2.04 -38.03 -8.65
N VAL C 74 -0.84 -37.56 -8.97
CA VAL C 74 0.00 -36.87 -7.98
C VAL C 74 0.65 -35.79 -8.79
N VAL C 75 0.68 -34.58 -8.24
CA VAL C 75 1.32 -33.47 -8.91
C VAL C 75 2.64 -33.19 -8.23
N ALA C 76 3.45 -32.36 -8.87
CA ALA C 76 4.74 -32.04 -8.33
C ALA C 76 4.98 -30.55 -8.34
N ILE C 77 5.94 -30.14 -7.52
CA ILE C 77 6.48 -28.80 -7.63
C ILE C 77 8.00 -28.86 -7.43
N CYS C 78 8.73 -28.25 -8.35
CA CYS C 78 10.17 -28.12 -8.21
C CYS C 78 10.52 -26.66 -8.34
N SER C 79 10.76 -26.03 -7.19
CA SER C 79 11.07 -24.62 -7.17
C SER C 79 11.96 -24.33 -5.99
N GLU C 80 12.85 -23.38 -6.19
CA GLU C 80 13.57 -22.78 -5.10
C GLU C 80 12.58 -21.96 -4.29
N ASN C 81 13.04 -21.41 -3.18
CA ASN C 81 12.20 -20.62 -2.28
C ASN C 81 11.62 -19.40 -3.00
N ASN C 82 10.31 -19.41 -3.23
CA ASN C 82 9.77 -18.46 -4.18
C ASN C 82 8.33 -18.11 -3.86
N ILE C 83 8.04 -16.82 -3.86
CA ILE C 83 6.73 -16.26 -3.47
C ILE C 83 5.52 -17.08 -3.94
N HIS C 84 5.68 -17.66 -5.12
CA HIS C 84 4.56 -18.25 -5.82
C HIS C 84 4.47 -19.71 -5.52
N PHE C 85 5.46 -20.22 -4.81
CA PHE C 85 5.49 -21.61 -4.39
C PHE C 85 4.15 -22.08 -3.88
N PHE C 86 3.54 -21.30 -2.98
CA PHE C 86 2.32 -21.69 -2.28
C PHE C 86 1.07 -21.64 -3.11
N GLY C 87 1.11 -20.85 -4.18
CA GLY C 87 0.05 -20.86 -5.17
C GLY C 87 -0.48 -22.26 -5.50
N PRO C 88 0.31 -23.06 -6.23
CA PRO C 88 -0.13 -24.40 -6.63
C PRO C 88 -0.29 -25.34 -5.47
N LEU C 89 0.64 -25.29 -4.55
CA LEU C 89 0.62 -26.20 -3.43
C LEU C 89 -0.73 -26.20 -2.72
N ILE C 90 -1.14 -25.04 -2.25
CA ILE C 90 -2.41 -24.87 -1.56
C ILE C 90 -3.59 -25.32 -2.44
N ALA C 91 -3.51 -25.02 -3.74
CA ALA C 91 -4.56 -25.46 -4.68
C ALA C 91 -4.70 -26.99 -4.65
N ALA C 92 -3.59 -27.72 -4.67
CA ALA C 92 -3.66 -29.17 -4.56
C ALA C 92 -4.45 -29.54 -3.33
N LEU C 93 -4.11 -28.94 -2.22
CA LEU C 93 -4.71 -29.27 -0.94
C LEU C 93 -6.20 -29.04 -0.94
N TYR C 94 -6.67 -28.15 -1.80
CA TYR C 94 -8.09 -27.94 -1.90
C TYR C 94 -8.73 -29.17 -2.54
N GLN C 95 -8.09 -29.62 -3.62
CA GLN C 95 -8.58 -30.71 -4.49
C GLN C 95 -8.23 -32.09 -3.93
N GLY C 96 -7.36 -32.12 -2.93
CA GLY C 96 -6.94 -33.34 -2.32
C GLY C 96 -6.08 -34.17 -3.25
N ILE C 97 -5.50 -33.54 -4.26
CA ILE C 97 -4.43 -34.17 -5.04
C ILE C 97 -3.13 -34.13 -4.28
N PRO C 98 -2.42 -35.25 -4.21
CA PRO C 98 -1.14 -35.27 -3.48
C PRO C 98 -0.06 -34.46 -4.17
N MET C 99 0.80 -33.83 -3.39
CA MET C 99 1.87 -33.04 -3.98
C MET C 99 3.24 -33.59 -3.65
N ALA C 100 4.00 -33.93 -4.66
CA ALA C 100 5.37 -34.34 -4.40
C ALA C 100 6.31 -33.15 -4.53
N THR C 101 7.11 -32.94 -3.49
CA THR C 101 8.06 -31.85 -3.53
C THR C 101 9.44 -32.33 -3.84
N SER C 102 9.98 -31.79 -4.91
CA SER C 102 11.33 -32.11 -5.28
C SER C 102 12.24 -30.99 -4.84
N ASN C 103 13.37 -31.39 -4.24
CA ASN C 103 14.42 -30.43 -3.93
C ASN C 103 14.98 -29.86 -5.24
N ASP C 104 15.04 -28.54 -5.31
CA ASP C 104 15.40 -27.85 -6.54
C ASP C 104 16.84 -28.09 -6.98
N MET C 105 17.72 -28.50 -6.06
CA MET C 105 19.16 -28.70 -6.32
C MET C 105 19.57 -30.17 -6.62
N TYR C 106 18.62 -31.07 -6.92
CA TYR C 106 18.93 -32.45 -7.32
C TYR C 106 19.78 -32.54 -8.57
N THR C 107 20.55 -33.60 -8.70
CA THR C 107 21.09 -33.91 -10.02
C THR C 107 20.05 -34.70 -10.80
N GLU C 108 20.06 -34.50 -12.12
CA GLU C 108 19.21 -35.19 -13.08
C GLU C 108 19.14 -36.65 -12.64
N ARG C 109 20.34 -37.17 -12.40
CA ARG C 109 20.59 -38.45 -11.74
C ARG C 109 19.63 -38.69 -10.55
N GLU C 110 19.80 -37.91 -9.48
CA GLU C 110 18.96 -38.00 -8.29
C GLU C 110 17.51 -37.67 -8.52
N MET C 111 17.31 -36.58 -9.25
CA MET C 111 15.99 -36.02 -9.46
C MET C 111 15.05 -37.02 -10.10
N ILE C 112 15.56 -37.74 -11.08
CA ILE C 112 14.74 -38.76 -11.74
C ILE C 112 14.38 -39.88 -10.76
N GLY C 113 15.38 -40.38 -10.05
CA GLY C 113 15.19 -41.33 -8.96
C GLY C 113 14.04 -40.95 -8.04
N HIS C 114 14.05 -39.68 -7.65
CA HIS C 114 12.98 -39.08 -6.87
C HIS C 114 11.66 -39.25 -7.59
N LEU C 115 11.62 -38.67 -8.79
CA LEU C 115 10.37 -38.49 -9.50
C LEU C 115 9.68 -39.80 -9.80
N ASN C 116 10.50 -40.85 -9.82
CA ASN C 116 10.05 -42.20 -10.08
C ASN C 116 9.31 -42.81 -8.89
N ILE C 117 9.49 -42.25 -7.70
CA ILE C 117 8.76 -42.67 -6.51
C ILE C 117 7.25 -42.43 -6.64
N SER C 118 6.89 -41.15 -6.77
CA SER C 118 5.49 -40.74 -6.84
C SER C 118 4.90 -40.96 -8.25
N LYS C 119 5.76 -40.80 -9.26
CA LYS C 119 5.37 -40.80 -10.67
C LYS C 119 4.22 -39.83 -10.99
N PRO C 120 4.50 -38.51 -10.90
CA PRO C 120 3.61 -37.36 -11.13
C PRO C 120 3.42 -36.96 -12.59
N CYS C 121 2.19 -36.67 -12.97
CA CYS C 121 1.89 -36.36 -14.36
C CYS C 121 1.98 -34.87 -14.72
N LEU C 122 1.82 -34.02 -13.72
CA LEU C 122 1.97 -32.56 -13.89
C LEU C 122 2.99 -31.98 -12.91
N MET C 123 3.78 -31.04 -13.40
CA MET C 123 4.87 -30.49 -12.61
C MET C 123 4.90 -28.96 -12.64
N PHE C 124 4.66 -28.28 -11.52
CA PHE C 124 4.89 -26.84 -11.47
C PHE C 124 6.37 -26.61 -11.22
N CYS C 125 6.92 -25.53 -11.76
CA CYS C 125 8.31 -25.24 -11.50
C CYS C 125 8.68 -23.78 -11.71
N SER C 126 9.88 -23.43 -11.25
CA SER C 126 10.33 -22.06 -11.34
C SER C 126 10.99 -21.74 -12.66
N LYS C 127 10.88 -20.47 -13.04
CA LYS C 127 11.73 -19.84 -14.06
C LYS C 127 13.13 -20.48 -14.08
N LYS C 128 13.75 -20.55 -12.90
CA LYS C 128 15.11 -21.05 -12.73
C LYS C 128 15.24 -22.57 -12.94
N SER C 129 14.17 -23.29 -12.60
CA SER C 129 14.21 -24.75 -12.56
C SER C 129 13.78 -25.40 -13.87
N LEU C 130 13.16 -24.60 -14.73
CA LEU C 130 12.65 -25.07 -16.02
C LEU C 130 13.68 -25.70 -16.97
N PRO C 131 14.91 -25.14 -17.06
CA PRO C 131 15.81 -25.83 -17.99
C PRO C 131 16.04 -27.28 -17.56
N PHE C 132 16.42 -27.40 -16.29
CA PHE C 132 16.74 -28.67 -15.69
C PHE C 132 15.54 -29.59 -15.75
N ILE C 133 14.35 -29.05 -15.50
CA ILE C 133 13.16 -29.88 -15.57
C ILE C 133 12.86 -30.36 -16.98
N LEU C 134 12.95 -29.53 -18.01
CA LEU C 134 12.58 -30.00 -19.36
C LEU C 134 13.54 -31.10 -19.74
N LYS C 135 14.79 -30.82 -19.41
CA LYS C 135 15.86 -31.79 -19.54
C LYS C 135 15.46 -33.13 -18.87
N VAL C 136 14.81 -33.05 -17.71
CA VAL C 136 14.42 -34.26 -16.98
C VAL C 136 13.15 -34.95 -17.56
N GLN C 137 12.12 -34.17 -17.91
CA GLN C 137 10.89 -34.64 -18.58
C GLN C 137 11.16 -35.35 -19.92
N LYS C 138 12.31 -35.04 -20.54
CA LYS C 138 12.71 -35.79 -21.72
C LYS C 138 13.17 -37.23 -21.40
N HIS C 139 13.02 -37.65 -20.14
CA HIS C 139 13.37 -39.00 -19.73
C HIS C 139 12.22 -39.74 -19.09
N LEU C 140 11.08 -39.08 -18.93
CA LEU C 140 9.95 -39.67 -18.20
C LEU C 140 8.60 -39.57 -18.94
N ASP C 141 8.16 -40.70 -19.50
CA ASP C 141 6.88 -40.79 -20.24
C ASP C 141 5.66 -40.26 -19.49
N PHE C 142 5.66 -40.45 -18.17
CA PHE C 142 4.53 -40.12 -17.29
C PHE C 142 4.36 -38.63 -16.99
N LEU C 143 5.42 -37.86 -17.22
CA LEU C 143 5.41 -36.43 -16.99
C LEU C 143 4.83 -35.69 -18.18
N LYS C 144 3.49 -35.60 -18.21
CA LYS C 144 2.83 -35.10 -19.41
C LYS C 144 2.93 -33.58 -19.52
N LYS C 145 2.85 -32.85 -18.41
CA LYS C 145 2.84 -31.39 -18.53
C LYS C 145 3.68 -30.70 -17.46
N VAL C 146 4.38 -29.64 -17.88
CA VAL C 146 5.02 -28.70 -16.97
C VAL C 146 4.35 -27.31 -17.01
N ILE C 147 4.25 -26.64 -15.85
CA ILE C 147 3.75 -25.24 -15.72
C ILE C 147 4.67 -24.35 -14.86
N VAL C 148 5.03 -23.16 -15.35
CA VAL C 148 5.86 -22.24 -14.58
C VAL C 148 5.07 -21.39 -13.62
N ILE C 149 5.58 -21.25 -12.39
CA ILE C 149 4.85 -20.59 -11.31
C ILE C 149 5.17 -19.12 -11.13
N ASP C 150 6.35 -18.68 -11.55
CA ASP C 150 6.72 -17.30 -11.26
C ASP C 150 6.90 -16.49 -12.52
N SER C 151 5.99 -16.67 -13.47
CA SER C 151 5.95 -15.85 -14.69
C SER C 151 4.53 -15.53 -15.13
N MET C 152 4.39 -14.37 -15.77
CA MET C 152 3.12 -13.91 -16.30
C MET C 152 3.00 -14.29 -17.76
N TYR C 153 4.14 -14.49 -18.43
CA TYR C 153 4.09 -14.90 -19.82
C TYR C 153 4.70 -16.30 -19.99
N ASP C 154 4.35 -16.98 -21.09
CA ASP C 154 4.83 -18.34 -21.37
C ASP C 154 6.25 -18.34 -21.87
N ILE C 155 6.96 -19.46 -21.71
CA ILE C 155 8.39 -19.49 -21.95
C ILE C 155 8.82 -20.51 -22.99
N ASN C 156 8.95 -20.08 -24.23
CA ASN C 156 9.21 -20.99 -25.36
C ASN C 156 8.38 -22.27 -25.30
N GLY C 157 7.07 -22.12 -25.45
CA GLY C 157 6.19 -23.27 -25.53
C GLY C 157 5.71 -23.81 -24.19
N VAL C 158 6.38 -23.42 -23.11
CA VAL C 158 6.01 -23.83 -21.77
C VAL C 158 4.91 -22.92 -21.20
N GLU C 159 3.79 -23.48 -20.73
CA GLU C 159 2.71 -22.64 -20.23
C GLU C 159 3.00 -22.16 -18.83
N CYS C 160 2.38 -21.07 -18.44
CA CYS C 160 2.62 -20.56 -17.11
C CYS C 160 1.29 -20.56 -16.37
N VAL C 161 1.37 -20.41 -15.05
CA VAL C 161 0.21 -20.60 -14.20
C VAL C 161 -0.89 -19.65 -14.62
N PHE C 162 -0.53 -18.44 -15.00
CA PHE C 162 -1.55 -17.47 -15.35
C PHE C 162 -2.33 -17.96 -16.53
N SER C 163 -1.62 -18.28 -17.61
CA SER C 163 -2.23 -18.79 -18.83
C SER C 163 -3.07 -20.03 -18.57
N PHE C 164 -2.47 -20.96 -17.82
CA PHE C 164 -3.13 -22.20 -17.46
C PHE C 164 -4.47 -21.94 -16.80
N VAL C 165 -4.46 -21.01 -15.86
CA VAL C 165 -5.65 -20.68 -15.11
C VAL C 165 -6.69 -19.93 -15.92
N SER C 166 -6.25 -19.05 -16.81
CA SER C 166 -7.21 -18.32 -17.60
C SER C 166 -7.85 -19.23 -18.68
N ARG C 167 -7.26 -20.40 -18.95
CA ARG C 167 -7.96 -21.38 -19.79
C ARG C 167 -9.28 -21.94 -19.22
N TYR C 168 -9.37 -22.10 -17.91
CA TYR C 168 -10.50 -22.78 -17.27
C TYR C 168 -11.43 -21.92 -16.37
N THR C 169 -10.96 -20.71 -16.04
CA THR C 169 -11.73 -19.73 -15.27
C THR C 169 -11.71 -18.38 -15.94
N ASP C 170 -12.73 -17.58 -15.71
CA ASP C 170 -12.86 -16.33 -16.43
C ASP C 170 -12.85 -15.14 -15.51
N HIS C 171 -13.05 -13.97 -16.12
CA HIS C 171 -13.08 -12.70 -15.42
C HIS C 171 -14.00 -12.65 -14.25
N ALA C 172 -15.11 -13.39 -14.25
CA ALA C 172 -16.05 -13.15 -13.16
C ALA C 172 -15.88 -14.11 -11.95
N PHE C 173 -14.86 -14.96 -12.02
CA PHE C 173 -14.56 -15.94 -10.98
C PHE C 173 -14.37 -15.29 -9.64
N ASP C 174 -15.06 -15.80 -8.64
CA ASP C 174 -14.97 -15.28 -7.27
C ASP C 174 -14.68 -16.41 -6.29
N PRO C 175 -13.45 -16.42 -5.73
CA PRO C 175 -12.94 -17.45 -4.82
C PRO C 175 -13.71 -17.52 -3.53
N VAL C 176 -14.40 -16.45 -3.18
CA VAL C 176 -15.27 -16.51 -2.01
C VAL C 176 -16.40 -17.51 -2.24
N LYS C 177 -16.62 -17.87 -3.50
CA LYS C 177 -17.73 -18.74 -3.87
C LYS C 177 -17.19 -20.10 -4.26
N PHE C 178 -15.86 -20.21 -4.27
CA PHE C 178 -15.19 -21.48 -4.50
C PHE C 178 -15.24 -22.26 -3.21
N ASN C 179 -15.33 -23.60 -3.31
CA ASN C 179 -15.27 -24.48 -2.13
C ASN C 179 -14.32 -25.63 -2.27
N PRO C 180 -13.44 -25.84 -1.27
CA PRO C 180 -12.47 -26.92 -1.37
C PRO C 180 -13.08 -28.31 -1.22
N LYS C 181 -12.63 -29.24 -2.07
CA LYS C 181 -13.13 -30.61 -2.05
C LYS C 181 -13.06 -31.16 -0.65
N GLU C 182 -13.99 -32.05 -0.35
CA GLU C 182 -14.04 -32.65 0.96
C GLU C 182 -13.74 -34.11 0.95
N PHE C 183 -13.05 -34.52 2.00
CA PHE C 183 -12.63 -35.89 2.18
C PHE C 183 -12.20 -36.04 3.61
N ASP C 184 -11.87 -37.25 4.02
CA ASP C 184 -11.36 -37.45 5.35
C ASP C 184 -9.89 -37.10 5.43
N PRO C 185 -9.55 -36.13 6.27
CA PRO C 185 -8.18 -35.59 6.23
C PRO C 185 -7.12 -36.55 6.78
N LEU C 186 -7.49 -37.81 7.01
CA LEU C 186 -6.54 -38.74 7.57
C LEU C 186 -6.23 -39.85 6.57
N GLU C 187 -7.02 -39.96 5.52
CA GLU C 187 -6.84 -41.01 4.53
C GLU C 187 -6.48 -40.44 3.18
N ARG C 188 -6.53 -39.12 3.12
CA ARG C 188 -6.12 -38.40 1.96
C ARG C 188 -4.71 -37.95 2.15
N THR C 189 -3.87 -38.27 1.19
CA THR C 189 -2.53 -37.78 1.23
C THR C 189 -2.42 -36.33 0.74
N ALA C 190 -1.77 -35.50 1.55
CA ALA C 190 -1.48 -34.12 1.20
C ALA C 190 -0.17 -33.97 0.44
N LEU C 191 0.86 -34.62 0.97
CA LEU C 191 2.20 -34.42 0.46
C LEU C 191 3.05 -35.69 0.41
N ILE C 192 3.85 -35.82 -0.64
CA ILE C 192 4.84 -36.87 -0.74
C ILE C 192 6.24 -36.27 -0.80
N MET C 193 6.86 -36.16 0.36
CA MET C 193 8.18 -35.58 0.48
C MET C 193 9.21 -36.69 0.58
N THR C 194 10.12 -36.71 -0.38
CA THR C 194 11.08 -37.80 -0.41
C THR C 194 12.20 -37.47 0.57
N SER C 195 12.70 -38.51 1.23
CA SER C 195 13.70 -38.36 2.28
C SER C 195 14.72 -39.51 2.28
N SER C 196 15.98 -39.17 2.56
CA SER C 196 17.08 -40.15 2.58
C SER C 196 17.46 -40.56 4.02
N GLY C 197 16.49 -41.07 4.79
CA GLY C 197 16.78 -41.49 6.15
C GLY C 197 17.03 -42.98 6.23
N THR C 198 17.03 -43.55 7.44
CA THR C 198 17.39 -44.97 7.69
C THR C 198 18.46 -45.56 6.71
N THR C 199 18.14 -45.64 5.41
CA THR C 199 19.09 -46.09 4.38
C THR C 199 19.22 -45.06 3.22
N GLY C 200 20.32 -45.14 2.47
CA GLY C 200 20.56 -44.26 1.34
C GLY C 200 19.56 -44.41 0.20
N LEU C 201 18.60 -45.30 0.36
CA LEU C 201 17.61 -45.61 -0.68
C LEU C 201 16.53 -44.52 -0.79
N PRO C 202 16.06 -44.27 -2.03
CA PRO C 202 15.00 -43.30 -2.29
C PRO C 202 13.64 -43.79 -1.82
N LYS C 203 13.23 -43.39 -0.62
CA LYS C 203 11.93 -43.77 -0.12
C LYS C 203 11.10 -42.48 0.02
N GLY C 204 9.84 -42.53 -0.37
CA GLY C 204 9.01 -41.34 -0.31
C GLY C 204 8.04 -41.39 0.84
N VAL C 205 8.08 -40.36 1.70
CA VAL C 205 7.27 -40.32 2.94
C VAL C 205 5.89 -39.74 2.65
N VAL C 206 4.84 -40.27 3.27
CA VAL C 206 3.49 -39.76 3.02
C VAL C 206 2.93 -39.00 4.20
N ILE C 207 2.47 -37.79 3.93
CA ILE C 207 1.84 -36.94 4.95
C ILE C 207 0.32 -36.75 4.73
N SER C 208 -0.49 -37.21 5.68
CA SER C 208 -1.93 -37.03 5.59
C SER C 208 -2.29 -35.57 5.84
N HIS C 209 -3.49 -35.16 5.49
CA HIS C 209 -3.95 -33.83 5.80
C HIS C 209 -3.94 -33.60 7.29
N ARG C 210 -4.31 -34.63 8.02
CA ARG C 210 -4.43 -34.53 9.47
C ARG C 210 -3.15 -33.99 10.08
N SER C 211 -2.02 -34.50 9.62
CA SER C 211 -0.70 -34.09 10.10
C SER C 211 -0.50 -32.59 9.94
N ILE C 212 -1.00 -32.05 8.84
CA ILE C 212 -0.92 -30.61 8.63
C ILE C 212 -1.85 -29.86 9.59
N THR C 213 -3.16 -30.18 9.62
CA THR C 213 -4.11 -29.49 10.52
C THR C 213 -3.61 -29.48 11.97
N ILE C 214 -2.89 -30.52 12.34
CA ILE C 214 -2.22 -30.57 13.63
C ILE C 214 -1.02 -29.65 13.69
N ARG C 215 -0.21 -29.65 12.64
CA ARG C 215 0.92 -28.73 12.64
C ARG C 215 0.41 -27.27 12.78
N PHE C 216 -0.78 -27.01 12.25
CA PHE C 216 -1.39 -25.71 12.40
C PHE C 216 -1.79 -25.55 13.87
N VAL C 217 -2.19 -26.66 14.49
CA VAL C 217 -2.58 -26.61 15.90
C VAL C 217 -1.42 -26.09 16.69
N HIS C 218 -0.24 -26.60 16.37
CA HIS C 218 0.99 -26.22 17.06
C HIS C 218 1.39 -24.75 16.82
N SER C 219 1.32 -24.28 15.58
CA SER C 219 1.77 -22.90 15.37
C SER C 219 0.87 -21.88 16.07
N SER C 220 -0.41 -22.22 16.23
CA SER C 220 -1.35 -21.30 16.90
C SER C 220 -1.17 -21.28 18.43
N ASP C 221 -0.79 -22.44 18.99
CA ASP C 221 -0.49 -22.56 20.42
C ASP C 221 0.53 -21.56 20.92
N PRO C 222 0.17 -20.79 21.95
CA PRO C 222 0.89 -19.61 22.42
C PRO C 222 2.01 -19.92 23.42
N ILE C 223 2.13 -21.18 23.84
CA ILE C 223 3.25 -21.56 24.68
C ILE C 223 4.36 -22.14 23.84
N TYR C 224 3.98 -22.86 22.79
CA TYR C 224 4.93 -23.42 21.85
C TYR C 224 5.12 -22.55 20.57
N GLY C 225 4.31 -22.76 19.53
CA GLY C 225 4.42 -22.01 18.27
C GLY C 225 4.60 -20.49 18.36
N THR C 226 5.01 -19.85 17.26
CA THR C 226 5.41 -18.43 17.32
C THR C 226 4.22 -17.62 17.78
N ARG C 227 4.30 -17.17 19.03
CA ARG C 227 3.25 -16.35 19.59
C ARG C 227 3.52 -14.87 19.33
N ILE C 228 3.05 -14.40 18.18
CA ILE C 228 3.15 -12.98 17.82
C ILE C 228 1.88 -12.58 17.05
N ALA C 229 1.56 -11.29 17.12
CA ALA C 229 0.37 -10.66 16.54
C ALA C 229 0.20 -10.91 15.05
N PRO C 230 -1.00 -11.38 14.63
CA PRO C 230 -1.30 -11.54 13.19
C PRO C 230 -1.28 -10.23 12.38
N ASP C 231 -0.08 -9.90 11.86
CA ASP C 231 0.30 -8.68 11.10
C ASP C 231 1.62 -8.14 11.69
N THR C 232 2.53 -9.06 12.06
CA THR C 232 3.93 -8.72 12.36
C THR C 232 4.82 -9.62 11.45
N SER C 233 6.09 -9.27 11.22
CA SER C 233 6.85 -9.91 10.12
C SER C 233 7.81 -11.01 10.58
N ILE C 234 7.56 -12.23 10.14
CA ILE C 234 8.38 -13.40 10.42
C ILE C 234 9.22 -13.76 9.23
N LEU C 235 10.43 -14.25 9.49
CA LEU C 235 11.29 -14.68 8.40
C LEU C 235 11.33 -16.20 8.21
N ALA C 236 11.11 -16.60 6.96
CA ALA C 236 11.22 -17.98 6.56
C ALA C 236 12.44 -18.05 5.67
N ILE C 237 13.36 -18.93 6.03
CA ILE C 237 14.60 -19.02 5.26
C ILE C 237 14.82 -20.47 4.89
N ALA C 238 14.28 -21.35 5.73
CA ALA C 238 14.44 -22.77 5.56
C ALA C 238 13.79 -23.20 4.24
N PRO C 239 14.45 -24.10 3.53
CA PRO C 239 14.03 -24.67 2.23
C PRO C 239 12.57 -25.17 2.17
N PHE C 240 11.78 -24.61 1.25
CA PHE C 240 10.36 -24.94 1.17
C PHE C 240 10.11 -26.32 0.66
N HIS C 241 11.04 -26.84 -0.14
CA HIS C 241 10.85 -28.14 -0.76
C HIS C 241 10.99 -29.23 0.30
N HIS C 242 11.68 -28.86 1.38
CA HIS C 242 11.95 -29.75 2.50
C HIS C 242 10.97 -29.56 3.66
N ALA C 243 10.69 -30.65 4.37
CA ALA C 243 9.59 -30.69 5.34
C ALA C 243 9.69 -29.62 6.45
N PHE C 244 10.84 -29.53 7.12
CA PHE C 244 11.05 -28.54 8.18
C PHE C 244 10.67 -27.16 7.63
N GLY C 245 11.27 -26.77 6.51
CA GLY C 245 11.00 -25.45 5.93
C GLY C 245 9.60 -25.23 5.38
N LEU C 246 9.06 -26.28 4.77
CA LEU C 246 7.74 -26.19 4.17
C LEU C 246 6.67 -26.03 5.19
N PHE C 247 6.76 -26.76 6.27
CA PHE C 247 5.73 -26.69 7.27
C PHE C 247 5.85 -25.49 8.20
N THR C 248 7.06 -25.17 8.63
CA THR C 248 7.22 -23.95 9.42
C THR C 248 6.63 -22.80 8.59
N ALA C 249 6.89 -22.81 7.28
CA ALA C 249 6.38 -21.75 6.41
C ALA C 249 4.86 -21.80 6.26
N LEU C 250 4.35 -22.96 5.88
CA LEU C 250 2.92 -23.11 5.61
C LEU C 250 2.05 -22.75 6.81
N ALA C 251 2.54 -23.07 7.99
CA ALA C 251 1.76 -22.83 9.21
C ALA C 251 1.58 -21.35 9.49
N TYR C 252 2.29 -20.51 8.77
CA TYR C 252 2.15 -19.10 9.02
C TYR C 252 0.84 -18.55 8.55
N PHE C 253 0.23 -19.12 7.54
CA PHE C 253 -0.97 -18.49 6.98
C PHE C 253 -2.14 -18.55 7.95
N PRO C 254 -2.43 -19.72 8.55
CA PRO C 254 -3.53 -19.82 9.51
C PRO C 254 -3.44 -18.83 10.68
N VAL C 255 -2.30 -18.16 10.84
CA VAL C 255 -2.15 -17.18 11.91
C VAL C 255 -1.88 -15.80 11.31
N GLY C 256 -1.84 -15.76 9.99
CA GLY C 256 -1.71 -14.53 9.20
C GLY C 256 -0.48 -13.70 9.49
N LEU C 257 0.70 -14.21 9.17
CA LEU C 257 1.88 -13.43 9.46
C LEU C 257 2.50 -12.96 8.19
N LYS C 258 2.94 -11.71 8.19
CA LYS C 258 3.72 -11.17 7.08
C LYS C 258 5.00 -11.98 6.95
N ILE C 259 5.11 -12.79 5.92
CA ILE C 259 6.35 -13.54 5.71
C ILE C 259 7.34 -12.78 4.85
N VAL C 260 8.57 -12.69 5.32
CA VAL C 260 9.65 -12.32 4.41
C VAL C 260 10.45 -13.57 4.23
N MET C 261 10.98 -13.74 3.04
CA MET C 261 11.57 -15.02 2.74
C MET C 261 12.87 -14.82 2.02
N VAL C 262 13.89 -15.50 2.51
CA VAL C 262 15.21 -15.40 1.93
C VAL C 262 15.46 -16.72 1.24
N LYS C 263 16.00 -16.65 0.02
CA LYS C 263 16.25 -17.82 -0.80
C LYS C 263 17.38 -18.69 -0.20
N LYS C 264 18.44 -18.05 0.31
CA LYS C 264 19.59 -18.77 0.84
C LYS C 264 20.23 -18.12 2.09
N PHE C 265 20.50 -19.01 3.06
CA PHE C 265 21.04 -18.77 4.42
C PHE C 265 22.36 -18.06 4.52
N GLU C 266 23.08 -18.14 3.41
CA GLU C 266 24.47 -17.78 3.36
C GLU C 266 24.64 -16.28 3.61
N GLY C 267 25.79 -15.94 4.18
CA GLY C 267 26.20 -14.58 4.50
C GLY C 267 25.43 -13.76 5.51
N GLU C 268 25.89 -12.51 5.59
CA GLU C 268 25.32 -11.44 6.39
C GLU C 268 24.02 -10.91 5.86
N PHE C 269 23.68 -11.32 4.65
CA PHE C 269 22.45 -10.86 4.03
C PHE C 269 21.28 -11.25 4.93
N PHE C 270 21.47 -12.28 5.73
CA PHE C 270 20.47 -12.70 6.69
C PHE C 270 20.32 -11.60 7.75
N LEU C 271 21.46 -11.15 8.26
CA LEU C 271 21.52 -10.04 9.20
C LEU C 271 20.86 -8.79 8.64
N LYS C 272 21.31 -8.40 7.44
CA LYS C 272 20.74 -7.25 6.77
C LYS C 272 19.21 -7.35 6.77
N THR C 273 18.74 -8.44 6.19
CA THR C 273 17.31 -8.72 6.06
C THR C 273 16.56 -8.59 7.35
N ILE C 274 17.07 -9.26 8.37
CA ILE C 274 16.41 -9.28 9.66
C ILE C 274 16.33 -7.87 10.24
N GLN C 275 17.33 -7.04 9.93
CA GLN C 275 17.22 -5.62 10.27
C GLN C 275 16.21 -4.83 9.43
N ASN C 276 16.32 -4.89 8.10
CA ASN C 276 15.63 -3.97 7.17
C ASN C 276 14.13 -4.18 7.05
N TYR C 277 13.65 -5.30 7.60
CA TYR C 277 12.25 -5.64 7.52
C TYR C 277 11.64 -5.69 8.91
N LYS C 278 12.46 -5.38 9.93
CA LYS C 278 11.98 -5.39 11.31
C LYS C 278 11.38 -6.74 11.65
N ILE C 279 12.23 -7.75 11.62
CA ILE C 279 11.78 -9.12 11.76
C ILE C 279 11.57 -9.51 13.21
N ALA C 280 10.35 -9.90 13.54
CA ALA C 280 9.97 -10.33 14.88
C ALA C 280 10.54 -11.70 15.27
N SER C 281 10.33 -12.71 14.42
CA SER C 281 10.77 -14.08 14.73
C SER C 281 11.62 -14.67 13.62
N ILE C 282 12.65 -15.43 13.96
CA ILE C 282 13.28 -16.25 12.95
C ILE C 282 13.25 -17.69 13.41
N VAL C 283 13.19 -18.59 12.45
CA VAL C 283 13.20 -20.02 12.74
C VAL C 283 14.24 -20.67 11.86
N VAL C 284 15.32 -21.10 12.49
CA VAL C 284 16.48 -21.46 11.72
C VAL C 284 16.98 -22.88 12.07
N PRO C 285 17.78 -23.49 11.18
CA PRO C 285 18.50 -24.73 11.48
C PRO C 285 19.80 -24.32 12.16
N PRO C 286 20.53 -25.25 12.77
CA PRO C 286 21.72 -24.89 13.56
C PRO C 286 22.93 -24.21 12.88
N PRO C 287 23.17 -24.36 11.55
CA PRO C 287 24.29 -23.57 11.03
C PRO C 287 24.19 -22.04 11.22
N ILE C 288 23.04 -21.44 10.89
CA ILE C 288 22.88 -20.00 11.12
C ILE C 288 22.64 -19.76 12.63
N MET C 289 22.45 -20.83 13.40
CA MET C 289 22.52 -20.72 14.86
C MET C 289 23.95 -20.41 15.34
N VAL C 290 24.94 -21.13 14.80
CA VAL C 290 26.34 -20.88 15.17
C VAL C 290 26.78 -19.53 14.62
N TYR C 291 26.38 -19.27 13.37
CA TYR C 291 26.61 -17.97 12.75
C TYR C 291 25.98 -16.92 13.66
N LEU C 292 24.85 -17.28 14.25
CA LEU C 292 24.23 -16.36 15.19
C LEU C 292 25.06 -16.08 16.44
N ALA C 293 25.31 -17.10 17.26
CA ALA C 293 25.94 -16.89 18.56
C ALA C 293 27.35 -16.34 18.42
N LYS C 294 28.23 -17.11 17.81
CA LYS C 294 29.62 -16.67 17.75
C LYS C 294 30.07 -16.35 16.32
N SER C 295 29.43 -15.34 15.71
CA SER C 295 29.99 -14.69 14.54
C SER C 295 30.20 -13.22 14.84
N PRO C 296 31.26 -12.65 14.28
CA PRO C 296 31.61 -11.27 14.63
C PRO C 296 30.73 -10.23 13.99
N LEU C 297 30.73 -9.06 14.62
CA LEU C 297 30.13 -7.85 14.08
C LEU C 297 28.75 -8.17 13.50
N VAL C 298 28.02 -8.97 14.25
CA VAL C 298 26.67 -9.37 13.92
C VAL C 298 25.74 -8.62 14.87
N ASP C 299 26.33 -7.67 15.59
CA ASP C 299 25.59 -6.66 16.32
C ASP C 299 25.91 -5.29 15.72
N GLU C 300 26.61 -5.35 14.59
CA GLU C 300 26.92 -4.18 13.79
C GLU C 300 25.69 -3.83 12.98
N TYR C 301 24.78 -4.80 12.93
CA TYR C 301 23.42 -4.59 12.45
C TYR C 301 22.47 -4.54 13.62
N ASN C 302 21.44 -3.70 13.50
CA ASN C 302 20.47 -3.55 14.57
C ASN C 302 19.43 -4.66 14.57
N LEU C 303 19.53 -5.58 15.51
CA LEU C 303 18.65 -6.74 15.50
C LEU C 303 17.64 -6.66 16.62
N SER C 304 17.40 -5.45 17.08
CA SER C 304 16.50 -5.26 18.21
C SER C 304 15.04 -5.60 17.91
N SER C 305 14.78 -6.17 16.74
CA SER C 305 13.40 -6.49 16.36
C SER C 305 12.88 -7.85 16.84
N LEU C 306 13.77 -8.67 17.38
CA LEU C 306 13.51 -10.11 17.50
C LEU C 306 12.87 -10.61 18.82
N THR C 307 11.60 -10.98 18.77
CA THR C 307 10.89 -11.47 19.94
C THR C 307 11.18 -12.96 20.19
N GLU C 308 11.14 -13.78 19.15
CA GLU C 308 11.23 -15.22 19.35
C GLU C 308 12.25 -15.83 18.42
N ILE C 309 12.96 -16.85 18.91
CA ILE C 309 13.84 -17.67 18.07
C ILE C 309 13.58 -19.17 18.22
N ALA C 310 13.58 -19.91 17.11
CA ALA C 310 13.43 -21.35 17.19
C ALA C 310 14.47 -22.06 16.33
N CYS C 311 14.78 -23.29 16.71
CA CYS C 311 15.62 -24.16 15.87
C CYS C 311 15.04 -25.56 15.72
N GLY C 312 15.08 -26.09 14.51
CA GLY C 312 14.50 -27.40 14.27
C GLY C 312 15.20 -28.29 13.27
N GLY C 313 16.50 -28.51 13.47
CA GLY C 313 17.25 -29.51 12.70
C GLY C 313 18.38 -30.14 13.53
N SER C 314 18.08 -31.21 14.27
CA SER C 314 19.04 -31.89 15.17
C SER C 314 19.70 -30.97 16.20
N PRO C 315 18.89 -30.44 17.14
CA PRO C 315 19.23 -29.36 18.09
C PRO C 315 19.92 -29.84 19.36
N LEU C 316 21.14 -29.42 19.61
CA LEU C 316 21.81 -29.85 20.83
C LEU C 316 22.89 -28.85 21.20
N GLY C 317 23.05 -27.81 20.37
CA GLY C 317 24.15 -26.86 20.47
C GLY C 317 24.38 -26.28 21.85
N ARG C 318 24.82 -27.15 22.75
CA ARG C 318 25.20 -26.81 24.11
C ARG C 318 26.51 -26.03 24.15
N ASP C 319 26.47 -24.84 24.74
CA ASP C 319 25.23 -24.09 24.94
C ASP C 319 25.26 -22.90 23.98
N ILE C 320 25.28 -23.19 22.69
CA ILE C 320 25.28 -22.13 21.70
C ILE C 320 23.97 -21.35 21.78
N ALA C 321 22.91 -22.11 21.99
CA ALA C 321 21.56 -21.58 22.21
C ALA C 321 21.54 -20.53 23.30
N ASP C 322 22.27 -20.80 24.36
CA ASP C 322 22.34 -19.90 25.47
C ASP C 322 23.13 -18.64 25.08
N LYS C 323 24.15 -18.84 24.25
CA LYS C 323 25.01 -17.73 23.81
C LYS C 323 24.16 -16.71 23.04
N VAL C 324 23.26 -17.19 22.20
CA VAL C 324 22.36 -16.26 21.48
C VAL C 324 21.22 -15.72 22.35
N ALA C 325 20.64 -16.56 23.21
CA ALA C 325 19.55 -16.15 24.10
C ALA C 325 19.93 -14.88 24.84
N LYS C 326 21.17 -14.88 25.31
CA LYS C 326 21.80 -13.72 25.94
C LYS C 326 22.20 -12.63 24.93
N ARG C 327 22.85 -13.03 23.82
CA ARG C 327 23.31 -12.07 22.83
C ARG C 327 22.16 -11.19 22.37
N LEU C 328 21.06 -11.83 22.01
CA LEU C 328 19.91 -11.11 21.48
C LEU C 328 18.73 -10.87 22.39
N LYS C 329 18.94 -10.66 23.68
CA LYS C 329 17.87 -10.14 24.58
C LYS C 329 16.52 -10.76 24.26
N VAL C 330 16.50 -12.08 24.24
CA VAL C 330 15.33 -12.78 23.80
C VAL C 330 14.80 -13.58 24.98
N HIS C 331 13.51 -13.90 24.95
CA HIS C 331 12.85 -14.59 26.06
C HIS C 331 13.38 -16.00 26.24
N GLY C 332 14.70 -16.17 26.16
CA GLY C 332 15.28 -17.51 26.10
C GLY C 332 14.73 -18.33 24.94
N ILE C 333 15.58 -18.61 23.94
CA ILE C 333 15.16 -19.43 22.81
C ILE C 333 15.00 -20.89 23.23
N LEU C 334 13.79 -21.39 23.06
CA LEU C 334 13.53 -22.78 23.43
C LEU C 334 12.91 -23.42 22.17
N GLN C 335 13.07 -24.73 22.04
CA GLN C 335 12.87 -25.42 20.76
C GLN C 335 13.22 -26.91 20.81
N GLY C 336 13.40 -27.40 19.57
CA GLY C 336 13.80 -28.73 19.10
C GLY C 336 13.43 -29.87 20.01
N TYR C 337 14.47 -30.49 20.62
CA TYR C 337 14.35 -31.67 21.52
C TYR C 337 13.37 -32.67 20.89
N GLY C 338 13.68 -33.09 19.66
CA GLY C 338 12.84 -34.04 18.90
C GLY C 338 12.45 -33.47 17.55
N LEU C 339 12.87 -34.15 16.49
CA LEU C 339 12.54 -33.77 15.08
C LEU C 339 12.62 -35.05 14.24
N THR C 340 11.89 -35.12 13.13
CA THR C 340 11.89 -36.39 12.40
C THR C 340 11.83 -36.31 10.88
N GLU C 341 11.82 -37.50 10.27
CA GLU C 341 11.51 -37.74 8.87
C GLU C 341 10.20 -37.06 8.56
N THR C 342 9.30 -37.21 9.53
CA THR C 342 7.92 -36.74 9.51
C THR C 342 7.86 -35.23 9.80
N CYS C 343 6.67 -34.70 10.14
CA CYS C 343 6.55 -33.31 10.59
C CYS C 343 7.55 -33.12 11.72
N SER C 344 8.53 -32.25 11.49
CA SER C 344 9.59 -32.01 12.46
C SER C 344 8.90 -31.44 13.71
N ALA C 345 9.58 -31.56 14.84
CA ALA C 345 9.16 -30.95 16.09
C ALA C 345 7.95 -31.62 16.71
N LEU C 346 8.21 -32.37 17.75
CA LEU C 346 7.19 -33.02 18.62
C LEU C 346 7.97 -33.22 19.92
N ILE C 347 7.39 -32.78 21.03
CA ILE C 347 8.04 -32.71 22.37
C ILE C 347 9.10 -31.60 22.32
N LEU C 348 8.71 -30.40 22.70
CA LEU C 348 9.66 -29.27 22.69
C LEU C 348 9.55 -28.50 24.00
N SER C 349 10.30 -27.41 24.07
CA SER C 349 10.31 -26.46 25.19
C SER C 349 9.56 -25.16 24.96
N PRO C 363 6.99 -33.38 24.67
CA PRO C 363 5.60 -33.82 24.56
C PRO C 363 4.74 -32.64 24.09
N MET C 364 4.19 -32.71 22.88
CA MET C 364 3.37 -31.64 22.37
C MET C 364 1.99 -32.14 22.05
N PRO C 365 1.03 -31.22 21.84
CA PRO C 365 -0.34 -31.67 21.69
C PRO C 365 -0.51 -32.72 20.64
N TYR C 366 -1.40 -33.68 20.88
CA TYR C 366 -1.68 -34.73 19.91
C TYR C 366 -0.50 -35.66 19.68
N VAL C 367 0.50 -35.59 20.56
CA VAL C 367 1.67 -36.48 20.48
C VAL C 367 1.80 -37.28 21.77
N GLN C 368 1.83 -38.60 21.63
CA GLN C 368 2.13 -39.41 22.80
C GLN C 368 3.48 -40.08 22.60
N VAL C 369 4.18 -40.25 23.69
CA VAL C 369 5.50 -40.83 23.69
C VAL C 369 5.52 -41.94 24.70
N LYS C 370 6.18 -43.04 24.35
CA LYS C 370 6.40 -44.08 25.35
C LYS C 370 7.85 -44.58 25.35
N VAL C 371 8.14 -45.46 26.31
CA VAL C 371 9.52 -45.80 26.68
C VAL C 371 9.87 -47.32 26.67
N ILE C 372 8.88 -48.18 26.97
CA ILE C 372 8.96 -49.67 26.85
C ILE C 372 10.30 -50.34 27.17
N ASP C 373 10.46 -51.56 26.66
CA ASP C 373 11.66 -52.36 26.91
C ASP C 373 12.41 -52.67 25.61
N ILE C 374 13.74 -52.46 25.62
CA ILE C 374 14.61 -52.86 24.50
C ILE C 374 14.38 -54.34 24.16
N ASN C 375 14.08 -55.15 25.18
CA ASN C 375 13.97 -56.60 25.01
C ASN C 375 12.56 -57.15 24.80
N THR C 376 11.66 -56.87 25.74
CA THR C 376 10.31 -57.41 25.65
C THR C 376 9.52 -56.53 24.68
N GLY C 377 9.54 -55.22 24.94
CA GLY C 377 8.78 -54.28 24.16
C GLY C 377 7.51 -53.95 24.91
N LYS C 378 7.46 -54.35 26.18
CA LYS C 378 6.30 -54.03 27.03
C LYS C 378 6.44 -52.67 27.71
N ALA C 379 5.29 -51.99 27.81
CA ALA C 379 5.22 -50.62 28.31
C ALA C 379 5.67 -50.43 29.76
N LEU C 380 6.61 -49.50 29.93
CA LEU C 380 7.15 -49.12 31.23
C LEU C 380 6.23 -48.13 31.95
N GLY C 381 6.62 -47.81 33.18
CA GLY C 381 6.01 -46.72 33.91
C GLY C 381 7.02 -45.60 33.99
N PRO C 382 6.91 -44.75 35.02
CA PRO C 382 7.73 -43.54 35.17
C PRO C 382 9.22 -43.82 35.41
N ARG C 383 10.07 -42.84 35.04
CA ARG C 383 11.54 -42.84 35.22
C ARG C 383 12.28 -44.13 34.87
N GLU C 384 11.86 -44.82 33.81
CA GLU C 384 12.47 -46.11 33.50
C GLU C 384 12.95 -46.22 32.07
N LYS C 385 14.17 -46.75 31.92
CA LYS C 385 14.86 -46.84 30.63
C LYS C 385 14.12 -47.75 29.64
N GLY C 386 14.70 -47.93 28.46
CA GLY C 386 14.08 -48.71 27.39
C GLY C 386 13.91 -47.88 26.13
N GLU C 387 13.66 -48.51 24.98
CA GLU C 387 13.59 -47.78 23.72
C GLU C 387 12.41 -46.82 23.63
N ILE C 388 12.68 -45.51 23.56
CA ILE C 388 11.64 -44.47 23.38
C ILE C 388 11.15 -44.25 21.95
N CYS C 389 9.82 -44.15 21.81
CA CYS C 389 9.19 -44.00 20.51
C CYS C 389 7.83 -43.26 20.60
N PHE C 390 7.34 -42.79 19.45
CA PHE C 390 6.14 -41.95 19.37
C PHE C 390 4.96 -42.58 18.69
N LYS C 391 3.79 -42.04 19.04
CA LYS C 391 2.53 -42.31 18.35
C LYS C 391 1.79 -40.98 18.18
N SER C 392 1.33 -40.70 16.96
CA SER C 392 0.62 -39.46 16.68
C SER C 392 -0.07 -39.51 15.33
N GLN C 393 -1.19 -38.78 15.19
CA GLN C 393 -1.87 -38.67 13.90
C GLN C 393 -1.03 -37.91 12.91
N MET C 394 -0.15 -37.07 13.46
CA MET C 394 0.74 -36.18 12.72
C MET C 394 1.87 -36.96 12.07
N LEU C 395 2.07 -38.18 12.55
CA LEU C 395 3.09 -39.08 12.03
C LEU C 395 2.85 -39.49 10.59
N MET C 396 3.94 -39.84 9.91
CA MET C 396 3.83 -40.33 8.56
C MET C 396 2.89 -41.52 8.49
N LYS C 397 2.08 -41.52 7.44
CA LYS C 397 1.12 -42.59 7.19
C LYS C 397 1.90 -43.73 6.51
N GLY C 398 3.21 -43.62 6.56
CA GLY C 398 4.07 -44.61 5.95
C GLY C 398 4.89 -44.05 4.81
N TYR C 399 5.44 -44.95 4.01
CA TYR C 399 6.26 -44.62 2.86
C TYR C 399 5.35 -44.80 1.66
N HIS C 400 5.81 -44.45 0.47
CA HIS C 400 4.89 -44.45 -0.65
C HIS C 400 4.67 -45.85 -1.21
N ASN C 401 5.36 -46.18 -2.30
CA ASN C 401 5.24 -47.50 -2.94
C ASN C 401 6.04 -48.58 -2.21
N ASN C 402 6.50 -48.28 -1.00
CA ASN C 402 7.30 -49.21 -0.21
C ASN C 402 6.59 -49.64 1.08
N PRO C 403 5.92 -50.80 1.05
CA PRO C 403 5.23 -51.29 2.24
C PRO C 403 6.23 -51.96 3.16
N GLN C 404 7.41 -52.24 2.64
CA GLN C 404 8.44 -52.90 3.41
C GLN C 404 8.80 -51.99 4.58
N ALA C 405 9.31 -50.79 4.26
CA ALA C 405 9.81 -49.85 5.28
C ALA C 405 8.67 -49.10 6.00
N THR C 406 7.44 -49.24 5.52
CA THR C 406 6.29 -48.72 6.26
C THR C 406 6.22 -49.53 7.54
N ARG C 407 6.12 -50.84 7.39
CA ARG C 407 6.04 -51.74 8.54
C ARG C 407 7.34 -51.76 9.34
N ASP C 408 8.41 -51.23 8.74
CA ASP C 408 9.68 -51.15 9.43
C ASP C 408 9.70 -49.94 10.37
N ALA C 409 9.18 -48.82 9.90
CA ALA C 409 9.27 -47.58 10.68
C ALA C 409 8.31 -47.62 11.87
N LEU C 410 7.01 -47.59 11.57
CA LEU C 410 6.00 -47.69 12.61
C LEU C 410 5.53 -49.15 12.73
N ASP C 411 5.50 -49.64 13.97
CA ASP C 411 5.27 -51.06 14.22
C ASP C 411 3.79 -51.44 14.12
N LYS C 412 3.46 -52.59 14.69
CA LYS C 412 2.14 -53.21 14.68
C LYS C 412 0.97 -52.30 15.04
N ASP C 413 1.18 -51.37 15.96
CA ASP C 413 0.07 -50.53 16.40
C ASP C 413 0.46 -49.06 16.53
N GLY C 414 0.98 -48.49 15.45
CA GLY C 414 1.09 -47.05 15.30
C GLY C 414 2.23 -46.37 16.03
N TRP C 415 3.10 -47.14 16.65
CA TRP C 415 4.22 -46.56 17.34
C TRP C 415 5.42 -46.50 16.45
N LEU C 416 6.10 -45.37 16.45
CA LEU C 416 7.20 -45.23 15.53
C LEU C 416 8.52 -45.11 16.27
N HIS C 417 9.38 -46.12 16.07
CA HIS C 417 10.63 -46.32 16.80
C HIS C 417 11.76 -45.36 16.39
N THR C 418 12.25 -44.58 17.37
CA THR C 418 13.23 -43.53 17.11
C THR C 418 14.66 -44.01 17.06
N GLY C 419 14.97 -45.01 17.89
CA GLY C 419 16.33 -45.46 17.99
C GLY C 419 17.05 -44.72 19.11
N ASP C 420 16.32 -44.40 20.17
CA ASP C 420 16.96 -43.96 21.42
C ASP C 420 16.36 -44.67 22.61
N LEU C 421 17.04 -44.63 23.75
CA LEU C 421 16.45 -45.07 25.02
C LEU C 421 16.50 -43.96 26.07
N GLY C 422 15.59 -44.02 27.04
CA GLY C 422 15.49 -43.04 28.11
C GLY C 422 14.28 -43.22 29.00
N TYR C 423 13.69 -42.13 29.53
CA TYR C 423 12.53 -42.29 30.41
C TYR C 423 11.62 -41.08 30.66
N TYR C 424 10.37 -41.44 30.93
CA TYR C 424 9.41 -40.67 31.72
C TYR C 424 10.07 -39.75 32.75
N ASP C 425 9.92 -38.44 32.66
CA ASP C 425 10.32 -37.59 33.80
C ASP C 425 9.20 -37.49 34.83
N GLU C 426 8.47 -38.60 34.99
CA GLU C 426 7.40 -38.83 35.98
C GLU C 426 6.06 -38.29 35.49
N ASP C 427 5.00 -38.78 36.14
CA ASP C 427 3.68 -38.17 36.04
C ASP C 427 3.70 -36.68 36.38
N ARG C 428 4.29 -36.33 37.54
CA ARG C 428 4.28 -34.94 38.04
C ARG C 428 5.19 -34.01 37.22
N PHE C 429 6.00 -34.59 36.32
CA PHE C 429 6.75 -33.84 35.31
C PHE C 429 6.71 -34.47 33.91
N ILE C 430 5.51 -34.70 33.34
CA ILE C 430 5.37 -35.48 32.08
C ILE C 430 6.23 -35.00 30.90
N TYR C 431 7.48 -34.62 31.14
CA TYR C 431 8.38 -34.22 30.06
C TYR C 431 9.46 -35.28 29.76
N VAL C 432 10.31 -35.05 28.75
CA VAL C 432 11.27 -36.08 28.36
C VAL C 432 12.77 -35.77 28.54
N VAL C 433 13.40 -36.58 29.42
CA VAL C 433 14.85 -36.78 29.44
C VAL C 433 15.14 -38.24 29.08
N ASP C 434 16.18 -38.46 28.28
CA ASP C 434 16.50 -39.83 27.86
C ASP C 434 17.94 -40.23 28.23
N ARG C 435 18.08 -41.43 28.80
CA ARG C 435 19.35 -41.93 29.33
C ARG C 435 20.26 -42.42 28.20
N ASN D 8 6.11 38.92 -26.43
CA ASN D 8 7.03 37.78 -26.26
C ASN D 8 6.80 36.88 -25.03
N GLY D 9 6.85 37.43 -23.83
CA GLY D 9 6.54 36.62 -22.68
C GLY D 9 7.66 35.72 -22.26
N ASP D 10 7.66 35.38 -20.98
CA ASP D 10 8.80 34.76 -20.31
C ASP D 10 9.69 33.80 -21.08
N ARG D 11 10.97 33.91 -20.75
CA ARG D 11 11.97 32.98 -21.21
C ARG D 11 11.85 31.68 -20.47
N PRO D 12 11.82 30.55 -21.19
CA PRO D 12 11.60 29.25 -20.56
C PRO D 12 12.77 28.91 -19.68
N ARG D 13 12.53 28.30 -18.51
CA ARG D 13 13.66 27.96 -17.64
C ARG D 13 14.21 26.62 -18.10
N ASP D 14 13.32 25.64 -18.32
CA ASP D 14 13.74 24.32 -18.80
C ASP D 14 13.51 24.26 -20.32
N LEU D 15 14.57 24.20 -21.11
CA LEU D 15 14.41 24.20 -22.58
C LEU D 15 13.51 23.04 -23.00
N VAL D 16 12.58 23.32 -23.91
CA VAL D 16 11.61 22.33 -24.43
C VAL D 16 12.35 21.13 -24.98
N PHE D 17 11.88 19.92 -24.67
CA PHE D 17 12.47 18.71 -25.20
C PHE D 17 12.12 18.62 -26.67
N PRO D 18 13.15 18.55 -27.53
CA PRO D 18 12.93 18.63 -28.98
C PRO D 18 12.05 17.51 -29.52
N GLY D 19 12.44 16.27 -29.20
CA GLY D 19 11.87 15.10 -29.82
C GLY D 19 10.41 14.85 -29.52
N THR D 20 9.94 13.72 -30.02
CA THR D 20 8.58 13.24 -29.81
C THR D 20 8.25 13.28 -28.30
N ALA D 21 7.01 13.63 -27.98
CA ALA D 21 6.60 13.67 -26.58
C ALA D 21 6.62 12.24 -26.03
N GLY D 22 6.22 11.29 -26.87
CA GLY D 22 6.41 9.88 -26.61
C GLY D 22 7.77 9.68 -25.98
N LEU D 23 8.81 10.00 -26.73
CA LEU D 23 10.18 9.82 -26.28
C LEU D 23 10.45 10.47 -24.93
N GLN D 24 9.95 11.68 -24.70
CA GLN D 24 10.15 12.28 -23.37
C GLN D 24 9.48 11.46 -22.28
N LEU D 25 8.18 11.24 -22.41
CA LEU D 25 7.43 10.43 -21.46
C LEU D 25 8.06 9.08 -21.17
N TYR D 26 8.45 8.40 -22.24
CA TYR D 26 9.20 7.16 -22.18
C TYR D 26 10.39 7.29 -21.25
N GLN D 27 11.27 8.21 -21.61
CA GLN D 27 12.45 8.46 -20.81
C GLN D 27 12.08 8.70 -19.34
N SER D 28 11.01 9.45 -19.12
CA SER D 28 10.56 9.80 -17.78
C SER D 28 10.20 8.56 -16.99
N LEU D 29 9.33 7.74 -17.56
CA LEU D 29 8.93 6.48 -16.96
C LEU D 29 10.14 5.64 -16.60
N TYR D 30 11.13 5.59 -17.50
CA TYR D 30 12.35 4.79 -17.31
C TYR D 30 13.20 5.25 -16.14
N LYS D 31 13.32 6.56 -16.04
CA LYS D 31 14.07 7.20 -14.97
C LYS D 31 13.38 6.94 -13.63
N TYR D 32 12.15 7.42 -13.53
CA TYR D 32 11.37 7.20 -12.32
C TYR D 32 10.68 5.84 -12.23
N SER D 33 11.29 4.78 -12.78
CA SER D 33 10.77 3.42 -12.55
C SER D 33 10.77 3.03 -11.11
N TYR D 34 11.77 3.55 -10.38
CA TYR D 34 11.95 3.25 -8.95
C TYR D 34 10.74 3.66 -8.09
N ILE D 35 9.98 4.66 -8.54
CA ILE D 35 8.78 5.03 -7.83
C ILE D 35 7.79 3.87 -7.83
N THR D 36 7.36 3.48 -6.63
CA THR D 36 6.50 2.30 -6.47
C THR D 36 5.06 2.68 -6.26
N ASP D 37 4.82 3.97 -6.00
CA ASP D 37 3.47 4.49 -5.87
C ASP D 37 3.04 5.42 -6.97
N GLY D 38 3.22 4.99 -8.22
CA GLY D 38 2.81 5.79 -9.35
C GLY D 38 1.40 6.38 -9.27
N ILE D 39 0.39 5.53 -9.31
CA ILE D 39 -0.95 6.06 -9.19
C ILE D 39 -1.78 5.26 -8.20
N ILE D 40 -2.50 5.93 -7.32
CA ILE D 40 -3.32 5.20 -6.38
C ILE D 40 -4.78 5.56 -6.56
N ASP D 41 -5.63 4.55 -6.66
CA ASP D 41 -7.06 4.79 -6.81
C ASP D 41 -7.63 5.12 -5.45
N ALA D 42 -7.88 6.41 -5.21
CA ALA D 42 -8.41 6.88 -3.91
C ALA D 42 -9.63 6.09 -3.42
N HIS D 43 -10.42 5.60 -4.36
CA HIS D 43 -11.61 4.82 -4.04
C HIS D 43 -11.25 3.37 -3.78
N THR D 44 -10.81 2.68 -4.82
CA THR D 44 -10.57 1.25 -4.73
C THR D 44 -9.37 0.97 -3.85
N ASN D 45 -8.37 1.85 -3.91
CA ASN D 45 -7.04 1.69 -3.27
C ASN D 45 -6.06 0.84 -4.06
N GLU D 46 -6.47 0.51 -5.28
CA GLU D 46 -5.60 -0.08 -6.28
C GLU D 46 -4.41 0.83 -6.53
N VAL D 47 -3.26 0.24 -6.81
CA VAL D 47 -2.07 1.02 -7.02
C VAL D 47 -1.16 0.51 -8.13
N ILE D 48 -0.75 1.41 -8.99
CA ILE D 48 0.21 1.03 -10.01
C ILE D 48 1.55 1.75 -9.79
N SER D 49 2.65 1.08 -10.11
CA SER D 49 3.97 1.70 -9.99
C SER D 49 4.37 2.23 -11.35
N TYR D 50 5.28 3.18 -11.35
CA TYR D 50 5.83 3.72 -12.58
C TYR D 50 6.40 2.58 -13.41
N ALA D 51 7.19 1.71 -12.79
CA ALA D 51 7.78 0.61 -13.51
C ALA D 51 6.75 -0.22 -14.29
N GLN D 52 5.57 -0.31 -13.70
CA GLN D 52 4.43 -1.02 -14.29
C GLN D 52 3.86 -0.33 -15.54
N ILE D 53 3.63 0.99 -15.45
CA ILE D 53 3.20 1.79 -16.59
C ILE D 53 4.22 1.74 -17.71
N PHE D 54 5.48 1.78 -17.33
CA PHE D 54 6.57 1.69 -18.28
C PHE D 54 6.53 0.39 -19.09
N GLU D 55 6.52 -0.75 -18.39
CA GLU D 55 6.47 -2.04 -19.07
C GLU D 55 5.21 -2.18 -19.90
N THR D 56 4.07 -2.01 -19.26
CA THR D 56 2.79 -2.04 -19.96
C THR D 56 2.69 -1.15 -21.21
N SER D 57 3.18 0.09 -21.14
CA SER D 57 3.11 1.00 -22.31
C SER D 57 4.03 0.54 -23.47
N CYS D 58 5.23 0.09 -23.15
CA CYS D 58 6.10 -0.47 -24.19
C CYS D 58 5.49 -1.70 -24.84
N ARG D 59 5.03 -2.62 -24.02
CA ARG D 59 4.43 -3.83 -24.51
C ARG D 59 3.30 -3.48 -25.41
N LEU D 60 2.54 -2.50 -24.99
CA LEU D 60 1.35 -2.07 -25.71
C LEU D 60 1.68 -1.41 -27.04
N ALA D 61 2.81 -0.72 -27.09
CA ALA D 61 3.30 -0.06 -28.32
C ALA D 61 3.72 -1.07 -29.38
N VAL D 62 4.54 -2.05 -28.98
CA VAL D 62 4.94 -3.06 -29.95
C VAL D 62 3.68 -3.80 -30.40
N SER D 63 2.76 -4.01 -29.45
CA SER D 63 1.47 -4.64 -29.77
C SER D 63 0.64 -3.89 -30.83
N LEU D 64 0.31 -2.62 -30.57
CA LEU D 64 -0.44 -1.81 -31.53
C LEU D 64 0.22 -1.83 -32.88
N GLU D 65 1.55 -1.88 -32.89
CA GLU D 65 2.28 -1.86 -34.17
C GLU D 65 2.10 -3.15 -34.96
N LYS D 66 2.47 -4.28 -34.33
CA LYS D 66 2.40 -5.59 -34.98
C LYS D 66 0.96 -5.97 -35.37
N TYR D 67 -0.01 -5.45 -34.62
CA TYR D 67 -1.43 -5.61 -34.94
C TYR D 67 -1.80 -4.81 -36.17
N GLY D 68 -0.99 -3.81 -36.51
CA GLY D 68 -1.21 -3.13 -37.78
C GLY D 68 -1.56 -1.65 -37.72
N LEU D 69 -1.21 -0.96 -36.66
CA LEU D 69 -1.57 0.44 -36.60
C LEU D 69 -0.42 1.43 -36.85
N ASP D 70 -0.77 2.57 -37.47
CA ASP D 70 0.13 3.71 -37.58
C ASP D 70 -0.63 5.01 -37.75
N HIS D 71 0.13 6.10 -37.82
CA HIS D 71 -0.32 7.51 -37.96
C HIS D 71 -1.50 7.78 -38.89
N ASN D 72 -1.74 6.86 -39.82
CA ASN D 72 -2.86 6.99 -40.71
C ASN D 72 -4.13 6.49 -40.01
N ASN D 73 -3.95 5.78 -38.89
CA ASN D 73 -5.09 5.40 -38.06
C ASN D 73 -5.35 6.40 -36.95
N VAL D 74 -6.39 6.11 -36.20
CA VAL D 74 -6.73 6.86 -35.01
C VAL D 74 -7.24 5.82 -34.04
N VAL D 75 -6.77 5.91 -32.79
CA VAL D 75 -7.29 5.08 -31.71
C VAL D 75 -8.06 5.95 -30.72
N ALA D 76 -8.86 5.30 -29.90
CA ALA D 76 -9.62 6.04 -28.93
C ALA D 76 -9.55 5.37 -27.58
N ILE D 77 -9.85 6.14 -26.55
CA ILE D 77 -10.08 5.55 -25.25
C ILE D 77 -11.29 6.20 -24.62
N CYS D 78 -12.18 5.35 -24.14
CA CYS D 78 -13.34 5.81 -23.43
C CYS D 78 -13.35 5.16 -22.07
N SER D 79 -12.89 5.92 -21.08
CA SER D 79 -12.90 5.48 -19.71
C SER D 79 -12.99 6.66 -18.74
N GLU D 80 -13.67 6.41 -17.64
CA GLU D 80 -13.74 7.33 -16.50
C GLU D 80 -12.36 7.43 -15.90
N ASN D 81 -12.20 8.30 -14.93
CA ASN D 81 -10.88 8.51 -14.39
C ASN D 81 -10.35 7.23 -13.72
N ASN D 82 -9.34 6.60 -14.32
CA ASN D 82 -8.96 5.22 -13.98
C ASN D 82 -7.50 4.89 -14.20
N ILE D 83 -6.89 4.22 -13.21
CA ILE D 83 -5.44 3.90 -13.15
C ILE D 83 -4.67 3.48 -14.39
N HIS D 84 -5.29 2.70 -15.27
CA HIS D 84 -4.60 2.06 -16.39
C HIS D 84 -4.69 2.84 -17.65
N PHE D 85 -5.50 3.88 -17.59
CA PHE D 85 -5.73 4.84 -18.65
C PHE D 85 -4.40 5.16 -19.37
N PHE D 86 -3.35 5.45 -18.62
CA PHE D 86 -2.11 5.93 -19.22
C PHE D 86 -1.28 4.88 -19.93
N GLY D 87 -1.45 3.60 -19.58
CA GLY D 87 -0.88 2.53 -20.38
C GLY D 87 -1.00 2.73 -21.90
N PRO D 88 -2.23 2.61 -22.42
CA PRO D 88 -2.45 2.79 -23.85
C PRO D 88 -2.20 4.20 -24.33
N LEU D 89 -2.62 5.21 -23.59
CA LEU D 89 -2.42 6.58 -24.03
C LEU D 89 -0.98 6.80 -24.41
N ILE D 90 -0.13 6.58 -23.43
CA ILE D 90 1.29 6.75 -23.57
C ILE D 90 1.81 5.84 -24.70
N ALA D 91 1.28 4.62 -24.80
CA ALA D 91 1.72 3.73 -25.89
C ALA D 91 1.51 4.37 -27.25
N ALA D 92 0.34 4.97 -27.45
CA ALA D 92 0.06 5.71 -28.68
C ALA D 92 1.17 6.72 -28.93
N LEU D 93 1.49 7.53 -27.91
CA LEU D 93 2.47 8.59 -28.05
C LEU D 93 3.82 8.06 -28.47
N TYR D 94 4.11 6.81 -28.15
CA TYR D 94 5.41 6.31 -28.56
C TYR D 94 5.41 6.20 -30.08
N GLN D 95 4.36 5.59 -30.59
CA GLN D 95 4.25 5.21 -31.99
C GLN D 95 3.80 6.36 -32.89
N GLY D 96 3.34 7.44 -32.27
CA GLY D 96 2.82 8.57 -33.01
C GLY D 96 1.48 8.30 -33.68
N ILE D 97 0.77 7.32 -33.17
CA ILE D 97 -0.62 7.15 -33.50
C ILE D 97 -1.41 8.23 -32.75
N PRO D 98 -2.37 8.88 -33.44
CA PRO D 98 -3.24 9.86 -32.78
C PRO D 98 -4.24 9.23 -31.81
N MET D 99 -4.50 9.89 -30.69
CA MET D 99 -5.40 9.35 -29.70
C MET D 99 -6.60 10.26 -29.50
N ALA D 100 -7.79 9.74 -29.75
CA ALA D 100 -8.99 10.49 -29.41
C ALA D 100 -9.53 10.02 -28.07
N THR D 101 -9.76 10.97 -27.19
CA THR D 101 -10.31 10.64 -25.88
C THR D 101 -11.78 10.98 -25.84
N SER D 102 -12.57 9.98 -25.50
CA SER D 102 -14.00 10.15 -25.40
C SER D 102 -14.42 10.37 -23.96
N ASN D 103 -15.32 11.34 -23.72
CA ASN D 103 -15.91 11.48 -22.39
C ASN D 103 -16.76 10.25 -22.12
N ASP D 104 -16.60 9.63 -20.96
CA ASP D 104 -17.25 8.36 -20.65
C ASP D 104 -18.77 8.38 -20.50
N MET D 105 -19.30 9.56 -20.15
CA MET D 105 -20.73 9.74 -19.87
C MET D 105 -21.60 10.32 -21.02
N TYR D 106 -21.08 10.31 -22.26
CA TYR D 106 -21.88 10.71 -23.41
C TYR D 106 -23.11 9.82 -23.46
N THR D 107 -24.22 10.35 -23.98
CA THR D 107 -25.35 9.47 -24.28
C THR D 107 -25.04 8.88 -25.64
N GLU D 108 -25.52 7.68 -25.90
CA GLU D 108 -25.26 6.98 -27.15
C GLU D 108 -25.25 7.93 -28.35
N ARG D 109 -26.31 8.72 -28.38
CA ARG D 109 -26.49 9.86 -29.27
C ARG D 109 -25.24 10.72 -29.46
N GLU D 110 -24.79 11.35 -28.37
CA GLU D 110 -23.65 12.25 -28.34
C GLU D 110 -22.38 11.55 -28.79
N MET D 111 -22.22 10.34 -28.27
CA MET D 111 -21.01 9.57 -28.46
C MET D 111 -20.79 9.21 -29.93
N ILE D 112 -21.85 8.76 -30.60
CA ILE D 112 -21.71 8.39 -32.01
C ILE D 112 -21.23 9.61 -32.81
N GLY D 113 -21.89 10.74 -32.53
CA GLY D 113 -21.45 12.03 -33.01
C GLY D 113 -19.95 12.20 -32.84
N HIS D 114 -19.46 11.95 -31.63
CA HIS D 114 -18.01 12.08 -31.36
C HIS D 114 -17.17 11.20 -32.26
N LEU D 115 -17.38 9.89 -32.18
CA LEU D 115 -16.48 8.93 -32.83
C LEU D 115 -16.45 9.16 -34.32
N ASN D 116 -17.53 9.74 -34.81
CA ASN D 116 -17.57 10.02 -36.23
C ASN D 116 -16.62 11.13 -36.63
N ILE D 117 -16.17 11.94 -35.68
CA ILE D 117 -15.20 12.98 -35.99
C ILE D 117 -13.85 12.39 -36.42
N SER D 118 -13.23 11.66 -35.51
CA SER D 118 -11.91 11.07 -35.70
C SER D 118 -12.00 9.78 -36.50
N LYS D 119 -13.09 9.06 -36.25
CA LYS D 119 -13.32 7.71 -36.76
C LYS D 119 -12.14 6.72 -36.53
N PRO D 120 -11.95 6.33 -35.25
CA PRO D 120 -10.91 5.42 -34.76
C PRO D 120 -11.14 3.94 -34.98
N CYS D 121 -10.12 3.18 -35.36
CA CYS D 121 -10.36 1.78 -35.67
C CYS D 121 -10.24 0.87 -34.44
N LEU D 122 -9.56 1.35 -33.40
CA LEU D 122 -9.42 0.63 -32.14
C LEU D 122 -9.85 1.43 -30.91
N MET D 123 -10.47 0.77 -29.94
CA MET D 123 -11.01 1.47 -28.79
C MET D 123 -10.67 0.85 -27.45
N PHE D 124 -9.83 1.51 -26.64
CA PHE D 124 -9.60 1.07 -25.26
C PHE D 124 -10.71 1.57 -24.38
N CYS D 125 -11.07 0.79 -23.39
CA CYS D 125 -12.11 1.25 -22.50
C CYS D 125 -12.14 0.55 -21.15
N SER D 126 -12.95 1.11 -20.25
CA SER D 126 -13.10 0.58 -18.91
C SER D 126 -14.16 -0.49 -18.82
N LYS D 127 -13.92 -1.47 -17.94
CA LYS D 127 -14.93 -2.40 -17.43
C LYS D 127 -16.32 -1.80 -17.34
N LYS D 128 -16.37 -0.64 -16.69
CA LYS D 128 -17.58 0.10 -16.40
C LYS D 128 -18.18 0.62 -17.70
N SER D 129 -17.31 0.97 -18.65
CA SER D 129 -17.75 1.59 -19.88
C SER D 129 -17.94 0.61 -21.01
N LEU D 130 -17.48 -0.62 -20.81
CA LEU D 130 -17.57 -1.64 -21.87
C LEU D 130 -18.96 -1.90 -22.48
N PRO D 131 -20.00 -2.03 -21.64
CA PRO D 131 -21.28 -2.29 -22.30
C PRO D 131 -21.66 -1.14 -23.22
N PHE D 132 -21.56 0.09 -22.74
CA PHE D 132 -21.96 1.27 -23.51
C PHE D 132 -21.20 1.30 -24.83
N ILE D 133 -19.92 0.96 -24.79
CA ILE D 133 -19.09 0.88 -25.99
C ILE D 133 -19.56 -0.22 -26.93
N LEU D 134 -19.98 -1.38 -26.43
CA LEU D 134 -20.43 -2.43 -27.36
C LEU D 134 -21.72 -2.01 -28.07
N LYS D 135 -22.61 -1.44 -27.26
CA LYS D 135 -23.85 -0.82 -27.68
C LYS D 135 -23.62 0.24 -28.78
N VAL D 136 -22.60 1.09 -28.63
CA VAL D 136 -22.28 2.11 -29.64
C VAL D 136 -21.57 1.52 -30.87
N GLN D 137 -20.61 0.65 -30.64
CA GLN D 137 -19.88 -0.01 -31.70
C GLN D 137 -20.77 -0.76 -32.66
N LYS D 138 -21.92 -1.23 -32.20
CA LYS D 138 -22.80 -1.89 -33.17
C LYS D 138 -23.47 -0.88 -34.14
N HIS D 139 -23.00 0.37 -34.16
CA HIS D 139 -23.54 1.39 -35.06
C HIS D 139 -22.47 1.97 -35.97
N LEU D 140 -21.24 1.53 -35.76
CA LEU D 140 -20.08 2.07 -36.45
C LEU D 140 -19.22 0.96 -37.05
N ASP D 141 -19.40 0.74 -38.36
CA ASP D 141 -18.64 -0.27 -39.11
C ASP D 141 -17.10 -0.14 -38.93
N PHE D 142 -16.60 1.07 -38.74
CA PHE D 142 -15.16 1.31 -38.65
C PHE D 142 -14.51 0.89 -37.34
N LEU D 143 -15.29 0.77 -36.28
CA LEU D 143 -14.72 0.49 -34.98
C LEU D 143 -14.47 -1.00 -34.87
N LYS D 144 -13.34 -1.42 -35.48
CA LYS D 144 -13.07 -2.84 -35.75
C LYS D 144 -12.71 -3.64 -34.49
N LYS D 145 -12.05 -2.99 -33.52
CA LYS D 145 -11.69 -3.68 -32.28
C LYS D 145 -11.83 -2.83 -31.01
N VAL D 146 -12.35 -3.45 -29.94
CA VAL D 146 -12.31 -2.89 -28.59
C VAL D 146 -11.38 -3.71 -27.66
N ILE D 147 -10.68 -3.01 -26.77
CA ILE D 147 -9.81 -3.60 -25.77
C ILE D 147 -10.10 -3.06 -24.40
N VAL D 148 -10.23 -3.95 -23.43
CA VAL D 148 -10.43 -3.55 -22.05
C VAL D 148 -9.10 -3.22 -21.35
N ILE D 149 -9.01 -2.10 -20.63
CA ILE D 149 -7.72 -1.67 -20.10
C ILE D 149 -7.48 -2.08 -18.67
N ASP D 150 -8.55 -2.30 -17.93
CA ASP D 150 -8.42 -2.59 -16.50
C ASP D 150 -8.95 -3.99 -16.11
N SER D 151 -8.57 -4.98 -16.87
CA SER D 151 -8.85 -6.36 -16.55
C SER D 151 -7.67 -7.24 -16.92
N MET D 152 -7.54 -8.33 -16.19
CA MET D 152 -6.50 -9.30 -16.49
C MET D 152 -7.13 -10.37 -17.36
N TYR D 153 -8.45 -10.51 -17.24
CA TYR D 153 -9.15 -11.51 -18.03
C TYR D 153 -10.07 -10.86 -19.02
N ASP D 154 -10.40 -11.59 -20.09
CA ASP D 154 -11.25 -11.03 -21.14
C ASP D 154 -12.68 -11.06 -20.66
N ILE D 155 -13.54 -10.23 -21.26
CA ILE D 155 -14.91 -10.05 -20.79
C ILE D 155 -15.90 -10.46 -21.89
N ASN D 156 -16.33 -11.72 -21.82
CA ASN D 156 -17.12 -12.37 -22.85
C ASN D 156 -16.63 -12.06 -24.25
N GLY D 157 -15.42 -12.50 -24.57
CA GLY D 157 -14.94 -12.35 -25.93
C GLY D 157 -14.28 -11.03 -26.25
N VAL D 158 -14.43 -10.04 -25.38
CA VAL D 158 -13.78 -8.75 -25.55
C VAL D 158 -12.37 -8.83 -25.02
N GLU D 159 -11.38 -8.43 -25.80
CA GLU D 159 -10.00 -8.63 -25.35
C GLU D 159 -9.55 -7.54 -24.37
N CYS D 160 -8.56 -7.88 -23.54
CA CYS D 160 -8.03 -6.94 -22.57
C CYS D 160 -6.55 -6.71 -22.81
N VAL D 161 -6.00 -5.61 -22.29
CA VAL D 161 -4.66 -5.19 -22.68
C VAL D 161 -3.68 -6.26 -22.39
N PHE D 162 -3.91 -7.02 -21.32
CA PHE D 162 -2.95 -8.07 -21.01
C PHE D 162 -2.83 -9.14 -22.11
N SER D 163 -3.95 -9.76 -22.47
CA SER D 163 -3.98 -10.83 -23.47
C SER D 163 -3.42 -10.38 -24.80
N PHE D 164 -3.91 -9.20 -25.18
CA PHE D 164 -3.52 -8.51 -26.40
C PHE D 164 -2.04 -8.36 -26.46
N VAL D 165 -1.45 -7.87 -25.38
CA VAL D 165 -0.03 -7.64 -25.35
C VAL D 165 0.74 -8.93 -25.36
N SER D 166 0.25 -9.95 -24.66
CA SER D 166 0.97 -11.20 -24.62
C SER D 166 0.89 -11.92 -25.98
N ARG D 167 -0.04 -11.50 -26.83
CA ARG D 167 -0.07 -11.99 -28.22
C ARG D 167 1.15 -11.55 -29.06
N TYR D 168 1.64 -10.33 -28.83
CA TYR D 168 2.69 -9.80 -29.70
C TYR D 168 4.04 -9.63 -28.96
N THR D 169 4.03 -9.77 -27.63
CA THR D 169 5.24 -9.65 -26.81
C THR D 169 5.39 -10.88 -25.95
N ASP D 170 6.62 -11.16 -25.56
CA ASP D 170 6.95 -12.41 -24.88
C ASP D 170 7.61 -12.27 -23.53
N HIS D 171 7.97 -13.41 -22.94
CA HIS D 171 8.66 -13.44 -21.65
C HIS D 171 9.91 -12.57 -21.58
N ALA D 172 10.61 -12.36 -22.68
CA ALA D 172 11.89 -11.66 -22.62
C ALA D 172 11.82 -10.17 -22.96
N PHE D 173 10.61 -9.65 -23.13
CA PHE D 173 10.44 -8.24 -23.48
C PHE D 173 11.06 -7.35 -22.43
N ASP D 174 11.85 -6.39 -22.86
CA ASP D 174 12.48 -5.45 -21.93
C ASP D 174 12.29 -3.99 -22.36
N PRO D 175 11.47 -3.25 -21.63
CA PRO D 175 11.14 -1.90 -22.09
C PRO D 175 12.38 -0.99 -22.19
N VAL D 176 13.41 -1.34 -21.43
CA VAL D 176 14.70 -0.66 -21.46
C VAL D 176 15.34 -0.81 -22.83
N LYS D 177 14.81 -1.74 -23.61
CA LYS D 177 15.33 -2.11 -24.92
C LYS D 177 14.40 -1.64 -26.01
N PHE D 178 13.25 -1.10 -25.64
CA PHE D 178 12.28 -0.56 -26.60
C PHE D 178 12.67 0.82 -27.07
N ASN D 179 12.29 1.21 -28.28
CA ASN D 179 12.54 2.58 -28.73
C ASN D 179 11.26 3.24 -29.26
N PRO D 180 10.91 4.43 -28.74
CA PRO D 180 9.68 5.00 -29.25
C PRO D 180 9.92 5.50 -30.65
N LYS D 181 8.96 5.32 -31.56
CA LYS D 181 9.12 5.86 -32.90
C LYS D 181 9.46 7.37 -32.89
N GLU D 182 10.22 7.79 -33.91
CA GLU D 182 10.68 9.16 -34.05
C GLU D 182 10.04 9.85 -35.23
N PHE D 183 9.67 11.11 -35.04
CA PHE D 183 8.99 11.89 -36.08
C PHE D 183 9.05 13.36 -35.69
N ASP D 184 8.52 14.22 -36.55
CA ASP D 184 8.49 15.65 -36.26
C ASP D 184 7.40 15.93 -35.27
N PRO D 185 7.77 16.39 -34.08
CA PRO D 185 6.79 16.46 -33.00
C PRO D 185 5.87 17.62 -33.17
N LEU D 186 5.95 18.30 -34.31
CA LEU D 186 5.12 19.47 -34.44
C LEU D 186 4.07 19.22 -35.54
N GLU D 187 4.30 18.18 -36.34
CA GLU D 187 3.40 17.89 -37.45
C GLU D 187 2.75 16.51 -37.30
N ARG D 188 3.12 15.79 -36.24
CA ARG D 188 2.45 14.55 -35.89
C ARG D 188 1.38 14.80 -34.83
N THR D 189 0.16 14.35 -35.06
CA THR D 189 -0.88 14.53 -34.06
C THR D 189 -0.80 13.56 -32.87
N ALA D 190 -0.83 14.14 -31.68
CA ALA D 190 -0.91 13.39 -30.41
C ALA D 190 -2.34 13.08 -29.97
N LEU D 191 -3.21 14.09 -30.02
CA LEU D 191 -4.54 13.91 -29.52
C LEU D 191 -5.60 14.64 -30.33
N ILE D 192 -6.73 13.98 -30.56
CA ILE D 192 -7.88 14.68 -31.11
C ILE D 192 -8.93 14.62 -30.06
N MET D 193 -8.94 15.67 -29.26
CA MET D 193 -9.89 15.81 -28.19
C MET D 193 -10.98 16.70 -28.69
N THR D 194 -12.20 16.19 -28.66
CA THR D 194 -13.33 16.89 -29.23
C THR D 194 -13.85 17.94 -28.27
N SER D 195 -14.34 19.06 -28.76
CA SER D 195 -14.79 20.07 -27.81
C SER D 195 -16.05 20.77 -28.21
N SER D 196 -16.97 20.87 -27.24
CA SER D 196 -18.28 21.48 -27.43
C SER D 196 -18.36 22.88 -26.81
N GLY D 197 -17.49 23.78 -27.26
CA GLY D 197 -17.44 25.14 -26.73
C GLY D 197 -18.24 26.14 -27.55
N THR D 198 -17.67 26.59 -28.66
CA THR D 198 -18.26 27.64 -29.51
C THR D 198 -19.23 27.10 -30.58
N THR D 199 -20.09 27.98 -31.10
CA THR D 199 -21.10 27.67 -32.13
C THR D 199 -22.16 26.68 -31.62
N GLY D 200 -22.20 25.48 -32.22
CA GLY D 200 -23.10 24.42 -31.77
C GLY D 200 -22.67 23.03 -32.26
N LEU D 201 -21.62 22.99 -33.08
CA LEU D 201 -21.05 21.77 -33.68
C LEU D 201 -20.15 21.00 -32.69
N PRO D 202 -20.00 19.66 -32.86
CA PRO D 202 -19.05 19.09 -31.90
C PRO D 202 -17.61 19.53 -32.21
N LYS D 203 -17.09 19.34 -33.43
CA LYS D 203 -15.73 19.77 -33.81
C LYS D 203 -14.62 19.22 -32.91
N GLY D 204 -13.71 18.44 -33.51
CA GLY D 204 -12.65 17.81 -32.76
C GLY D 204 -11.33 18.51 -32.97
N VAL D 205 -10.71 18.93 -31.86
CA VAL D 205 -9.50 19.75 -31.87
C VAL D 205 -8.21 18.92 -31.95
N VAL D 206 -7.23 19.40 -32.71
CA VAL D 206 -5.97 18.68 -32.92
C VAL D 206 -4.82 19.26 -32.11
N ILE D 207 -4.19 18.36 -31.37
CA ILE D 207 -3.05 18.65 -30.52
C ILE D 207 -1.73 18.03 -31.03
N SER D 208 -0.76 18.86 -31.35
CA SER D 208 0.55 18.40 -31.80
C SER D 208 1.32 17.83 -30.62
N HIS D 209 2.37 17.05 -30.87
CA HIS D 209 3.27 16.62 -29.79
C HIS D 209 3.94 17.84 -29.15
N ARG D 210 4.33 18.81 -29.98
CA ARG D 210 5.04 19.99 -29.48
C ARG D 210 4.23 20.69 -28.38
N SER D 211 2.92 20.77 -28.57
CA SER D 211 2.01 21.34 -27.58
C SER D 211 2.21 20.60 -26.26
N ILE D 212 2.42 19.30 -26.36
CA ILE D 212 2.68 18.58 -25.15
C ILE D 212 4.06 18.90 -24.55
N THR D 213 5.17 18.67 -25.26
CA THR D 213 6.48 18.93 -24.64
C THR D 213 6.59 20.35 -24.09
N ILE D 214 5.85 21.30 -24.68
CA ILE D 214 5.74 22.69 -24.14
C ILE D 214 4.91 22.74 -22.85
N ARG D 215 3.78 22.03 -22.84
CA ARG D 215 3.04 21.88 -21.61
C ARG D 215 3.92 21.26 -20.51
N PHE D 216 4.84 20.38 -20.89
CA PHE D 216 5.79 19.78 -19.95
C PHE D 216 6.74 20.81 -19.44
N VAL D 217 7.12 21.72 -20.34
CA VAL D 217 8.03 22.78 -19.94
C VAL D 217 7.37 23.56 -18.85
N HIS D 218 6.09 23.82 -19.04
CA HIS D 218 5.33 24.58 -18.06
C HIS D 218 5.17 23.85 -16.73
N SER D 219 4.96 22.55 -16.76
CA SER D 219 4.83 21.86 -15.49
C SER D 219 6.15 21.94 -14.74
N SER D 220 7.25 21.96 -15.49
CA SER D 220 8.58 21.94 -14.91
C SER D 220 9.07 23.25 -14.29
N ASP D 221 8.72 24.37 -14.92
CA ASP D 221 9.07 25.74 -14.48
C ASP D 221 8.61 26.11 -13.04
N PRO D 222 9.55 26.56 -12.16
CA PRO D 222 9.40 26.67 -10.70
C PRO D 222 8.74 27.97 -10.21
N ILE D 223 8.45 28.86 -11.14
CA ILE D 223 7.67 30.03 -10.79
C ILE D 223 6.23 29.79 -11.16
N TYR D 224 5.98 29.07 -12.25
CA TYR D 224 4.61 28.75 -12.68
C TYR D 224 4.15 27.37 -12.19
N GLY D 225 4.37 26.33 -13.00
CA GLY D 225 4.00 24.96 -12.66
C GLY D 225 4.43 24.43 -11.31
N THR D 226 3.81 23.33 -10.86
CA THR D 226 3.97 22.88 -9.46
C THR D 226 5.40 22.51 -9.09
N ARG D 227 6.05 23.36 -8.30
CA ARG D 227 7.39 23.10 -7.79
C ARG D 227 7.26 22.28 -6.50
N ILE D 228 7.28 20.96 -6.64
CA ILE D 228 7.11 20.06 -5.50
C ILE D 228 8.04 18.83 -5.61
N ALA D 229 8.37 18.24 -4.46
CA ALA D 229 9.33 17.14 -4.35
C ALA D 229 9.01 15.96 -5.25
N PRO D 230 9.96 15.56 -6.11
CA PRO D 230 9.82 14.35 -6.95
C PRO D 230 9.61 13.04 -6.20
N ASP D 231 8.67 13.03 -5.24
CA ASP D 231 8.30 11.87 -4.44
C ASP D 231 7.46 12.29 -3.24
N THR D 232 6.57 13.27 -3.47
CA THR D 232 5.48 13.55 -2.55
C THR D 232 4.18 13.51 -3.35
N SER D 233 3.04 13.40 -2.68
CA SER D 233 1.83 12.94 -3.39
C SER D 233 0.92 14.07 -3.83
N ILE D 234 0.71 14.15 -5.13
CA ILE D 234 -0.16 15.16 -5.72
C ILE D 234 -1.51 14.54 -6.12
N LEU D 235 -2.58 15.30 -5.95
CA LEU D 235 -3.93 14.81 -6.27
C LEU D 235 -4.48 15.26 -7.61
N ALA D 236 -4.96 14.27 -8.35
CA ALA D 236 -5.60 14.48 -9.64
C ALA D 236 -7.08 14.14 -9.56
N ILE D 237 -7.90 15.10 -9.94
CA ILE D 237 -9.32 14.95 -9.80
C ILE D 237 -10.00 15.22 -11.14
N ALA D 238 -9.37 16.07 -11.94
CA ALA D 238 -9.95 16.51 -13.21
C ALA D 238 -10.13 15.36 -14.21
N PRO D 239 -11.27 15.38 -14.91
CA PRO D 239 -11.62 14.37 -15.92
C PRO D 239 -10.48 14.12 -16.92
N PHE D 240 -10.07 12.86 -17.03
CA PHE D 240 -8.94 12.51 -17.89
C PHE D 240 -9.16 12.66 -19.36
N HIS D 241 -10.41 12.50 -19.76
CA HIS D 241 -10.82 12.54 -21.16
C HIS D 241 -10.82 13.96 -21.69
N HIS D 242 -10.87 14.89 -20.77
CA HIS D 242 -10.93 16.29 -21.09
C HIS D 242 -9.58 16.96 -21.04
N ALA D 243 -9.39 17.99 -21.88
CA ALA D 243 -8.07 18.56 -22.15
C ALA D 243 -7.34 19.05 -20.92
N PHE D 244 -8.00 19.91 -20.15
CA PHE D 244 -7.44 20.40 -18.91
C PHE D 244 -6.96 19.24 -18.01
N GLY D 245 -7.86 18.29 -17.72
CA GLY D 245 -7.54 17.19 -16.84
C GLY D 245 -6.49 16.21 -17.33
N LEU D 246 -6.52 15.94 -18.63
CA LEU D 246 -5.58 15.03 -19.24
C LEU D 246 -4.21 15.63 -19.22
N PHE D 247 -4.09 16.93 -19.48
CA PHE D 247 -2.74 17.49 -19.54
C PHE D 247 -2.13 17.81 -18.18
N THR D 248 -2.89 18.45 -17.29
CA THR D 248 -2.38 18.65 -15.93
C THR D 248 -1.99 17.31 -15.34
N ALA D 249 -2.77 16.27 -15.63
CA ALA D 249 -2.41 14.94 -15.13
C ALA D 249 -1.15 14.40 -15.78
N LEU D 250 -1.16 14.36 -17.10
CA LEU D 250 -0.07 13.76 -17.86
C LEU D 250 1.29 14.38 -17.58
N ALA D 251 1.29 15.68 -17.29
CA ALA D 251 2.53 16.39 -17.03
C ALA D 251 3.14 15.97 -15.71
N TYR D 252 2.41 15.21 -14.91
CA TYR D 252 2.94 14.74 -13.62
C TYR D 252 4.08 13.77 -13.78
N PHE D 253 4.15 13.07 -14.91
CA PHE D 253 5.19 12.07 -15.11
C PHE D 253 6.59 12.58 -15.38
N PRO D 254 6.78 13.58 -16.27
CA PRO D 254 8.16 14.02 -16.50
C PRO D 254 8.89 14.41 -15.26
N VAL D 255 8.14 14.61 -14.18
CA VAL D 255 8.67 15.04 -12.91
C VAL D 255 8.49 14.02 -11.79
N GLY D 256 7.94 12.87 -12.14
CA GLY D 256 7.83 11.73 -11.24
C GLY D 256 7.11 11.99 -9.94
N LEU D 257 5.79 12.19 -9.96
CA LEU D 257 5.10 12.37 -8.70
C LEU D 257 4.14 11.24 -8.41
N LYS D 258 4.10 10.87 -7.14
CA LYS D 258 3.11 9.94 -6.66
C LYS D 258 1.77 10.62 -6.93
N ILE D 259 0.99 10.11 -7.86
CA ILE D 259 -0.34 10.65 -8.08
C ILE D 259 -1.35 9.87 -7.24
N VAL D 260 -2.23 10.57 -6.54
CA VAL D 260 -3.44 9.93 -6.05
C VAL D 260 -4.56 10.54 -6.86
N MET D 261 -5.58 9.76 -7.11
CA MET D 261 -6.60 10.19 -8.06
C MET D 261 -8.04 9.82 -7.69
N VAL D 262 -8.92 10.81 -7.85
CA VAL D 262 -10.33 10.68 -7.54
C VAL D 262 -11.20 10.65 -8.80
N LYS D 263 -12.20 9.77 -8.80
CA LYS D 263 -13.08 9.57 -9.94
C LYS D 263 -14.00 10.75 -10.20
N LYS D 264 -14.58 11.33 -9.16
CA LYS D 264 -15.52 12.43 -9.38
C LYS D 264 -15.48 13.50 -8.29
N PHE D 265 -15.48 14.74 -8.78
CA PHE D 265 -15.35 15.98 -8.01
C PHE D 265 -16.33 16.17 -6.87
N GLU D 266 -17.44 15.46 -6.96
CA GLU D 266 -18.59 15.72 -6.12
C GLU D 266 -18.36 15.39 -4.64
N GLY D 267 -19.06 16.14 -3.80
CA GLY D 267 -19.08 15.95 -2.37
C GLY D 267 -17.82 16.22 -1.57
N GLU D 268 -17.89 15.72 -0.34
CA GLU D 268 -16.82 15.63 0.66
C GLU D 268 -15.85 14.64 0.05
N PHE D 269 -15.25 13.78 0.85
CA PHE D 269 -14.40 12.73 0.31
C PHE D 269 -13.24 13.27 -0.49
N PHE D 270 -13.43 14.48 -0.99
CA PHE D 270 -12.38 15.20 -1.62
C PHE D 270 -11.49 15.48 -0.43
N LEU D 271 -12.13 15.96 0.61
CA LEU D 271 -11.47 16.24 1.87
C LEU D 271 -10.78 15.03 2.49
N LYS D 272 -11.56 13.99 2.72
CA LYS D 272 -11.09 12.75 3.33
C LYS D 272 -9.80 12.36 2.62
N THR D 273 -9.95 12.22 1.32
CA THR D 273 -8.89 11.82 0.42
C THR D 273 -7.65 12.69 0.58
N ILE D 274 -7.81 14.01 0.45
CA ILE D 274 -6.68 14.94 0.51
C ILE D 274 -5.93 14.97 1.86
N GLN D 275 -6.66 14.73 2.96
CA GLN D 275 -6.03 14.59 4.28
C GLN D 275 -5.21 13.31 4.37
N ASN D 276 -5.88 12.20 4.03
CA ASN D 276 -5.39 10.86 4.35
C ASN D 276 -4.16 10.39 3.57
N TYR D 277 -3.79 11.12 2.52
CA TYR D 277 -2.65 10.68 1.71
C TYR D 277 -1.53 11.72 1.78
N LYS D 278 -1.74 12.77 2.61
CA LYS D 278 -0.77 13.86 2.74
C LYS D 278 -0.54 14.53 1.38
N ILE D 279 -1.58 15.20 0.88
CA ILE D 279 -1.50 15.74 -0.47
C ILE D 279 -0.76 17.08 -0.52
N ALA D 280 0.36 17.10 -1.26
CA ALA D 280 1.22 18.27 -1.38
C ALA D 280 0.59 19.40 -2.18
N SER D 281 0.15 19.08 -3.40
CA SER D 281 -0.47 20.05 -4.30
C SER D 281 -1.77 19.51 -4.88
N ILE D 282 -2.76 20.37 -5.08
CA ILE D 282 -3.92 19.95 -5.88
C ILE D 282 -4.10 20.83 -7.10
N VAL D 283 -4.72 20.29 -8.15
CA VAL D 283 -5.09 21.09 -9.32
C VAL D 283 -6.55 20.86 -9.72
N VAL D 284 -7.38 21.87 -9.46
CA VAL D 284 -8.82 21.71 -9.58
C VAL D 284 -9.42 22.83 -10.41
N PRO D 285 -10.66 22.62 -10.91
CA PRO D 285 -11.48 23.68 -11.53
C PRO D 285 -12.20 24.48 -10.45
N PRO D 286 -12.75 25.66 -10.79
CA PRO D 286 -13.32 26.58 -9.80
C PRO D 286 -14.55 26.14 -8.95
N PRO D 287 -15.38 25.17 -9.39
CA PRO D 287 -16.40 24.72 -8.41
C PRO D 287 -15.77 24.15 -7.13
N ILE D 288 -14.71 23.38 -7.29
CA ILE D 288 -14.02 22.80 -6.15
C ILE D 288 -13.26 23.94 -5.44
N MET D 289 -13.09 25.06 -6.12
CA MET D 289 -12.60 26.30 -5.50
C MET D 289 -13.64 26.93 -4.57
N VAL D 290 -14.90 26.96 -4.98
CA VAL D 290 -15.93 27.51 -4.10
C VAL D 290 -16.12 26.61 -2.89
N TYR D 291 -16.16 25.30 -3.14
CA TYR D 291 -16.25 24.32 -2.06
C TYR D 291 -15.09 24.56 -1.11
N LEU D 292 -13.93 24.85 -1.67
CA LEU D 292 -12.82 25.23 -0.81
C LEU D 292 -13.09 26.51 -0.01
N ALA D 293 -13.40 27.62 -0.68
CA ALA D 293 -13.52 28.94 -0.05
C ALA D 293 -14.67 29.08 0.96
N LYS D 294 -15.90 29.03 0.47
CA LYS D 294 -17.05 29.22 1.32
C LYS D 294 -17.89 27.95 1.39
N SER D 295 -17.29 26.87 1.86
CA SER D 295 -18.04 25.69 2.30
C SER D 295 -17.72 25.32 3.77
N PRO D 296 -18.73 24.77 4.50
CA PRO D 296 -18.64 24.46 5.93
C PRO D 296 -17.89 23.19 6.31
N LEU D 297 -17.40 23.20 7.55
CA LEU D 297 -16.72 22.05 8.17
C LEU D 297 -15.75 21.42 7.16
N VAL D 298 -14.97 22.30 6.54
CA VAL D 298 -13.96 21.89 5.58
C VAL D 298 -12.58 22.13 6.21
N ASP D 299 -12.62 22.50 7.47
CA ASP D 299 -11.44 22.51 8.33
C ASP D 299 -11.66 21.53 9.47
N GLU D 300 -12.67 20.67 9.32
CA GLU D 300 -12.89 19.58 10.23
C GLU D 300 -11.97 18.39 9.94
N TYR D 301 -11.42 18.38 8.73
CA TYR D 301 -10.34 17.45 8.36
C TYR D 301 -9.00 18.17 8.34
N ASN D 302 -7.93 17.48 8.69
CA ASN D 302 -6.65 18.17 8.71
C ASN D 302 -6.02 18.28 7.31
N LEU D 303 -6.03 19.50 6.77
CA LEU D 303 -5.59 19.74 5.40
C LEU D 303 -4.26 20.47 5.42
N SER D 304 -3.54 20.29 6.53
CA SER D 304 -2.26 20.93 6.72
C SER D 304 -1.22 20.37 5.79
N SER D 305 -1.65 19.55 4.83
CA SER D 305 -0.73 18.96 3.88
C SER D 305 -0.49 19.81 2.64
N LEU D 306 -1.29 20.84 2.48
CA LEU D 306 -1.45 21.49 1.18
C LEU D 306 -0.45 22.62 0.90
N THR D 307 0.55 22.34 0.07
CA THR D 307 1.57 23.33 -0.27
C THR D 307 1.13 24.25 -1.42
N GLU D 308 0.54 23.67 -2.48
CA GLU D 308 0.21 24.43 -3.70
C GLU D 308 -1.21 24.17 -4.24
N ILE D 309 -1.87 25.23 -4.73
CA ILE D 309 -3.19 25.12 -5.38
C ILE D 309 -3.24 25.76 -6.78
N ALA D 310 -3.89 25.10 -7.72
CA ALA D 310 -4.02 25.64 -9.06
C ALA D 310 -5.44 25.62 -9.58
N CYS D 311 -5.73 26.57 -10.47
CA CYS D 311 -7.00 26.55 -11.17
C CYS D 311 -6.77 26.81 -12.65
N GLY D 312 -7.44 26.02 -13.48
CA GLY D 312 -7.26 26.09 -14.91
C GLY D 312 -8.52 25.88 -15.74
N GLY D 313 -9.54 26.69 -15.44
CA GLY D 313 -10.77 26.76 -16.25
C GLY D 313 -11.30 28.20 -16.27
N SER D 314 -12.47 28.40 -15.67
CA SER D 314 -13.15 29.71 -15.65
C SER D 314 -13.13 30.45 -14.27
N PRO D 315 -11.96 31.00 -13.88
CA PRO D 315 -11.79 31.45 -12.48
C PRO D 315 -12.47 32.78 -12.14
N LEU D 316 -13.46 32.80 -11.24
CA LEU D 316 -14.13 34.06 -10.91
C LEU D 316 -13.14 34.95 -10.13
N GLY D 317 -13.61 36.06 -9.57
CA GLY D 317 -12.74 37.07 -9.01
C GLY D 317 -11.66 36.63 -8.05
N ARG D 318 -10.69 37.52 -7.83
CA ARG D 318 -9.57 37.29 -6.91
C ARG D 318 -10.03 37.16 -5.44
N ASP D 319 -11.33 37.00 -5.20
CA ASP D 319 -11.82 37.04 -3.82
C ASP D 319 -12.09 35.64 -3.27
N ILE D 320 -12.59 34.75 -4.12
CA ILE D 320 -12.73 33.34 -3.75
C ILE D 320 -11.31 32.78 -3.64
N ALA D 321 -10.46 33.23 -4.56
CA ALA D 321 -9.03 32.93 -4.57
C ALA D 321 -8.34 33.30 -3.24
N ASP D 322 -8.63 34.50 -2.71
CA ASP D 322 -8.09 34.91 -1.40
C ASP D 322 -8.77 34.15 -0.26
N LYS D 323 -10.05 33.80 -0.41
CA LYS D 323 -10.75 33.04 0.61
C LYS D 323 -10.04 31.71 0.83
N VAL D 324 -9.64 31.07 -0.25
CA VAL D 324 -8.92 29.81 -0.13
C VAL D 324 -7.44 29.98 0.24
N ALA D 325 -6.74 30.93 -0.39
CA ALA D 325 -5.33 31.17 -0.06
C ALA D 325 -5.19 31.35 1.43
N LYS D 326 -6.11 32.12 2.01
CA LYS D 326 -6.15 32.34 3.45
C LYS D 326 -6.58 31.12 4.27
N ARG D 327 -7.69 30.48 3.89
CA ARG D 327 -8.23 29.39 4.69
C ARG D 327 -7.16 28.34 4.92
N LEU D 328 -6.56 27.90 3.82
CA LEU D 328 -5.58 26.84 3.86
C LEU D 328 -4.16 27.30 3.75
N LYS D 329 -3.85 28.48 4.30
CA LYS D 329 -2.46 28.91 4.50
C LYS D 329 -1.53 28.65 3.28
N VAL D 330 -1.83 29.27 2.14
CA VAL D 330 -1.12 29.03 0.89
C VAL D 330 -0.27 30.24 0.36
N HIS D 331 0.76 29.93 -0.46
CA HIS D 331 1.73 30.91 -1.02
C HIS D 331 1.12 31.83 -2.08
N GLY D 332 -0.08 32.33 -1.80
CA GLY D 332 -0.87 33.05 -2.76
C GLY D 332 -1.21 32.13 -3.91
N ILE D 333 -2.44 31.62 -3.94
CA ILE D 333 -2.89 30.82 -5.07
C ILE D 333 -3.06 31.72 -6.27
N LEU D 334 -2.22 31.48 -7.28
CA LEU D 334 -2.24 32.30 -8.47
C LEU D 334 -2.40 31.35 -9.65
N GLN D 335 -2.98 31.83 -10.75
CA GLN D 335 -3.48 30.95 -11.82
C GLN D 335 -4.20 31.74 -12.92
N GLY D 336 -4.54 30.93 -13.93
CA GLY D 336 -5.15 31.17 -15.25
C GLY D 336 -6.03 32.40 -15.40
N TYR D 337 -6.02 32.91 -16.65
CA TYR D 337 -6.83 34.02 -17.18
C TYR D 337 -6.65 34.06 -18.71
N GLY D 338 -7.60 33.45 -19.43
CA GLY D 338 -7.58 33.39 -20.90
C GLY D 338 -7.58 31.96 -21.41
N LEU D 339 -7.19 31.00 -20.57
CA LEU D 339 -7.13 29.58 -20.98
C LEU D 339 -8.04 29.23 -22.17
N THR D 340 -7.66 28.22 -22.96
CA THR D 340 -8.27 28.00 -24.29
C THR D 340 -8.91 26.61 -24.48
N GLU D 341 -9.58 26.42 -25.64
CA GLU D 341 -10.07 25.10 -26.08
C GLU D 341 -8.88 24.16 -26.07
N THR D 342 -7.73 24.71 -26.43
CA THR D 342 -6.47 23.99 -26.51
C THR D 342 -5.89 23.73 -25.12
N CYS D 343 -4.58 23.46 -25.11
CA CYS D 343 -3.81 23.39 -23.89
C CYS D 343 -4.12 24.68 -23.13
N SER D 344 -4.79 24.53 -21.99
CA SER D 344 -5.26 25.64 -21.14
C SER D 344 -4.08 26.44 -20.57
N ALA D 345 -4.35 27.67 -20.14
CA ALA D 345 -3.40 28.47 -19.37
C ALA D 345 -2.20 28.98 -20.16
N LEU D 346 -2.16 30.29 -20.34
CA LEU D 346 -1.04 30.94 -20.99
C LEU D 346 -1.18 32.42 -20.70
N ILE D 347 -0.22 32.97 -19.95
CA ILE D 347 -0.20 34.40 -19.65
C ILE D 347 -0.71 34.70 -18.25
N LEU D 348 -0.09 34.09 -17.25
CA LEU D 348 -0.66 34.09 -15.90
C LEU D 348 0.31 34.41 -14.77
N SER D 349 -0.09 34.05 -13.54
CA SER D 349 0.58 34.46 -12.29
C SER D 349 1.24 33.31 -11.55
N PRO D 363 2.08 36.47 -19.85
CA PRO D 363 2.50 35.51 -20.87
C PRO D 363 3.27 34.35 -20.23
N MET D 364 3.44 33.24 -20.95
CA MET D 364 4.20 32.12 -20.43
C MET D 364 5.20 31.66 -21.49
N PRO D 365 6.20 30.85 -21.10
CA PRO D 365 7.26 30.46 -22.05
C PRO D 365 6.67 29.86 -23.29
N TYR D 366 7.26 30.11 -24.46
CA TYR D 366 6.81 29.57 -25.76
C TYR D 366 5.44 30.09 -26.24
N VAL D 367 4.95 31.14 -25.59
CA VAL D 367 3.72 31.82 -25.98
C VAL D 367 4.03 33.28 -26.24
N GLN D 368 3.71 33.76 -27.43
CA GLN D 368 3.85 35.18 -27.70
C GLN D 368 2.48 35.75 -27.89
N VAL D 369 2.36 37.02 -27.54
CA VAL D 369 1.08 37.70 -27.55
C VAL D 369 1.16 39.04 -28.32
N LYS D 370 0.11 39.38 -29.09
CA LYS D 370 0.05 40.73 -29.69
C LYS D 370 -1.31 41.47 -29.57
N VAL D 371 -1.16 42.78 -29.75
CA VAL D 371 -2.21 43.85 -29.77
C VAL D 371 -1.95 44.54 -31.11
N ILE D 372 -2.97 44.60 -31.96
CA ILE D 372 -2.75 45.07 -33.36
C ILE D 372 -3.72 46.22 -33.52
N ASP D 373 -4.67 46.09 -34.45
CA ASP D 373 -5.74 47.07 -34.56
C ASP D 373 -7.10 46.45 -34.93
N ILE D 374 -8.15 46.93 -34.26
CA ILE D 374 -9.55 46.61 -34.59
C ILE D 374 -9.80 46.85 -36.08
N ASN D 375 -9.12 47.88 -36.59
CA ASN D 375 -9.31 48.41 -37.93
C ASN D 375 -8.29 47.97 -39.01
N THR D 376 -7.00 48.15 -38.73
CA THR D 376 -5.91 47.80 -39.68
C THR D 376 -5.49 46.33 -39.67
N GLY D 377 -5.16 45.83 -38.48
CA GLY D 377 -4.64 44.48 -38.32
C GLY D 377 -3.13 44.50 -38.22
N LYS D 378 -2.55 45.70 -38.11
CA LYS D 378 -1.11 45.86 -37.84
C LYS D 378 -0.78 45.94 -36.37
N ALA D 379 0.28 45.25 -36.00
CA ALA D 379 0.71 45.15 -34.62
C ALA D 379 1.12 46.49 -34.06
N LEU D 380 0.55 46.81 -32.91
CA LEU D 380 0.92 48.00 -32.20
C LEU D 380 2.18 47.72 -31.36
N GLY D 381 2.65 48.77 -30.71
CA GLY D 381 3.68 48.63 -29.71
C GLY D 381 2.97 48.85 -28.39
N PRO D 382 3.70 49.37 -27.40
CA PRO D 382 3.24 49.55 -26.01
C PRO D 382 2.09 50.56 -25.79
N ARG D 383 1.37 50.35 -24.69
CA ARG D 383 0.25 51.19 -24.22
C ARG D 383 -0.75 51.58 -25.31
N GLU D 384 -1.04 50.64 -26.21
CA GLU D 384 -2.00 50.91 -27.28
C GLU D 384 -3.05 49.82 -27.43
N LYS D 385 -4.30 50.25 -27.48
CA LYS D 385 -5.46 49.36 -27.52
C LYS D 385 -5.51 48.53 -28.80
N GLY D 386 -6.59 47.76 -28.96
CA GLY D 386 -6.76 46.90 -30.11
C GLY D 386 -6.97 45.46 -29.72
N GLU D 387 -7.44 44.64 -30.65
CA GLU D 387 -7.78 43.25 -30.33
C GLU D 387 -6.54 42.43 -29.95
N ILE D 388 -6.53 41.90 -28.73
CA ILE D 388 -5.47 41.00 -28.26
C ILE D 388 -5.63 39.53 -28.74
N CYS D 389 -4.52 38.94 -29.21
CA CYS D 389 -4.55 37.57 -29.75
C CYS D 389 -3.20 36.84 -29.59
N PHE D 390 -3.21 35.49 -29.67
CA PHE D 390 -2.02 34.68 -29.36
C PHE D 390 -1.39 33.88 -30.50
N LYS D 391 -0.08 33.65 -30.39
CA LYS D 391 0.68 32.77 -31.28
C LYS D 391 1.58 31.87 -30.45
N SER D 392 1.52 30.58 -30.74
CA SER D 392 2.32 29.60 -30.02
C SER D 392 2.28 28.25 -30.71
N GLN D 393 3.35 27.47 -30.50
CA GLN D 393 3.44 26.08 -30.94
C GLN D 393 2.45 25.23 -30.16
N MET D 394 2.18 25.69 -28.94
CA MET D 394 1.33 24.99 -28.00
C MET D 394 -0.13 25.05 -28.42
N LEU D 395 -0.43 26.02 -29.27
CA LEU D 395 -1.79 26.24 -29.79
C LEU D 395 -2.27 25.10 -30.69
N MET D 396 -3.57 24.89 -30.76
CA MET D 396 -4.14 23.83 -31.58
C MET D 396 -3.64 23.94 -33.01
N LYS D 397 -3.33 22.81 -33.62
CA LYS D 397 -2.85 22.83 -34.99
C LYS D 397 -4.10 23.00 -35.89
N GLY D 398 -5.23 23.33 -35.28
CA GLY D 398 -6.49 23.46 -36.00
C GLY D 398 -7.47 22.41 -35.51
N TYR D 399 -8.54 22.19 -36.29
CA TYR D 399 -9.55 21.17 -35.99
C TYR D 399 -9.36 19.96 -36.93
N HIS D 400 -10.14 18.90 -36.73
CA HIS D 400 -9.96 17.67 -37.52
C HIS D 400 -10.99 17.55 -38.62
N ASN D 401 -10.50 17.23 -39.81
CA ASN D 401 -11.32 17.07 -41.02
C ASN D 401 -12.21 18.26 -41.36
N ASN D 402 -12.06 19.35 -40.62
CA ASN D 402 -12.87 20.53 -40.82
C ASN D 402 -11.92 21.64 -41.22
N PRO D 403 -11.80 21.94 -42.53
CA PRO D 403 -10.89 23.01 -42.91
C PRO D 403 -11.53 24.37 -42.62
N GLN D 404 -12.84 24.33 -42.41
CA GLN D 404 -13.61 25.52 -42.14
C GLN D 404 -13.19 26.18 -40.84
N ALA D 405 -13.42 25.48 -39.74
CA ALA D 405 -13.22 26.11 -38.45
C ALA D 405 -11.73 26.17 -38.09
N THR D 406 -10.88 25.48 -38.87
CA THR D 406 -9.43 25.63 -38.70
C THR D 406 -8.97 27.02 -39.11
N ARG D 407 -9.26 27.37 -40.37
CA ARG D 407 -8.94 28.70 -40.90
C ARG D 407 -9.81 29.76 -40.24
N ASP D 408 -10.86 29.32 -39.58
CA ASP D 408 -11.73 30.23 -38.85
C ASP D 408 -11.12 30.65 -37.51
N ALA D 409 -10.50 29.69 -36.81
CA ALA D 409 -9.95 29.94 -35.47
C ALA D 409 -8.67 30.75 -35.45
N LEU D 410 -7.59 30.16 -35.96
CA LEU D 410 -6.30 30.85 -36.04
C LEU D 410 -6.11 31.47 -37.44
N ASP D 411 -5.71 32.76 -37.47
CA ASP D 411 -5.79 33.56 -38.70
C ASP D 411 -4.65 33.30 -39.71
N LYS D 412 -4.45 34.26 -40.61
CA LYS D 412 -3.54 34.17 -41.78
C LYS D 412 -2.15 33.60 -41.45
N ASP D 413 -1.63 33.92 -40.26
CA ASP D 413 -0.32 33.44 -39.85
C ASP D 413 -0.20 33.10 -38.35
N GLY D 414 -1.06 32.21 -37.86
CA GLY D 414 -0.84 31.60 -36.55
C GLY D 414 -1.26 32.38 -35.31
N TRP D 415 -1.95 33.49 -35.51
CA TRP D 415 -2.46 34.25 -34.38
C TRP D 415 -3.87 33.82 -34.07
N LEU D 416 -4.17 33.65 -32.80
CA LEU D 416 -5.46 33.12 -32.44
C LEU D 416 -6.24 34.24 -31.81
N HIS D 417 -7.30 34.66 -32.48
CA HIS D 417 -8.04 35.83 -32.03
C HIS D 417 -8.83 35.53 -30.75
N THR D 418 -8.54 36.32 -29.71
CA THR D 418 -9.14 36.10 -28.38
C THR D 418 -10.50 36.78 -28.26
N GLY D 419 -10.64 37.93 -28.91
CA GLY D 419 -11.90 38.64 -28.87
C GLY D 419 -11.99 39.60 -27.70
N ASP D 420 -10.86 40.15 -27.30
CA ASP D 420 -10.90 41.23 -26.34
C ASP D 420 -10.00 42.34 -26.85
N LEU D 421 -10.13 43.53 -26.29
CA LEU D 421 -9.18 44.57 -26.61
C LEU D 421 -8.50 45.08 -25.35
N GLY D 422 -7.28 45.60 -25.52
CA GLY D 422 -6.44 46.07 -24.43
C GLY D 422 -5.05 46.44 -24.95
N TYR D 423 -3.98 46.25 -24.17
CA TYR D 423 -2.67 46.71 -24.65
C TYR D 423 -1.45 46.04 -24.01
N TYR D 424 -0.40 45.94 -24.83
CA TYR D 424 0.99 45.86 -24.39
C TYR D 424 1.22 46.65 -23.10
N ASP D 425 1.58 45.96 -22.01
CA ASP D 425 1.96 46.65 -20.76
C ASP D 425 3.43 47.09 -20.68
N GLU D 426 4.00 47.48 -21.83
CA GLU D 426 5.34 48.12 -21.92
C GLU D 426 6.48 47.10 -21.89
N ASP D 427 7.67 47.52 -22.33
CA ASP D 427 8.91 46.73 -22.16
C ASP D 427 9.20 46.30 -20.72
N ARG D 428 9.28 47.27 -19.81
CA ARG D 428 9.68 47.01 -18.43
C ARG D 428 8.58 46.32 -17.61
N PHE D 429 7.38 46.20 -18.19
CA PHE D 429 6.29 45.42 -17.58
C PHE D 429 5.59 44.47 -18.58
N ILE D 430 6.34 43.58 -19.26
CA ILE D 430 5.78 42.76 -20.35
C ILE D 430 4.64 41.84 -19.89
N TYR D 431 3.67 42.39 -19.16
CA TYR D 431 2.50 41.61 -18.73
C TYR D 431 1.24 42.01 -19.48
N VAL D 432 0.15 41.37 -19.06
CA VAL D 432 -1.11 41.58 -19.72
C VAL D 432 -2.11 42.31 -18.83
N VAL D 433 -2.49 43.51 -19.26
CA VAL D 433 -3.77 44.10 -18.89
C VAL D 433 -4.57 44.44 -20.18
N ASP D 434 -5.87 44.16 -20.17
CA ASP D 434 -6.74 44.39 -21.33
C ASP D 434 -7.95 45.29 -21.01
N ARG D 435 -8.21 46.27 -21.88
CA ARG D 435 -9.22 47.30 -21.64
C ARG D 435 -10.70 46.84 -21.85
N LEU D 436 -10.97 46.08 -22.92
CA LEU D 436 -12.29 45.46 -23.15
C LEU D 436 -12.14 44.07 -23.77
#